data_6AQZ
#
_entry.id   6AQZ
#
_cell.length_a   97.370
_cell.length_b   104.030
_cell.length_c   120.170
_cell.angle_alpha   90.000
_cell.angle_beta   108.670
_cell.angle_gamma   90.000
#
_symmetry.space_group_name_H-M   'P 1 21 1'
#
loop_
_entity.id
_entity.type
_entity.pdbx_description
1 polymer 'gdp-l-fucose synthetase'
2 non-polymer 'NADP NICOTINAMIDE-ADENINE-DINUCLEOTIDE PHOSPHATE'
3 non-polymer 1,2-ETHANEDIOL
4 water water
#
_entity_poly.entity_id   1
_entity_poly.type   'polypeptide(L)'
_entity_poly.pdbx_seq_one_letter_code
;MAHHHHHHMAQREVSDQPITLTQDDVILVTGGTGLFGKAVEHIVKKEQIKGKWVFLGSKDGDLRDADACKQPFEKYRPTY
VIHLAAFVGGLFKNMNFKVSFWLDNVNMNNNILTCCYDFGVKKTISCLSTCVFPDKIEYPITEEKLHEGPPHFSNNAYAY
AKRMLDMLGRWYNEKAVNEGKSCLFTSVIPTNLFGPHDNFNVEAGHVLPGLMHKCYKAQQNGTDFVVFGSGKPLRQFLYS
HDAARMLLWTMFNYQSEEPIMLCVSEEDEKSIGQVAQTIKDAFNFTGNMVFDTSKADGQYKKTSSNAKFLRLNPTFQYTP
FEQAIKETVQWFLENYETARK
;
_entity_poly.pdbx_strand_id   A,B,C,D,E,F
#
loop_
_chem_comp.id
_chem_comp.type
_chem_comp.name
_chem_comp.formula
EDO non-polymer 1,2-ETHANEDIOL 'C2 H6 O2'
NAP non-polymer 'NADP NICOTINAMIDE-ADENINE-DINUCLEOTIDE PHOSPHATE' 'C21 H28 N7 O17 P3'
#
# COMPACT_ATOMS: atom_id res chain seq x y z
N HIS A 8 -2.51 -20.87 -8.57
CA HIS A 8 -3.77 -21.14 -7.87
C HIS A 8 -4.85 -20.15 -8.29
N MET A 9 -5.99 -20.67 -8.78
CA MET A 9 -7.07 -19.86 -9.34
C MET A 9 -8.37 -19.92 -8.53
N ALA A 10 -8.44 -20.73 -7.47
CA ALA A 10 -9.72 -21.16 -6.93
C ALA A 10 -10.42 -20.08 -6.08
N GLN A 11 -9.72 -19.48 -5.13
CA GLN A 11 -10.32 -18.55 -4.18
C GLN A 11 -10.30 -17.12 -4.70
N ARG A 12 -11.37 -16.37 -4.40
CA ARG A 12 -11.36 -14.95 -4.66
C ARG A 12 -10.51 -14.26 -3.60
N GLU A 13 -10.31 -12.94 -3.73
CA GLU A 13 -9.56 -12.20 -2.70
C GLU A 13 -10.32 -12.15 -1.37
N VAL A 14 -11.64 -12.16 -1.42
CA VAL A 14 -12.47 -12.08 -0.22
C VAL A 14 -13.37 -13.31 -0.10
N SER A 15 -13.65 -13.69 1.16
CA SER A 15 -14.66 -14.71 1.42
C SER A 15 -16.04 -14.22 0.99
N ASP A 16 -16.94 -15.17 0.71
CA ASP A 16 -18.29 -14.79 0.33
C ASP A 16 -18.99 -14.05 1.45
N GLN A 17 -18.84 -14.53 2.67
CA GLN A 17 -19.38 -13.88 3.86
C GLN A 17 -18.23 -13.70 4.84
N PRO A 18 -18.29 -12.64 5.65
CA PRO A 18 -17.21 -12.41 6.62
C PRO A 18 -17.23 -13.50 7.67
N ILE A 19 -16.03 -13.84 8.14
CA ILE A 19 -15.92 -14.73 9.29
C ILE A 19 -16.71 -14.12 10.46
N THR A 20 -17.43 -14.96 11.19
CA THR A 20 -18.17 -14.54 12.37
C THR A 20 -17.48 -15.15 13.59
N LEU A 21 -16.94 -14.29 14.45
CA LEU A 21 -16.27 -14.77 15.64
C LEU A 21 -17.30 -15.18 16.70
N THR A 22 -16.95 -16.20 17.49
CA THR A 22 -17.79 -16.67 18.57
C THR A 22 -17.04 -16.51 19.89
N GLN A 23 -17.72 -16.86 20.98
CA GLN A 23 -17.10 -16.73 22.28
C GLN A 23 -15.94 -17.70 22.46
N ASP A 24 -15.87 -18.75 21.65
CA ASP A 24 -14.79 -19.71 21.78
C ASP A 24 -13.51 -19.24 21.10
N ASP A 25 -13.56 -18.17 20.33
CA ASP A 25 -12.39 -17.70 19.63
C ASP A 25 -11.47 -16.93 20.56
N VAL A 26 -10.18 -17.08 20.33
CA VAL A 26 -9.14 -16.40 21.07
C VAL A 26 -8.33 -15.66 20.03
N ILE A 27 -8.23 -14.34 20.17
CA ILE A 27 -7.50 -13.53 19.22
C ILE A 27 -6.30 -12.93 19.94
N LEU A 28 -5.10 -13.32 19.50
CA LEU A 28 -3.85 -12.85 20.07
C LEU A 28 -3.33 -11.67 19.27
N VAL A 29 -3.06 -10.55 19.94
CA VAL A 29 -2.57 -9.34 19.29
C VAL A 29 -1.19 -9.07 19.86
N THR A 30 -0.14 -9.39 19.09
CA THR A 30 1.20 -8.97 19.49
C THR A 30 1.33 -7.47 19.21
N GLY A 31 2.15 -6.80 20.01
CA GLY A 31 2.25 -5.36 19.90
C GLY A 31 0.93 -4.65 20.14
N GLY A 32 0.09 -5.22 20.99
CA GLY A 32 -1.23 -4.66 21.24
C GLY A 32 -1.27 -3.42 22.13
N THR A 33 -0.13 -3.00 22.71
CA THR A 33 -0.07 -1.84 23.59
C THR A 33 0.43 -0.58 22.89
N GLY A 34 0.87 -0.70 21.62
CA GLY A 34 1.35 0.46 20.88
C GLY A 34 0.22 1.19 20.18
N LEU A 35 0.60 2.12 19.30
CA LEU A 35 -0.38 2.93 18.60
C LEU A 35 -1.45 2.09 17.89
N PHE A 36 -1.04 1.24 16.94
CA PHE A 36 -1.99 0.46 16.14
C PHE A 36 -2.78 -0.49 17.03
N GLY A 37 -2.09 -1.14 17.98
CA GLY A 37 -2.76 -2.11 18.84
C GLY A 37 -3.86 -1.50 19.69
N LYS A 38 -3.61 -0.33 20.30
CA LYS A 38 -4.62 0.33 21.13
C LYS A 38 -5.83 0.73 20.30
N ALA A 39 -5.60 1.10 19.04
CA ALA A 39 -6.72 1.41 18.16
C ALA A 39 -7.60 0.19 17.92
N VAL A 40 -6.97 -0.97 17.66
CA VAL A 40 -7.74 -2.20 17.51
C VAL A 40 -8.53 -2.48 18.79
N GLU A 41 -7.89 -2.32 19.94
CA GLU A 41 -8.57 -2.56 21.22
C GLU A 41 -9.77 -1.62 21.39
N HIS A 42 -9.63 -0.38 20.95
CA HIS A 42 -10.74 0.58 21.04
C HIS A 42 -11.91 0.16 20.12
N ILE A 43 -11.62 -0.21 18.87
CA ILE A 43 -12.69 -0.62 17.97
C ILE A 43 -13.36 -1.89 18.47
N VAL A 44 -12.56 -2.87 18.91
CA VAL A 44 -13.14 -4.11 19.42
C VAL A 44 -14.14 -3.83 20.54
N LYS A 45 -13.80 -2.89 21.43
CA LYS A 45 -14.69 -2.55 22.53
C LYS A 45 -15.87 -1.69 22.07
N LYS A 46 -15.61 -0.71 21.21
CA LYS A 46 -16.68 0.16 20.75
C LYS A 46 -17.72 -0.64 19.98
N GLU A 47 -17.28 -1.51 19.09
CA GLU A 47 -18.19 -2.30 18.27
C GLU A 47 -18.54 -3.64 18.92
N GLN A 48 -18.05 -3.91 20.13
CA GLN A 48 -18.42 -5.10 20.90
C GLN A 48 -18.21 -6.38 20.12
N ILE A 49 -17.00 -6.53 19.57
CA ILE A 49 -16.66 -7.71 18.80
CA ILE A 49 -16.65 -7.71 18.79
C ILE A 49 -16.50 -8.90 19.73
N LYS A 50 -16.99 -10.06 19.30
CA LYS A 50 -16.99 -11.26 20.13
C LYS A 50 -15.58 -11.84 20.20
N GLY A 51 -15.39 -12.76 21.13
CA GLY A 51 -14.13 -13.44 21.34
C GLY A 51 -13.38 -12.93 22.56
N LYS A 52 -12.41 -13.71 22.98
CA LYS A 52 -11.47 -13.31 24.03
C LYS A 52 -10.28 -12.66 23.34
N TRP A 53 -10.09 -11.38 23.59
CA TRP A 53 -9.02 -10.61 22.98
C TRP A 53 -7.90 -10.38 23.99
N VAL A 54 -6.67 -10.71 23.60
CA VAL A 54 -5.47 -10.58 24.43
C VAL A 54 -4.51 -9.62 23.75
N PHE A 55 -4.25 -8.48 24.39
CA PHE A 55 -3.37 -7.45 23.84
C PHE A 55 -2.03 -7.54 24.56
N LEU A 56 -1.05 -8.14 23.89
CA LEU A 56 0.25 -8.39 24.48
C LEU A 56 1.13 -7.16 24.41
N GLY A 57 1.99 -7.00 25.41
CA GLY A 57 3.08 -6.06 25.33
C GLY A 57 4.38 -6.76 25.72
N SER A 58 5.46 -6.01 25.60
CA SER A 58 6.76 -6.54 25.98
C SER A 58 6.80 -6.98 27.44
N LYS A 59 6.03 -6.32 28.31
CA LYS A 59 5.97 -6.76 29.71
C LYS A 59 5.46 -8.20 29.82
N ASP A 60 4.68 -8.66 28.84
CA ASP A 60 4.17 -10.02 28.88
C ASP A 60 5.22 -11.03 28.43
N GLY A 61 6.30 -10.59 27.80
CA GLY A 61 7.33 -11.48 27.32
C GLY A 61 8.01 -10.99 26.06
N ASP A 62 9.33 -11.17 25.96
CA ASP A 62 10.16 -10.69 24.87
C ASP A 62 10.01 -11.63 23.66
N LEU A 63 9.25 -11.20 22.65
CA LEU A 63 8.95 -12.05 21.49
C LEU A 63 10.15 -12.32 20.59
N ARG A 64 11.30 -11.69 20.85
CA ARG A 64 12.51 -12.04 20.11
C ARG A 64 13.07 -13.38 20.55
N ASP A 65 12.77 -13.81 21.77
CA ASP A 65 13.19 -15.09 22.31
C ASP A 65 12.21 -16.18 21.91
N ALA A 66 12.75 -17.28 21.37
CA ALA A 66 11.89 -18.35 20.85
C ALA A 66 11.07 -19.00 21.96
N ASP A 67 11.70 -19.27 23.11
CA ASP A 67 10.96 -19.93 24.18
C ASP A 67 9.90 -19.01 24.77
N ALA A 68 10.24 -17.73 24.96
CA ALA A 68 9.28 -16.77 25.51
C ALA A 68 8.10 -16.59 24.58
N CYS A 69 8.34 -16.69 23.29
CA CYS A 69 7.30 -16.50 22.30
C CYS A 69 6.24 -17.58 22.42
N LYS A 70 6.63 -18.80 22.78
CA LYS A 70 5.67 -19.88 22.88
C LYS A 70 4.70 -19.68 24.02
N GLN A 71 5.12 -18.96 25.07
CA GLN A 71 4.36 -18.95 26.32
C GLN A 71 2.92 -18.45 26.17
N PRO A 72 2.65 -17.33 25.50
CA PRO A 72 1.24 -16.96 25.26
C PRO A 72 0.48 -17.92 24.37
N PHE A 73 1.13 -18.57 23.39
CA PHE A 73 0.41 -19.51 22.54
C PHE A 73 0.00 -20.75 23.33
N GLU A 74 0.90 -21.30 24.14
CA GLU A 74 0.51 -22.43 24.98
C GLU A 74 -0.59 -22.01 25.94
N LYS A 75 -0.52 -20.77 26.44
CA LYS A 75 -1.45 -20.32 27.48
C LYS A 75 -2.84 -20.02 26.91
N TYR A 76 -2.91 -19.26 25.81
CA TYR A 76 -4.18 -18.77 25.29
C TYR A 76 -4.73 -19.59 24.12
N ARG A 77 -3.88 -20.39 23.44
CA ARG A 77 -4.26 -21.19 22.28
C ARG A 77 -5.15 -20.40 21.32
N PRO A 78 -4.63 -19.38 20.65
CA PRO A 78 -5.50 -18.53 19.83
C PRO A 78 -5.97 -19.23 18.56
N THR A 79 -7.14 -18.79 18.06
CA THR A 79 -7.62 -19.13 16.73
C THR A 79 -7.27 -18.08 15.68
N TYR A 80 -6.98 -16.85 16.10
CA TYR A 80 -6.58 -15.79 15.21
C TYR A 80 -5.43 -15.04 15.85
N VAL A 81 -4.55 -14.50 15.02
CA VAL A 81 -3.41 -13.72 15.49
C VAL A 81 -3.33 -12.46 14.64
N ILE A 82 -3.25 -11.31 15.31
CA ILE A 82 -2.91 -10.06 14.65
C ILE A 82 -1.51 -9.70 15.14
N HIS A 83 -0.54 -9.73 14.23
CA HIS A 83 0.88 -9.58 14.58
C HIS A 83 1.30 -8.15 14.27
N LEU A 84 1.28 -7.29 15.30
CA LEU A 84 1.69 -5.89 15.16
C LEU A 84 3.04 -5.60 15.80
N ALA A 85 3.54 -6.47 16.65
CA ALA A 85 4.79 -6.17 17.33
C ALA A 85 5.92 -6.05 16.32
N ALA A 86 6.79 -5.06 16.56
CA ALA A 86 7.99 -4.85 15.77
C ALA A 86 8.96 -4.05 16.61
N PHE A 87 10.23 -4.14 16.24
CA PHE A 87 11.26 -3.32 16.87
C PHE A 87 11.51 -2.15 15.94
N VAL A 88 11.08 -0.96 16.38
CA VAL A 88 11.06 0.23 15.54
C VAL A 88 12.12 1.20 15.97
N GLY A 89 12.92 0.85 16.96
CA GLY A 89 13.94 1.70 17.48
C GLY A 89 14.01 1.53 18.97
N GLY A 90 15.21 1.63 19.53
CA GLY A 90 15.39 1.63 20.95
C GLY A 90 15.57 3.06 21.44
N LEU A 91 15.39 3.21 22.75
CA LEU A 91 15.59 4.52 23.36
C LEU A 91 17.06 4.92 23.35
N PHE A 92 17.96 3.93 23.29
CA PHE A 92 19.38 4.15 23.42
C PHE A 92 20.13 3.81 22.14
N LYS A 93 21.22 4.54 21.90
CA LYS A 93 21.94 4.44 20.64
C LYS A 93 22.42 3.01 20.37
N ASN A 94 22.98 2.35 21.40
CA ASN A 94 23.59 1.03 21.25
C ASN A 94 22.59 -0.03 20.83
N MET A 95 21.29 0.23 20.94
CA MET A 95 20.29 -0.70 20.47
C MET A 95 19.84 -0.38 19.05
N ASN A 96 20.43 0.60 18.38
CA ASN A 96 19.89 1.06 17.10
C ASN A 96 20.83 0.87 15.92
N PHE A 97 21.91 0.10 16.05
CA PHE A 97 22.68 -0.27 14.86
C PHE A 97 21.78 -1.01 13.88
N LYS A 98 22.09 -0.91 12.59
CA LYS A 98 21.31 -1.68 11.62
C LYS A 98 21.27 -3.15 11.97
N VAL A 99 22.35 -3.68 12.58
CA VAL A 99 22.37 -5.08 13.01
C VAL A 99 21.15 -5.41 13.85
N SER A 100 20.85 -4.55 14.84
CA SER A 100 19.73 -4.84 15.72
C SER A 100 18.39 -4.79 14.98
N PHE A 101 18.22 -3.83 14.07
CA PHE A 101 16.97 -3.77 13.33
C PHE A 101 16.74 -5.02 12.50
N TRP A 102 17.82 -5.66 11.99
CA TRP A 102 17.63 -6.93 11.30
C TRP A 102 17.32 -8.05 12.30
N LEU A 103 18.20 -8.25 13.28
CA LEU A 103 18.09 -9.40 14.18
C LEU A 103 16.81 -9.36 15.00
N ASP A 104 16.53 -8.21 15.65
CA ASP A 104 15.36 -8.14 16.52
C ASP A 104 14.09 -8.40 15.75
N ASN A 105 13.99 -7.84 14.54
CA ASN A 105 12.78 -8.02 13.75
C ASN A 105 12.71 -9.41 13.13
N VAL A 106 13.81 -9.92 12.55
CA VAL A 106 13.67 -11.20 11.88
C VAL A 106 13.46 -12.32 12.91
N ASN A 107 14.02 -12.18 14.12
CA ASN A 107 13.81 -13.17 15.16
C ASN A 107 12.36 -13.16 15.65
N MET A 108 11.86 -11.97 15.95
CA MET A 108 10.47 -11.84 16.38
C MET A 108 9.51 -12.34 15.30
N ASN A 109 9.76 -12.00 14.04
CA ASN A 109 8.87 -12.44 12.97
C ASN A 109 8.92 -13.95 12.76
N ASN A 110 10.12 -14.52 12.72
CA ASN A 110 10.23 -15.97 12.59
C ASN A 110 9.52 -16.69 13.75
N ASN A 111 9.72 -16.22 14.98
CA ASN A 111 9.10 -16.90 16.12
C ASN A 111 7.57 -16.86 16.04
N ILE A 112 7.01 -15.68 15.75
CA ILE A 112 5.56 -15.50 15.83
C ILE A 112 4.85 -16.33 14.75
N LEU A 113 5.31 -16.22 13.49
CA LEU A 113 4.68 -17.00 12.41
C LEU A 113 4.87 -18.50 12.64
N THR A 114 6.04 -18.91 13.13
CA THR A 114 6.22 -20.32 13.44
C THR A 114 5.25 -20.76 14.54
N CYS A 115 5.09 -19.97 15.60
CA CYS A 115 4.09 -20.31 16.60
C CYS A 115 2.69 -20.34 15.98
N CYS A 116 2.42 -19.42 15.06
CA CYS A 116 1.10 -19.38 14.46
C CYS A 116 0.81 -20.68 13.74
N TYR A 117 1.81 -21.21 13.03
CA TYR A 117 1.61 -22.44 12.29
C TYR A 117 1.52 -23.64 13.24
N ASP A 118 2.47 -23.76 14.17
CA ASP A 118 2.52 -24.93 15.02
C ASP A 118 1.26 -25.07 15.89
N PHE A 119 0.69 -23.96 16.32
CA PHE A 119 -0.50 -23.99 17.16
C PHE A 119 -1.78 -23.87 16.37
N GLY A 120 -1.72 -23.97 15.05
CA GLY A 120 -2.90 -24.03 14.20
C GLY A 120 -3.78 -22.81 14.17
N VAL A 121 -3.20 -21.61 14.22
CA VAL A 121 -3.99 -20.39 14.07
C VAL A 121 -4.66 -20.41 12.70
N LYS A 122 -5.95 -20.09 12.66
CA LYS A 122 -6.67 -20.15 11.38
C LYS A 122 -6.19 -19.06 10.43
N LYS A 123 -6.06 -17.84 10.92
CA LYS A 123 -5.63 -16.72 10.09
C LYS A 123 -4.72 -15.80 10.91
N THR A 124 -3.60 -15.39 10.30
CA THR A 124 -2.63 -14.51 10.92
C THR A 124 -2.44 -13.30 10.02
N ILE A 125 -2.55 -12.10 10.58
CA ILE A 125 -2.36 -10.89 9.82
C ILE A 125 -1.18 -10.15 10.42
N SER A 126 -0.14 -9.96 9.64
CA SER A 126 1.05 -9.26 10.06
C SER A 126 1.06 -7.89 9.40
N CYS A 127 2.01 -7.07 9.79
CA CYS A 127 1.99 -5.67 9.42
C CYS A 127 3.30 -5.29 8.75
N LEU A 128 3.23 -4.76 7.53
CA LEU A 128 4.37 -4.18 6.82
C LEU A 128 4.29 -2.65 6.92
N SER A 129 4.93 -1.96 5.98
CA SER A 129 4.98 -0.51 6.01
C SER A 129 5.33 0.01 4.63
N THR A 130 4.80 1.18 4.27
CA THR A 130 5.07 1.70 2.92
C THR A 130 6.51 2.17 2.75
N CYS A 131 7.31 2.25 3.81
CA CYS A 131 8.68 2.73 3.66
C CYS A 131 9.67 1.60 3.36
N VAL A 132 9.19 0.38 3.15
CA VAL A 132 10.05 -0.75 2.80
C VAL A 132 10.00 -1.09 1.30
N PHE A 133 9.28 -0.31 0.49
CA PHE A 133 9.19 -0.58 -0.92
C PHE A 133 10.48 -0.19 -1.62
N PRO A 134 10.70 -0.68 -2.85
CA PRO A 134 11.95 -0.36 -3.56
C PRO A 134 12.17 1.13 -3.71
N ASP A 135 13.43 1.54 -3.61
CA ASP A 135 13.76 2.95 -3.76
C ASP A 135 13.53 3.44 -5.19
N LYS A 136 13.96 2.67 -6.19
CA LYS A 136 13.67 3.02 -7.58
C LYS A 136 12.29 2.46 -7.92
N ILE A 137 11.30 3.34 -8.04
CA ILE A 137 9.93 2.87 -8.17
C ILE A 137 9.12 3.97 -8.84
N GLU A 138 8.04 3.58 -9.49
CA GLU A 138 7.15 4.53 -10.14
C GLU A 138 5.96 4.77 -9.23
N TYR A 139 5.59 6.05 -9.07
CA TYR A 139 4.51 6.49 -8.17
C TYR A 139 3.18 6.55 -8.92
N PRO A 140 2.13 5.84 -8.49
CA PRO A 140 1.83 5.30 -7.15
C PRO A 140 2.33 3.89 -6.86
N ILE A 141 2.78 3.70 -5.62
CA ILE A 141 3.23 2.40 -5.15
C ILE A 141 2.05 1.44 -5.05
N THR A 142 2.21 0.26 -5.64
CA THR A 142 1.21 -0.81 -5.53
C THR A 142 1.85 -2.02 -4.86
N GLU A 143 1.00 -2.82 -4.22
CA GLU A 143 1.47 -3.95 -3.41
C GLU A 143 2.42 -4.89 -4.17
N GLU A 144 2.19 -5.08 -5.48
CA GLU A 144 2.96 -6.05 -6.27
C GLU A 144 4.41 -5.63 -6.45
N LYS A 145 4.74 -4.38 -6.19
CA LYS A 145 6.10 -3.89 -6.36
C LYS A 145 7.00 -4.08 -5.14
N LEU A 146 6.50 -4.73 -4.09
CA LEU A 146 7.21 -4.87 -2.83
C LEU A 146 8.65 -5.38 -2.97
N HIS A 147 8.90 -6.39 -3.82
CA HIS A 147 10.23 -7.01 -3.89
C HIS A 147 11.00 -6.66 -5.16
N GLU A 148 10.53 -5.67 -5.91
CA GLU A 148 11.11 -5.36 -7.21
C GLU A 148 12.28 -4.38 -7.06
N GLY A 149 13.26 -4.78 -6.26
CA GLY A 149 14.43 -3.96 -6.08
C GLY A 149 14.72 -3.60 -4.64
N PRO A 150 15.93 -3.11 -4.38
CA PRO A 150 16.36 -2.90 -3.01
C PRO A 150 15.66 -1.70 -2.40
N PRO A 151 15.40 -1.73 -1.10
CA PRO A 151 14.79 -0.55 -0.46
C PRO A 151 15.78 0.59 -0.29
N HIS A 152 15.33 1.73 0.21
CA HIS A 152 16.25 2.82 0.47
C HIS A 152 17.29 2.41 1.50
N PHE A 153 18.47 3.00 1.37
CA PHE A 153 19.60 2.62 2.22
C PHE A 153 19.36 2.93 3.70
N SER A 154 18.68 4.05 4.00
CA SER A 154 18.68 4.54 5.38
C SER A 154 18.01 3.57 6.35
N ASN A 155 17.02 2.80 5.90
CA ASN A 155 16.34 1.90 6.81
C ASN A 155 16.31 0.48 6.26
N ASN A 156 17.36 0.07 5.55
CA ASN A 156 17.19 -1.14 4.76
C ASN A 156 17.15 -2.41 5.61
N ALA A 157 17.70 -2.40 6.82
CA ALA A 157 17.57 -3.58 7.67
C ALA A 157 16.12 -3.76 8.12
N TYR A 158 15.52 -2.70 8.64
CA TYR A 158 14.11 -2.77 8.97
C TYR A 158 13.29 -3.15 7.73
N ALA A 159 13.61 -2.54 6.58
CA ALA A 159 12.80 -2.82 5.40
C ALA A 159 12.91 -4.29 4.99
N TYR A 160 14.13 -4.84 4.99
CA TYR A 160 14.30 -6.23 4.58
C TYR A 160 13.64 -7.20 5.55
N ALA A 161 13.71 -6.91 6.85
CA ALA A 161 12.99 -7.73 7.82
C ALA A 161 11.50 -7.77 7.53
N LYS A 162 10.92 -6.63 7.14
CA LYS A 162 9.50 -6.62 6.77
C LYS A 162 9.25 -7.44 5.51
N ARG A 163 10.13 -7.31 4.51
CA ARG A 163 10.02 -8.13 3.31
C ARG A 163 10.05 -9.63 3.62
N MET A 164 10.95 -10.05 4.52
CA MET A 164 11.07 -11.45 4.86
C MET A 164 9.92 -11.93 5.75
N LEU A 165 9.22 -11.02 6.44
CA LEU A 165 7.97 -11.36 7.12
C LEU A 165 6.89 -11.71 6.09
N ASP A 166 6.80 -10.91 5.03
CA ASP A 166 5.89 -11.23 3.94
C ASP A 166 6.25 -12.58 3.30
N MET A 167 7.54 -12.80 3.00
CA MET A 167 7.93 -14.07 2.37
C MET A 167 7.67 -15.25 3.28
N LEU A 168 7.99 -15.11 4.58
CA LEU A 168 7.79 -16.24 5.48
C LEU A 168 6.33 -16.65 5.54
N GLY A 169 5.41 -15.68 5.45
CA GLY A 169 3.99 -16.01 5.39
C GLY A 169 3.63 -16.80 4.14
N ARG A 170 4.19 -16.40 3.00
CA ARG A 170 3.91 -17.13 1.78
C ARG A 170 4.40 -18.57 1.89
N TRP A 171 5.59 -18.75 2.48
CA TRP A 171 6.17 -20.07 2.63
C TRP A 171 5.36 -20.91 3.63
N TYR A 172 4.86 -20.28 4.70
CA TYR A 172 4.00 -21.05 5.60
C TYR A 172 2.65 -21.38 4.97
N ASN A 173 2.14 -20.54 4.06
CA ASN A 173 0.95 -20.94 3.32
C ASN A 173 1.25 -22.17 2.46
N GLU A 174 2.43 -22.21 1.82
CA GLU A 174 2.82 -23.40 1.03
C GLU A 174 2.86 -24.64 1.90
N LYS A 175 3.43 -24.53 3.10
CA LYS A 175 3.46 -25.69 4.00
C LYS A 175 2.04 -26.09 4.41
N ALA A 176 1.18 -25.12 4.74
CA ALA A 176 -0.18 -25.46 5.17
C ALA A 176 -0.93 -26.18 4.06
N VAL A 177 -0.80 -25.70 2.82
CA VAL A 177 -1.49 -26.38 1.71
C VAL A 177 -1.00 -27.81 1.59
N ASN A 178 0.32 -28.00 1.65
CA ASN A 178 0.89 -29.34 1.50
C ASN A 178 0.54 -30.24 2.66
N GLU A 179 0.42 -29.69 3.86
CA GLU A 179 0.09 -30.52 5.00
C GLU A 179 -1.40 -30.62 5.25
N GLY A 180 -2.21 -29.98 4.41
CA GLY A 180 -3.65 -29.99 4.64
C GLY A 180 -4.10 -29.24 5.86
N LYS A 181 -3.25 -28.38 6.42
CA LYS A 181 -3.68 -27.53 7.52
C LYS A 181 -4.43 -26.32 6.98
N SER A 182 -5.35 -25.80 7.79
CA SER A 182 -6.16 -24.64 7.44
C SER A 182 -5.56 -23.43 8.15
N CYS A 183 -4.47 -22.91 7.57
CA CYS A 183 -3.76 -21.76 8.10
C CYS A 183 -3.54 -20.77 6.98
N LEU A 184 -4.03 -19.55 7.17
CA LEU A 184 -3.82 -18.49 6.21
C LEU A 184 -2.95 -17.41 6.85
N PHE A 185 -1.95 -16.96 6.10
CA PHE A 185 -1.04 -15.89 6.49
C PHE A 185 -1.19 -14.78 5.46
N THR A 186 -1.47 -13.58 5.91
CA THR A 186 -1.47 -12.43 5.01
C THR A 186 -0.97 -11.22 5.79
N SER A 187 -1.05 -10.03 5.18
CA SER A 187 -0.47 -8.86 5.81
C SER A 187 -1.14 -7.62 5.27
N VAL A 188 -0.98 -6.53 6.00
CA VAL A 188 -1.47 -5.22 5.61
C VAL A 188 -0.28 -4.28 5.55
N ILE A 189 -0.41 -3.24 4.74
CA ILE A 189 0.65 -2.25 4.63
C ILE A 189 0.05 -0.89 4.98
N PRO A 190 0.07 -0.49 6.24
CA PRO A 190 -0.48 0.83 6.59
C PRO A 190 0.51 1.91 6.19
N THR A 191 -0.05 3.06 5.89
CA THR A 191 0.71 4.27 5.61
C THR A 191 1.02 4.97 6.95
N ASN A 192 1.33 6.26 6.92
CA ASN A 192 1.56 7.04 8.13
C ASN A 192 0.36 7.03 9.07
N LEU A 193 0.50 6.37 10.21
CA LEU A 193 -0.55 6.31 11.21
C LEU A 193 -0.41 7.45 12.21
N PHE A 194 -1.54 7.88 12.78
CA PHE A 194 -1.50 8.80 13.91
C PHE A 194 -2.67 8.53 14.82
N GLY A 195 -2.55 8.97 16.06
CA GLY A 195 -3.63 8.84 17.00
C GLY A 195 -3.19 8.65 18.43
N PRO A 196 -4.15 8.31 19.28
CA PRO A 196 -3.85 8.16 20.70
C PRO A 196 -2.89 7.01 20.95
N HIS A 197 -2.16 7.11 22.06
CA HIS A 197 -1.16 6.14 22.49
C HIS A 197 0.03 6.04 21.56
N ASP A 198 0.24 7.05 20.73
CA ASP A 198 1.40 7.18 19.86
C ASP A 198 2.65 7.46 20.68
N ASN A 199 3.78 7.57 19.99
CA ASN A 199 5.04 7.98 20.60
C ASN A 199 5.24 9.46 20.27
N PHE A 200 5.11 10.33 21.26
CA PHE A 200 5.12 11.76 21.02
C PHE A 200 6.47 12.42 21.31
N ASN A 201 7.54 11.64 21.44
CA ASN A 201 8.86 12.20 21.59
C ASN A 201 9.24 12.94 20.32
N VAL A 202 9.59 14.23 20.45
CA VAL A 202 9.91 15.01 19.27
C VAL A 202 11.15 14.45 18.55
N GLU A 203 12.08 13.86 19.29
CA GLU A 203 13.33 13.41 18.67
C GLU A 203 13.13 12.08 17.96
N ALA A 204 12.52 11.10 18.63
CA ALA A 204 12.39 9.74 18.12
C ALA A 204 11.07 9.46 17.41
N GLY A 205 10.01 10.22 17.67
CA GLY A 205 8.68 9.91 17.17
C GLY A 205 8.42 10.32 15.72
N HIS A 206 7.26 9.93 15.22
CA HIS A 206 6.85 10.30 13.87
C HIS A 206 6.53 11.78 13.80
N VAL A 207 6.50 12.29 12.57
CA VAL A 207 6.38 13.72 12.32
C VAL A 207 5.11 14.29 12.97
N LEU A 208 3.97 13.66 12.73
CA LEU A 208 2.70 14.21 13.19
C LEU A 208 2.60 14.18 14.71
N PRO A 209 2.82 13.06 15.41
CA PRO A 209 2.80 13.13 16.87
C PRO A 209 3.85 14.06 17.43
N GLY A 210 5.01 14.18 16.78
CA GLY A 210 6.01 15.14 17.22
C GLY A 210 5.53 16.57 17.06
N LEU A 211 4.82 16.86 15.97
CA LEU A 211 4.27 18.19 15.81
C LEU A 211 3.27 18.50 16.91
N MET A 212 2.49 17.49 17.33
CA MET A 212 1.54 17.70 18.43
C MET A 212 2.25 18.04 19.73
N HIS A 213 3.31 17.30 20.05
CA HIS A 213 4.03 17.57 21.28
C HIS A 213 4.74 18.91 21.21
N LYS A 214 5.25 19.25 20.04
CA LYS A 214 5.89 20.55 19.82
C LYS A 214 4.89 21.69 20.02
N CYS A 215 3.68 21.53 19.48
CA CYS A 215 2.67 22.57 19.63
C CYS A 215 2.27 22.71 21.10
N TYR A 216 2.14 21.57 21.80
CA TYR A 216 1.86 21.58 23.22
C TYR A 216 2.93 22.35 24.01
N LYS A 217 4.21 22.13 23.70
CA LYS A 217 5.27 22.85 24.39
C LYS A 217 5.21 24.35 24.12
N ALA A 218 4.90 24.72 22.88
CA ALA A 218 4.81 26.12 22.50
C ALA A 218 3.67 26.83 23.22
N GLN A 219 2.55 26.14 23.43
CA GLN A 219 1.43 26.76 24.13
C GLN A 219 1.72 26.93 25.61
N GLN A 220 2.31 25.92 26.24
CA GLN A 220 2.61 25.97 27.67
C GLN A 220 3.73 26.96 27.98
N ASN A 221 4.73 27.00 27.10
CA ASN A 221 5.95 27.79 27.29
C ASN A 221 5.79 29.25 26.86
N GLY A 222 5.01 29.52 25.82
CA GLY A 222 4.89 30.86 25.30
C GLY A 222 5.68 31.08 24.03
N THR A 223 6.26 30.02 23.48
CA THR A 223 7.20 30.09 22.38
C THR A 223 6.46 30.04 21.04
N ASP A 224 7.23 29.96 19.97
CA ASP A 224 6.69 29.78 18.63
C ASP A 224 6.59 28.30 18.33
N PHE A 225 5.56 27.94 17.56
CA PHE A 225 5.37 26.59 17.02
C PHE A 225 6.24 26.46 15.78
N VAL A 226 7.29 25.65 15.85
CA VAL A 226 8.30 25.56 14.79
C VAL A 226 8.14 24.24 14.05
N VAL A 227 7.98 24.30 12.73
CA VAL A 227 7.88 23.12 11.87
C VAL A 227 9.13 23.05 11.01
N PHE A 228 9.77 21.88 10.98
CA PHE A 228 10.96 21.74 10.14
C PHE A 228 10.55 21.72 8.68
N GLY A 229 11.44 22.19 7.81
CA GLY A 229 11.14 22.22 6.40
C GLY A 229 10.19 23.36 6.02
N SER A 230 9.98 23.47 4.70
CA SER A 230 9.09 24.47 4.14
C SER A 230 7.62 24.20 4.46
N GLY A 231 7.23 22.93 4.59
CA GLY A 231 5.83 22.64 4.84
C GLY A 231 5.12 22.13 3.60
N LYS A 232 5.76 22.14 2.43
CA LYS A 232 5.02 21.84 1.22
C LYS A 232 5.04 20.37 0.81
N PRO A 233 5.85 19.48 1.41
CA PRO A 233 5.73 18.06 1.05
C PRO A 233 4.36 17.50 1.37
N LEU A 234 3.90 16.61 0.47
CA LEU A 234 2.58 16.00 0.54
C LEU A 234 2.70 14.59 1.10
N ARG A 235 1.85 14.25 2.08
CA ARG A 235 1.86 12.95 2.69
C ARG A 235 0.44 12.44 2.87
N GLN A 236 0.32 11.11 2.91
CA GLN A 236 -0.94 10.44 3.24
C GLN A 236 -0.90 10.04 4.72
N PHE A 237 -1.94 10.42 5.47
CA PHE A 237 -2.01 10.17 6.91
C PHE A 237 -3.28 9.40 7.23
N LEU A 238 -3.13 8.28 7.95
CA LEU A 238 -4.27 7.42 8.25
C LEU A 238 -4.50 7.38 9.75
N TYR A 239 -5.70 7.78 10.16
CA TYR A 239 -6.10 7.71 11.56
C TYR A 239 -6.06 6.28 12.07
N SER A 240 -5.44 6.08 13.22
CA SER A 240 -5.29 4.71 13.72
C SER A 240 -6.62 4.01 13.95
N HIS A 241 -7.67 4.73 14.38
CA HIS A 241 -8.96 4.05 14.52
C HIS A 241 -9.50 3.58 13.17
N ASP A 242 -9.33 4.39 12.12
CA ASP A 242 -9.68 3.94 10.78
C ASP A 242 -8.84 2.74 10.34
N ALA A 243 -7.52 2.81 10.59
CA ALA A 243 -6.66 1.67 10.23
C ALA A 243 -7.11 0.40 10.96
N ALA A 244 -7.53 0.56 12.23
CA ALA A 244 -8.01 -0.58 13.01
C ALA A 244 -9.26 -1.21 12.40
N ARG A 245 -10.19 -0.38 11.88
CA ARG A 245 -11.38 -0.91 11.23
C ARG A 245 -11.02 -1.61 9.90
N MET A 246 -10.11 -1.01 9.13
CA MET A 246 -9.62 -1.64 7.91
C MET A 246 -8.91 -2.94 8.22
N LEU A 247 -8.12 -2.97 9.30
CA LEU A 247 -7.46 -4.21 9.68
C LEU A 247 -8.49 -5.26 10.09
N LEU A 248 -9.52 -4.84 10.85
CA LEU A 248 -10.53 -5.80 11.27
C LEU A 248 -11.34 -6.32 10.09
N TRP A 249 -11.71 -5.45 9.15
CA TRP A 249 -12.32 -5.93 7.92
C TRP A 249 -11.43 -6.97 7.23
N THR A 250 -10.11 -6.72 7.19
CA THR A 250 -9.18 -7.65 6.56
C THR A 250 -9.22 -9.03 7.23
N MET A 251 -9.21 -9.06 8.56
CA MET A 251 -9.32 -10.33 9.28
C MET A 251 -10.63 -11.03 8.96
N PHE A 252 -11.70 -10.26 8.78
CA PHE A 252 -13.00 -10.88 8.59
C PHE A 252 -13.20 -11.39 7.17
N ASN A 253 -12.59 -10.74 6.18
CA ASN A 253 -13.01 -10.90 4.80
C ASN A 253 -11.90 -11.33 3.83
N TYR A 254 -10.65 -10.96 4.11
CA TYR A 254 -9.59 -11.00 3.10
C TYR A 254 -8.86 -12.34 3.14
N GLN A 255 -8.88 -13.05 1.99
CA GLN A 255 -8.35 -14.39 1.86
C GLN A 255 -7.03 -14.45 1.12
N SER A 256 -6.64 -13.38 0.46
CA SER A 256 -5.43 -13.38 -0.34
C SER A 256 -4.19 -13.27 0.55
N GLU A 257 -3.12 -13.97 0.16
CA GLU A 257 -1.83 -13.85 0.82
C GLU A 257 -1.07 -12.61 0.37
N GLU A 258 -1.52 -11.90 -0.68
CA GLU A 258 -0.86 -10.66 -1.07
C GLU A 258 -1.15 -9.58 -0.04
N PRO A 259 -0.15 -8.76 0.33
CA PRO A 259 -0.43 -7.65 1.27
C PRO A 259 -1.43 -6.70 0.65
N ILE A 260 -2.24 -6.07 1.50
CA ILE A 260 -3.19 -5.06 1.06
C ILE A 260 -2.82 -3.76 1.75
N MET A 261 -2.69 -2.70 0.96
CA MET A 261 -2.35 -1.42 1.56
C MET A 261 -3.51 -0.77 2.29
N LEU A 262 -3.19 -0.18 3.44
CA LEU A 262 -4.14 0.61 4.22
C LEU A 262 -3.68 2.06 4.13
N CYS A 263 -4.34 2.86 3.31
CA CYS A 263 -3.98 4.27 3.19
C CYS A 263 -5.19 5.03 2.67
N VAL A 264 -5.00 6.33 2.50
CA VAL A 264 -6.04 7.19 2.01
C VAL A 264 -5.80 7.42 0.52
N SER A 265 -6.80 7.97 -0.16
CA SER A 265 -6.67 8.26 -1.58
C SER A 265 -5.66 9.38 -1.79
N GLU A 266 -5.25 9.55 -3.03
CA GLU A 266 -4.33 10.63 -3.36
C GLU A 266 -4.97 11.99 -3.10
N GLU A 267 -6.29 12.11 -3.32
CA GLU A 267 -6.96 13.38 -3.05
C GLU A 267 -6.86 13.80 -1.59
N ASP A 268 -6.77 12.83 -0.67
CA ASP A 268 -6.77 13.12 0.75
C ASP A 268 -5.37 13.39 1.31
N GLU A 269 -4.36 13.47 0.46
CA GLU A 269 -3.01 13.79 0.93
C GLU A 269 -2.96 15.24 1.43
N LYS A 270 -2.47 15.42 2.65
CA LYS A 270 -2.29 16.76 3.22
C LYS A 270 -0.84 17.23 3.12
N SER A 271 -0.65 18.54 2.97
CA SER A 271 0.71 19.05 3.04
C SER A 271 1.16 19.09 4.51
N ILE A 272 2.47 19.12 4.70
CA ILE A 272 2.98 19.12 6.07
C ILE A 272 2.54 20.37 6.81
N GLY A 273 2.50 21.51 6.11
CA GLY A 273 1.96 22.72 6.70
C GLY A 273 0.49 22.61 7.02
N GLN A 274 -0.29 21.96 6.13
CA GLN A 274 -1.72 21.77 6.40
C GLN A 274 -1.93 20.96 7.68
N VAL A 275 -1.12 19.94 7.89
CA VAL A 275 -1.18 19.15 9.11
C VAL A 275 -0.84 20.04 10.31
N ALA A 276 0.22 20.85 10.17
CA ALA A 276 0.64 21.73 11.24
C ALA A 276 -0.45 22.74 11.59
N GLN A 277 -1.13 23.30 10.58
CA GLN A 277 -2.22 24.24 10.84
C GLN A 277 -3.39 23.57 11.55
N THR A 278 -3.75 22.36 11.12
CA THR A 278 -4.83 21.63 11.77
C THR A 278 -4.49 21.36 13.22
N ILE A 279 -3.23 21.00 13.47
CA ILE A 279 -2.76 20.79 14.84
C ILE A 279 -2.80 22.10 15.60
N LYS A 280 -2.37 23.18 14.95
CA LYS A 280 -2.40 24.49 15.58
C LYS A 280 -3.82 24.83 16.02
N ASP A 281 -4.79 24.69 15.11
CA ASP A 281 -6.16 25.08 15.40
C ASP A 281 -6.90 24.09 16.28
N ALA A 282 -6.30 22.94 16.62
CA ALA A 282 -6.97 21.98 17.49
C ALA A 282 -6.52 22.15 18.94
N PHE A 283 -5.31 22.66 19.12
CA PHE A 283 -4.85 23.10 20.43
C PHE A 283 -5.37 24.49 20.79
N ASN A 284 -5.96 25.18 19.82
CA ASN A 284 -6.30 26.60 19.93
C ASN A 284 -5.05 27.42 20.22
N PHE A 285 -3.95 27.05 19.57
CA PHE A 285 -2.70 27.80 19.73
C PHE A 285 -2.77 29.11 18.98
N THR A 286 -2.51 30.22 19.69
CA THR A 286 -2.65 31.57 19.13
C THR A 286 -1.31 32.23 18.81
N GLY A 287 -0.18 31.57 19.06
CA GLY A 287 1.10 32.13 18.69
C GLY A 287 1.45 31.87 17.23
N ASN A 288 2.64 32.31 16.85
CA ASN A 288 3.07 32.13 15.48
C ASN A 288 3.42 30.68 15.18
N MET A 289 3.16 30.27 13.94
CA MET A 289 3.63 29.00 13.40
C MET A 289 4.72 29.33 12.38
N VAL A 290 5.93 28.81 12.60
CA VAL A 290 7.08 29.18 11.79
C VAL A 290 7.64 27.93 11.12
N PHE A 291 8.04 28.09 9.87
CA PHE A 291 8.73 27.05 9.13
C PHE A 291 10.22 27.34 9.15
N ASP A 292 10.98 26.43 9.74
CA ASP A 292 12.45 26.51 9.77
C ASP A 292 12.96 25.93 8.45
N THR A 293 13.09 26.79 7.44
CA THR A 293 13.56 26.33 6.14
C THR A 293 15.05 26.02 6.11
N SER A 294 15.78 26.30 7.20
CA SER A 294 17.17 25.85 7.28
C SER A 294 17.27 24.33 7.22
N LYS A 295 16.29 23.64 7.77
CA LYS A 295 16.22 22.19 7.63
C LYS A 295 15.78 21.83 6.20
N ALA A 296 16.38 20.78 5.65
CA ALA A 296 16.03 20.31 4.32
C ALA A 296 14.92 19.27 4.43
N ASP A 297 13.87 19.45 3.65
CA ASP A 297 12.73 18.54 3.72
C ASP A 297 12.83 17.43 2.68
N GLY A 298 12.09 16.35 2.92
CA GLY A 298 12.12 15.17 2.08
C GLY A 298 11.45 15.42 0.74
N GLN A 299 11.21 14.32 0.02
CA GLN A 299 10.69 14.49 -1.33
C GLN A 299 9.23 14.93 -1.29
N TYR A 300 8.82 15.62 -2.36
CA TYR A 300 7.52 16.28 -2.39
C TYR A 300 6.37 15.28 -2.26
N LYS A 301 6.36 14.22 -3.09
CA LYS A 301 5.29 13.23 -3.10
C LYS A 301 5.85 11.82 -2.96
N LYS A 302 5.14 10.99 -2.20
CA LYS A 302 5.49 9.59 -1.98
C LYS A 302 4.20 8.77 -1.96
N THR A 303 3.45 8.84 -3.06
CA THR A 303 2.07 8.36 -3.07
C THR A 303 2.02 6.84 -3.12
N SER A 304 1.24 6.26 -2.22
CA SER A 304 0.88 4.85 -2.24
C SER A 304 -0.57 4.70 -2.70
N SER A 305 -0.88 3.60 -3.36
CA SER A 305 -2.21 3.37 -3.95
C SER A 305 -3.13 2.63 -2.98
N ASN A 306 -4.36 3.12 -2.83
CA ASN A 306 -5.38 2.42 -2.08
C ASN A 306 -6.39 1.72 -2.99
N ALA A 307 -6.02 1.46 -4.24
CA ALA A 307 -6.96 0.90 -5.21
C ALA A 307 -7.51 -0.43 -4.75
N LYS A 308 -6.68 -1.26 -4.12
CA LYS A 308 -7.14 -2.61 -3.78
C LYS A 308 -8.23 -2.56 -2.70
N PHE A 309 -7.99 -1.85 -1.61
CA PHE A 309 -8.98 -1.74 -0.56
C PHE A 309 -10.23 -1.01 -1.05
N LEU A 310 -10.03 0.03 -1.87
CA LEU A 310 -11.17 0.76 -2.42
C LEU A 310 -12.01 -0.15 -3.32
N ARG A 311 -11.36 -1.03 -4.07
CA ARG A 311 -12.09 -1.97 -4.92
C ARG A 311 -12.72 -3.09 -4.10
N LEU A 312 -12.04 -3.55 -3.04
CA LEU A 312 -12.57 -4.67 -2.28
C LEU A 312 -13.60 -4.23 -1.25
N ASN A 313 -13.54 -2.99 -0.78
CA ASN A 313 -14.44 -2.51 0.26
C ASN A 313 -14.87 -1.09 -0.12
N PRO A 314 -15.68 -0.96 -1.17
CA PRO A 314 -16.00 0.39 -1.67
C PRO A 314 -16.81 1.24 -0.73
N THR A 315 -17.62 0.66 0.18
CA THR A 315 -18.44 1.50 1.05
C THR A 315 -17.72 1.94 2.32
N PHE A 316 -16.41 1.73 2.43
CA PHE A 316 -15.73 2.08 3.67
C PHE A 316 -15.72 3.59 3.89
N GLN A 317 -16.03 4.01 5.10
CA GLN A 317 -16.12 5.42 5.50
C GLN A 317 -14.93 5.78 6.37
N TYR A 318 -14.18 6.79 5.95
CA TYR A 318 -13.06 7.33 6.72
C TYR A 318 -13.54 8.40 7.72
N THR A 319 -12.72 8.62 8.75
CA THR A 319 -12.90 9.78 9.63
C THR A 319 -12.27 11.01 8.97
N PRO A 320 -12.99 12.12 8.86
CA PRO A 320 -12.38 13.34 8.31
C PRO A 320 -11.12 13.71 9.09
N PHE A 321 -10.12 14.22 8.36
CA PHE A 321 -8.80 14.51 8.94
C PHE A 321 -8.92 15.47 10.13
N GLU A 322 -9.69 16.55 9.96
CA GLU A 322 -9.83 17.52 11.05
C GLU A 322 -10.41 16.89 12.31
N GLN A 323 -11.46 16.08 12.16
CA GLN A 323 -12.07 15.44 13.33
C GLN A 323 -11.10 14.44 13.99
N ALA A 324 -10.33 13.71 13.16
CA ALA A 324 -9.38 12.76 13.74
C ALA A 324 -8.26 13.48 14.48
N ILE A 325 -7.79 14.62 13.95
CA ILE A 325 -6.76 15.37 14.67
C ILE A 325 -7.30 15.90 16.00
N LYS A 326 -8.50 16.46 16.01
CA LYS A 326 -9.07 16.99 17.25
C LYS A 326 -9.24 15.89 18.29
N GLU A 327 -9.66 14.70 17.85
CA GLU A 327 -9.80 13.58 18.78
C GLU A 327 -8.45 13.18 19.35
N THR A 328 -7.40 13.21 18.53
CA THR A 328 -6.08 12.86 19.05
C THR A 328 -5.56 13.93 20.01
N VAL A 329 -5.70 15.21 19.66
CA VAL A 329 -5.26 16.29 20.53
C VAL A 329 -6.01 16.25 21.86
N GLN A 330 -7.33 16.04 21.82
CA GLN A 330 -8.09 15.96 23.06
C GLN A 330 -7.60 14.79 23.91
N TRP A 331 -7.30 13.66 23.28
CA TRP A 331 -6.71 12.55 24.01
C TRP A 331 -5.39 12.95 24.63
N PHE A 332 -4.58 13.68 23.87
CA PHE A 332 -3.25 14.06 24.32
C PHE A 332 -3.33 15.01 25.52
N LEU A 333 -4.24 15.98 25.47
CA LEU A 333 -4.36 16.91 26.58
C LEU A 333 -4.84 16.20 27.83
N GLU A 334 -5.82 15.30 27.70
CA GLU A 334 -6.36 14.62 28.87
C GLU A 334 -5.40 13.58 29.45
N ASN A 335 -4.43 13.08 28.67
CA ASN A 335 -3.61 11.98 29.12
C ASN A 335 -2.11 12.28 29.10
N TYR A 336 -1.73 13.55 29.01
CA TYR A 336 -0.33 13.91 28.77
C TYR A 336 0.62 13.22 29.73
N GLU A 337 0.24 13.09 31.00
CA GLU A 337 1.16 12.53 31.99
C GLU A 337 1.57 11.10 31.63
N THR A 338 0.62 10.28 31.14
CA THR A 338 0.91 8.89 30.83
C THR A 338 1.27 8.68 29.39
N ALA A 339 1.34 9.74 28.59
CA ALA A 339 1.61 9.57 27.18
C ALA A 339 3.10 9.30 26.95
N ARG A 340 3.37 8.48 25.93
CA ARG A 340 4.74 8.14 25.51
C ARG A 340 5.43 9.37 24.97
N LYS A 341 6.46 9.83 25.67
CA LYS A 341 7.22 10.99 25.22
C LYS A 341 8.70 10.78 25.44
N ARG B 12 40.97 1.04 -0.96
CA ARG B 12 40.74 0.36 -2.24
C ARG B 12 40.30 -1.09 -2.03
N GLU B 13 40.04 -1.79 -3.14
CA GLU B 13 39.50 -3.15 -3.08
C GLU B 13 40.49 -4.17 -2.53
N VAL B 14 41.78 -3.98 -2.78
CA VAL B 14 42.80 -4.89 -2.28
C VAL B 14 43.72 -4.12 -1.36
N SER B 15 44.18 -4.79 -0.31
CA SER B 15 45.11 -4.18 0.62
C SER B 15 46.42 -3.84 -0.09
N ASP B 16 47.11 -2.83 0.45
CA ASP B 16 48.41 -2.47 -0.10
C ASP B 16 49.37 -3.63 0.00
N GLN B 17 49.36 -4.35 1.12
CA GLN B 17 50.13 -5.56 1.28
C GLN B 17 49.20 -6.68 1.73
N PRO B 18 49.48 -7.92 1.32
CA PRO B 18 48.63 -9.05 1.72
C PRO B 18 48.76 -9.37 3.21
N ILE B 19 47.65 -9.87 3.77
CA ILE B 19 47.70 -10.40 5.13
C ILE B 19 48.71 -11.55 5.14
N THR B 20 49.54 -11.59 6.17
CA THR B 20 50.52 -12.67 6.32
C THR B 20 50.12 -13.48 7.53
N LEU B 21 49.76 -14.75 7.30
CA LEU B 21 49.35 -15.64 8.37
C LEU B 21 50.58 -16.10 9.14
N THR B 22 50.40 -16.31 10.45
CA THR B 22 51.43 -16.82 11.35
C THR B 22 50.92 -18.06 12.05
N GLN B 23 51.80 -18.68 12.83
CA GLN B 23 51.45 -19.89 13.58
C GLN B 23 50.42 -19.61 14.68
N ASP B 24 50.28 -18.36 15.10
CA ASP B 24 49.34 -18.00 16.14
C ASP B 24 47.91 -17.77 15.62
N ASP B 25 47.73 -17.72 14.31
CA ASP B 25 46.40 -17.51 13.74
C ASP B 25 45.62 -18.82 13.74
N VAL B 26 44.31 -18.71 13.92
CA VAL B 26 43.40 -19.84 13.89
C VAL B 26 42.31 -19.51 12.90
N ILE B 27 42.10 -20.39 11.92
CA ILE B 27 41.13 -20.16 10.85
C ILE B 27 40.03 -21.19 11.00
N LEU B 28 38.82 -20.73 11.27
CA LEU B 28 37.68 -21.59 11.44
C LEU B 28 36.93 -21.68 10.10
N VAL B 29 36.73 -22.89 9.64
CA VAL B 29 36.06 -23.10 8.35
C VAL B 29 34.81 -23.90 8.63
N THR B 30 33.66 -23.24 8.60
CA THR B 30 32.41 -23.95 8.73
C THR B 30 32.08 -24.65 7.41
N GLY B 31 31.38 -25.77 7.51
CA GLY B 31 31.14 -26.55 6.32
C GLY B 31 32.41 -26.98 5.64
N GLY B 32 33.46 -27.26 6.40
CA GLY B 32 34.76 -27.55 5.85
C GLY B 32 34.98 -28.95 5.30
N THR B 33 34.02 -29.86 5.42
CA THR B 33 34.18 -31.25 5.02
C THR B 33 33.59 -31.57 3.65
N GLY B 34 32.99 -30.59 2.99
CA GLY B 34 32.41 -30.80 1.67
C GLY B 34 33.41 -30.62 0.54
N LEU B 35 32.85 -30.48 -0.66
CA LEU B 35 33.65 -30.30 -1.87
C LEU B 35 34.60 -29.11 -1.74
N PHE B 36 34.04 -27.93 -1.44
CA PHE B 36 34.81 -26.70 -1.32
C PHE B 36 35.77 -26.75 -0.13
N GLY B 37 35.29 -27.22 1.02
CA GLY B 37 36.14 -27.25 2.21
C GLY B 37 37.35 -28.15 2.02
N LYS B 38 37.13 -29.33 1.43
CA LYS B 38 38.21 -30.28 1.19
C LYS B 38 39.25 -29.71 0.22
N ALA B 39 38.80 -28.94 -0.79
CA ALA B 39 39.77 -28.29 -1.67
C ALA B 39 40.59 -27.25 -0.90
N VAL B 40 39.93 -26.44 -0.05
CA VAL B 40 40.65 -25.48 0.76
C VAL B 40 41.69 -26.19 1.64
N GLU B 41 41.29 -27.29 2.27
CA GLU B 41 42.24 -28.04 3.09
C GLU B 41 43.40 -28.58 2.24
N HIS B 42 43.10 -29.04 1.02
CA HIS B 42 44.13 -29.55 0.14
C HIS B 42 45.14 -28.46 -0.25
N ILE B 43 44.64 -27.29 -0.65
CA ILE B 43 45.54 -26.20 -1.03
C ILE B 43 46.35 -25.71 0.17
N VAL B 44 45.71 -25.59 1.35
CA VAL B 44 46.42 -25.12 2.55
C VAL B 44 47.61 -26.02 2.86
N LYS B 45 47.42 -27.34 2.80
CA LYS B 45 48.50 -28.26 3.10
C LYS B 45 49.55 -28.25 2.00
N LYS B 46 49.10 -28.20 0.75
CA LYS B 46 50.01 -28.25 -0.39
C LYS B 46 50.89 -27.00 -0.46
N GLU B 47 50.31 -25.81 -0.27
CA GLU B 47 51.05 -24.56 -0.36
C GLU B 47 51.71 -24.14 0.96
N GLN B 48 51.62 -24.97 1.99
CA GLN B 48 52.23 -24.69 3.29
C GLN B 48 51.75 -23.35 3.85
N ILE B 49 50.45 -23.07 3.69
CA ILE B 49 49.86 -21.91 4.31
C ILE B 49 49.95 -22.06 5.82
N LYS B 50 50.37 -21.00 6.51
CA LYS B 50 50.54 -21.09 7.95
C LYS B 50 49.20 -20.99 8.69
N GLY B 51 49.23 -21.32 9.98
CA GLY B 51 48.09 -21.20 10.86
C GLY B 51 47.47 -22.55 11.21
N LYS B 52 46.67 -22.54 12.27
CA LYS B 52 45.90 -23.72 12.64
C LYS B 52 44.54 -23.61 11.96
N TRP B 53 44.25 -24.56 11.06
CA TRP B 53 43.02 -24.56 10.28
C TRP B 53 42.08 -25.59 10.89
N VAL B 54 40.86 -25.17 11.21
CA VAL B 54 39.86 -26.05 11.84
C VAL B 54 38.69 -26.16 10.90
N PHE B 55 38.48 -27.37 10.40
CA PHE B 55 37.44 -27.65 9.43
C PHE B 55 36.29 -28.31 10.17
N LEU B 56 35.23 -27.54 10.38
CA LEU B 56 34.06 -28.00 11.10
C LEU B 56 33.15 -28.77 10.18
N GLY B 57 32.46 -29.74 10.76
CA GLY B 57 31.31 -30.36 10.12
C GLY B 57 30.14 -30.35 11.09
N SER B 58 29.01 -30.91 10.63
CA SER B 58 27.83 -31.00 11.47
C SER B 58 28.10 -31.78 12.74
N LYS B 59 29.00 -32.77 12.68
CA LYS B 59 29.36 -33.56 13.86
C LYS B 59 29.91 -32.66 14.97
N ASP B 60 30.45 -31.50 14.61
CA ASP B 60 31.06 -30.60 15.58
C ASP B 60 30.04 -29.74 16.31
N GLY B 61 28.82 -29.63 15.81
CA GLY B 61 27.83 -28.79 16.46
C GLY B 61 26.84 -28.13 15.52
N ASP B 62 25.58 -28.05 15.96
CA ASP B 62 24.49 -27.48 15.18
C ASP B 62 24.56 -25.96 15.21
N LEU B 63 25.02 -25.36 14.12
CA LEU B 63 25.22 -23.92 14.09
C LEU B 63 23.92 -23.13 14.03
N ARG B 64 22.77 -23.80 13.91
CA ARG B 64 21.52 -23.05 13.95
C ARG B 64 21.16 -22.64 15.37
N ASP B 65 21.61 -23.40 16.35
CA ASP B 65 21.38 -23.04 17.74
C ASP B 65 22.45 -22.03 18.17
N ALA B 66 22.01 -20.92 18.74
CA ALA B 66 22.91 -19.81 19.05
C ALA B 66 23.98 -20.21 20.05
N ASP B 67 23.60 -20.99 21.07
CA ASP B 67 24.54 -21.44 22.10
C ASP B 67 25.52 -22.43 21.54
N ALA B 68 25.05 -23.40 20.75
CA ALA B 68 25.96 -24.35 20.16
C ALA B 68 26.90 -23.67 19.20
N CYS B 69 26.43 -22.62 18.53
CA CYS B 69 27.27 -21.91 17.57
C CYS B 69 28.45 -21.18 18.24
N LYS B 70 28.30 -20.65 19.46
CA LYS B 70 29.47 -20.01 20.03
C LYS B 70 30.51 -21.00 20.57
N GLN B 71 30.15 -22.27 20.75
CA GLN B 71 31.09 -23.19 21.36
C GLN B 71 32.39 -23.34 20.57
N PRO B 72 32.38 -23.48 19.24
CA PRO B 72 33.68 -23.49 18.52
C PRO B 72 34.40 -22.16 18.60
N PHE B 73 33.69 -21.04 18.76
CA PHE B 73 34.37 -19.76 18.92
C PHE B 73 35.07 -19.66 20.28
N GLU B 74 34.40 -20.10 21.34
CA GLU B 74 35.04 -20.14 22.64
C GLU B 74 36.18 -21.17 22.68
N LYS B 75 36.01 -22.29 21.97
CA LYS B 75 37.00 -23.35 22.03
C LYS B 75 38.24 -23.03 21.19
N TYR B 76 38.06 -22.62 19.93
CA TYR B 76 39.21 -22.47 19.04
C TYR B 76 39.74 -21.05 18.98
N ARG B 77 38.97 -20.07 19.44
CA ARG B 77 39.33 -18.67 19.43
C ARG B 77 39.90 -18.25 18.08
N PRO B 78 39.09 -18.24 17.03
CA PRO B 78 39.64 -17.99 15.70
C PRO B 78 40.03 -16.54 15.52
N THR B 79 41.04 -16.32 14.68
CA THR B 79 41.31 -14.98 14.14
C THR B 79 40.72 -14.75 12.77
N TYR B 80 40.43 -15.81 11.99
CA TYR B 80 39.80 -15.70 10.68
C TYR B 80 38.74 -16.78 10.55
N VAL B 81 37.68 -16.47 9.82
CA VAL B 81 36.56 -17.39 9.58
C VAL B 81 36.27 -17.44 8.09
N ILE B 82 36.18 -18.65 7.58
CA ILE B 82 35.65 -18.92 6.26
C ILE B 82 34.34 -19.65 6.48
N HIS B 83 33.22 -19.00 6.14
CA HIS B 83 31.88 -19.50 6.45
C HIS B 83 31.27 -20.12 5.18
N LEU B 84 31.40 -21.46 5.04
CA LEU B 84 30.90 -22.22 3.89
C LEU B 84 29.64 -23.04 4.17
N ALA B 85 29.22 -23.21 5.41
CA ALA B 85 28.09 -24.07 5.71
C ALA B 85 26.81 -23.49 5.14
N ALA B 86 25.93 -24.35 4.64
CA ALA B 86 24.58 -23.97 4.23
C ALA B 86 23.70 -25.21 4.30
N PHE B 87 22.37 -25.02 4.34
CA PHE B 87 21.40 -26.11 4.22
C PHE B 87 20.80 -26.05 2.80
N VAL B 88 21.08 -27.04 1.98
CA VAL B 88 20.81 -26.98 0.55
C VAL B 88 19.64 -27.83 0.06
N ASN B 96 11.51 -31.34 1.40
CA ASN B 96 11.75 -30.35 2.45
C ASN B 96 11.00 -29.02 2.22
N PHE B 97 10.31 -28.57 3.26
CA PHE B 97 9.56 -27.32 3.23
C PHE B 97 10.48 -26.11 3.02
N LYS B 98 10.06 -25.21 2.13
CA LYS B 98 10.79 -23.94 1.98
C LYS B 98 10.95 -23.24 3.31
N VAL B 99 9.97 -23.35 4.22
CA VAL B 99 10.08 -22.75 5.55
C VAL B 99 11.38 -23.18 6.22
N SER B 100 11.69 -24.49 6.15
CA SER B 100 12.89 -24.98 6.80
C SER B 100 14.15 -24.40 6.16
N PHE B 101 14.18 -24.26 4.83
CA PHE B 101 15.38 -23.70 4.19
C PHE B 101 15.59 -22.26 4.61
N TRP B 102 14.51 -21.50 4.84
CA TRP B 102 14.66 -20.12 5.31
C TRP B 102 15.17 -20.12 6.76
N LEU B 103 14.48 -20.83 7.66
CA LEU B 103 14.82 -20.78 9.08
C LEU B 103 16.23 -21.34 9.35
N ASP B 104 16.52 -22.53 8.83
CA ASP B 104 17.82 -23.16 9.09
C ASP B 104 18.97 -22.30 8.59
N ASN B 105 18.83 -21.72 7.40
CA ASN B 105 19.93 -20.94 6.88
C ASN B 105 20.04 -19.57 7.55
N VAL B 106 18.91 -18.88 7.76
CA VAL B 106 19.02 -17.54 8.33
C VAL B 106 19.46 -17.59 9.80
N ASN B 107 19.08 -18.64 10.54
CA ASN B 107 19.54 -18.78 11.92
C ASN B 107 21.03 -19.06 11.97
N MET B 108 21.51 -19.99 11.16
CA MET B 108 22.94 -20.28 11.13
C MET B 108 23.75 -19.06 10.72
N ASN B 109 23.32 -18.38 9.66
CA ASN B 109 24.09 -17.23 9.20
C ASN B 109 24.07 -16.10 10.24
N ASN B 110 22.90 -15.82 10.83
CA ASN B 110 22.82 -14.82 11.90
C ASN B 110 23.74 -15.18 13.05
N ASN B 111 23.73 -16.46 13.48
CA ASN B 111 24.59 -16.87 14.58
C ASN B 111 26.07 -16.70 14.23
N ILE B 112 26.50 -17.19 13.07
CA ILE B 112 27.93 -17.24 12.76
C ILE B 112 28.51 -15.83 12.67
N LEU B 113 27.83 -14.95 11.94
CA LEU B 113 28.33 -13.60 11.74
C LEU B 113 28.35 -12.82 13.06
N THR B 114 27.32 -13.02 13.90
CA THR B 114 27.25 -12.43 15.23
C THR B 114 28.39 -12.92 16.12
N CYS B 115 28.66 -14.23 16.11
CA CYS B 115 29.82 -14.75 16.83
C CYS B 115 31.12 -14.16 16.28
N CYS B 116 31.22 -14.00 14.96
CA CYS B 116 32.42 -13.42 14.35
C CYS B 116 32.68 -12.00 14.84
N TYR B 117 31.62 -11.18 14.94
CA TYR B 117 31.79 -9.82 15.44
C TYR B 117 32.10 -9.82 16.93
N ASP B 118 31.34 -10.58 17.73
CA ASP B 118 31.51 -10.56 19.18
C ASP B 118 32.87 -11.09 19.61
N PHE B 119 33.40 -12.09 18.92
CA PHE B 119 34.66 -12.71 19.26
C PHE B 119 35.83 -12.06 18.52
N GLY B 120 35.61 -10.90 17.91
CA GLY B 120 36.72 -10.16 17.31
C GLY B 120 37.45 -10.86 16.18
N VAL B 121 36.72 -11.60 15.34
CA VAL B 121 37.35 -12.20 14.15
C VAL B 121 37.83 -11.08 13.24
N LYS B 122 39.06 -11.21 12.76
CA LYS B 122 39.63 -10.13 11.94
C LYS B 122 38.93 -10.04 10.58
N LYS B 123 38.73 -11.17 9.91
CA LYS B 123 38.11 -11.18 8.60
C LYS B 123 37.26 -12.44 8.47
N THR B 124 36.06 -12.25 7.98
CA THR B 124 35.13 -13.34 7.76
C THR B 124 34.76 -13.29 6.29
N ILE B 125 34.88 -14.44 5.63
CA ILE B 125 34.49 -14.58 4.23
C ILE B 125 33.37 -15.59 4.13
N SER B 126 32.24 -15.17 3.60
CA SER B 126 31.10 -16.06 3.42
C SER B 126 30.92 -16.43 1.95
N CYS B 127 30.02 -17.36 1.72
CA CYS B 127 29.85 -17.96 0.41
C CYS B 127 28.41 -17.72 -0.02
N LEU B 128 28.24 -17.09 -1.17
CA LEU B 128 26.93 -16.92 -1.79
C LEU B 128 26.79 -17.99 -2.87
N SER B 129 25.93 -17.75 -3.85
CA SER B 129 25.67 -18.76 -4.88
C SER B 129 25.07 -18.11 -6.11
N THR B 130 25.35 -18.71 -7.27
CA THR B 130 24.88 -18.16 -8.54
C THR B 130 23.36 -18.16 -8.61
N CYS B 131 22.73 -19.11 -7.93
CA CYS B 131 21.29 -19.26 -8.02
C CYS B 131 20.50 -18.34 -7.09
N VAL B 132 21.11 -17.31 -6.52
CA VAL B 132 20.36 -16.37 -5.68
C VAL B 132 20.21 -15.02 -6.35
N PHE B 133 20.65 -14.88 -7.58
CA PHE B 133 20.57 -13.63 -8.32
C PHE B 133 19.16 -13.42 -8.86
N PRO B 134 18.84 -12.20 -9.25
CA PRO B 134 17.49 -11.92 -9.76
C PRO B 134 17.12 -12.85 -10.90
N ASP B 135 15.85 -13.25 -10.92
CA ASP B 135 15.33 -14.07 -12.01
C ASP B 135 15.31 -13.27 -13.30
N LYS B 136 14.81 -12.04 -13.24
CA LYS B 136 14.90 -11.10 -14.35
C LYS B 136 16.23 -10.37 -14.20
N ILE B 137 17.19 -10.70 -15.05
CA ILE B 137 18.55 -10.17 -14.97
C ILE B 137 19.14 -10.23 -16.37
N GLU B 138 19.99 -9.26 -16.67
CA GLU B 138 20.61 -9.23 -17.97
C GLU B 138 22.00 -9.80 -17.82
N TYR B 139 22.35 -10.67 -18.71
CA TYR B 139 23.62 -11.35 -18.59
C TYR B 139 24.72 -10.53 -19.26
N PRO B 140 25.95 -10.60 -18.75
CA PRO B 140 26.39 -11.51 -17.69
C PRO B 140 26.09 -11.04 -16.28
N ILE B 141 25.86 -12.04 -15.44
CA ILE B 141 25.68 -11.78 -14.03
C ILE B 141 26.95 -11.16 -13.48
N THR B 142 26.80 -9.98 -12.87
CA THR B 142 27.86 -9.26 -12.19
C THR B 142 27.42 -9.14 -10.75
N GLU B 143 28.41 -8.99 -9.86
CA GLU B 143 28.13 -8.95 -8.43
C GLU B 143 27.15 -7.83 -8.09
N GLU B 144 27.20 -6.71 -8.81
CA GLU B 144 26.38 -5.56 -8.47
C GLU B 144 24.88 -5.81 -8.62
N LYS B 145 24.48 -6.86 -9.31
CA LYS B 145 23.07 -7.13 -9.56
C LYS B 145 22.43 -8.04 -8.51
N LEU B 146 23.15 -8.39 -7.44
CA LEU B 146 22.66 -9.35 -6.46
C LEU B 146 21.25 -9.03 -5.94
N HIS B 147 20.97 -7.77 -5.61
CA HIS B 147 19.71 -7.41 -4.97
C HIS B 147 18.75 -6.71 -5.91
N GLU B 148 18.99 -6.75 -7.22
CA GLU B 148 18.20 -5.99 -8.17
C GLU B 148 16.99 -6.78 -8.69
N GLY B 149 16.16 -7.22 -7.75
CA GLY B 149 14.94 -7.94 -8.09
C GLY B 149 14.85 -9.28 -7.41
N PRO B 150 13.66 -9.89 -7.44
CA PRO B 150 13.45 -11.13 -6.68
C PRO B 150 14.15 -12.30 -7.36
N PRO B 151 14.63 -13.27 -6.58
CA PRO B 151 15.23 -14.46 -7.21
C PRO B 151 14.14 -15.32 -7.82
N HIS B 152 14.51 -16.40 -8.48
CA HIS B 152 13.51 -17.29 -9.04
C HIS B 152 12.66 -17.88 -7.93
N PHE B 153 11.42 -18.19 -8.27
CA PHE B 153 10.48 -18.67 -7.28
C PHE B 153 10.92 -20.00 -6.69
N SER B 154 11.58 -20.84 -7.52
CA SER B 154 11.77 -22.24 -7.17
C SER B 154 12.66 -22.44 -5.94
N ASN B 155 13.67 -21.59 -5.74
CA ASN B 155 14.52 -21.76 -4.55
C ASN B 155 14.62 -20.46 -3.77
N ASN B 156 13.54 -19.69 -3.72
CA ASN B 156 13.67 -18.32 -3.24
C ASN B 156 13.93 -18.26 -1.73
N ALA B 157 13.59 -19.32 -0.97
CA ALA B 157 13.91 -19.34 0.47
C ALA B 157 15.41 -19.43 0.70
N TYR B 158 16.06 -20.42 0.08
CA TYR B 158 17.52 -20.49 0.10
C TYR B 158 18.12 -19.20 -0.44
N ALA B 159 17.56 -18.66 -1.53
CA ALA B 159 18.14 -17.49 -2.17
C ALA B 159 18.11 -16.27 -1.26
N TYR B 160 16.94 -16.00 -0.65
CA TYR B 160 16.81 -14.83 0.21
C TYR B 160 17.69 -14.96 1.47
N ALA B 161 17.76 -16.16 2.05
CA ALA B 161 18.68 -16.37 3.16
C ALA B 161 20.11 -16.03 2.77
N LYS B 162 20.53 -16.40 1.55
CA LYS B 162 21.86 -15.98 1.08
C LYS B 162 21.92 -14.47 0.86
N ARG B 163 20.85 -13.88 0.32
CA ARG B 163 20.84 -12.42 0.17
C ARG B 163 21.06 -11.75 1.52
N MET B 164 20.39 -12.23 2.57
CA MET B 164 20.50 -11.63 3.90
C MET B 164 21.81 -12.01 4.59
N LEU B 165 22.48 -13.07 4.15
CA LEU B 165 23.83 -13.31 4.62
C LEU B 165 24.76 -12.21 4.15
N ASP B 166 24.65 -11.83 2.87
CA ASP B 166 25.42 -10.70 2.36
C ASP B 166 25.10 -9.40 3.10
N MET B 167 23.80 -9.09 3.27
CA MET B 167 23.41 -7.83 3.91
C MET B 167 23.87 -7.78 5.37
N LEU B 168 23.74 -8.88 6.11
CA LEU B 168 24.16 -8.89 7.49
C LEU B 168 25.66 -8.63 7.62
N GLY B 169 26.45 -9.09 6.64
CA GLY B 169 27.86 -8.73 6.63
C GLY B 169 28.09 -7.24 6.47
N ARG B 170 27.40 -6.62 5.52
CA ARG B 170 27.53 -5.17 5.36
C ARG B 170 27.10 -4.43 6.64
N TRP B 171 26.03 -4.92 7.29
CA TRP B 171 25.57 -4.26 8.50
C TRP B 171 26.57 -4.41 9.65
N TYR B 172 27.26 -5.55 9.75
CA TYR B 172 28.29 -5.69 10.78
C TYR B 172 29.50 -4.85 10.44
N ASN B 173 29.77 -4.63 9.15
CA ASN B 173 30.84 -3.68 8.81
C ASN B 173 30.51 -2.28 9.29
N GLU B 174 29.26 -1.85 9.12
CA GLU B 174 28.86 -0.54 9.62
C GLU B 174 29.07 -0.45 11.11
N LYS B 175 28.68 -1.49 11.85
CA LYS B 175 28.86 -1.47 13.29
C LYS B 175 30.33 -1.42 13.66
N ALA B 176 31.15 -2.22 12.98
CA ALA B 176 32.58 -2.21 13.28
C ALA B 176 33.19 -0.84 13.03
N VAL B 177 32.80 -0.19 11.94
CA VAL B 177 33.32 1.14 11.67
C VAL B 177 32.93 2.07 12.80
N ASN B 178 31.67 1.96 13.25
CA ASN B 178 31.14 2.86 14.27
C ASN B 178 31.81 2.67 15.63
N GLU B 179 32.15 1.44 15.97
CA GLU B 179 32.77 1.13 17.25
C GLU B 179 34.30 1.05 17.16
N GLY B 180 34.88 1.35 16.00
CA GLY B 180 36.31 1.26 15.88
C GLY B 180 36.88 -0.14 15.98
N LYS B 181 36.07 -1.17 15.80
CA LYS B 181 36.53 -2.55 15.82
C LYS B 181 37.08 -2.94 14.46
N SER B 182 38.06 -3.85 14.46
CA SER B 182 38.70 -4.34 13.22
C SER B 182 38.10 -5.70 12.85
N CYS B 183 36.91 -5.64 12.30
CA CYS B 183 36.17 -6.81 11.84
C CYS B 183 35.78 -6.52 10.41
N LEU B 184 36.19 -7.38 9.49
CA LEU B 184 35.86 -7.25 8.07
C LEU B 184 35.00 -8.43 7.63
N PHE B 185 33.95 -8.13 6.89
CA PHE B 185 33.06 -9.13 6.32
C PHE B 185 33.02 -8.97 4.81
N THR B 186 33.25 -10.07 4.09
CA THR B 186 33.07 -10.04 2.65
C THR B 186 32.55 -11.41 2.21
N SER B 187 32.45 -11.61 0.89
CA SER B 187 31.88 -12.86 0.44
C SER B 187 32.38 -13.18 -0.97
N VAL B 188 32.25 -14.45 -1.32
CA VAL B 188 32.59 -14.95 -2.65
C VAL B 188 31.40 -15.69 -3.21
N ILE B 189 31.34 -15.73 -4.54
CA ILE B 189 30.26 -16.39 -5.27
C ILE B 189 30.84 -17.42 -6.23
N PRO B 190 31.02 -18.67 -5.84
CA PRO B 190 31.52 -19.68 -6.78
C PRO B 190 30.42 -20.15 -7.72
N THR B 191 30.78 -20.40 -8.98
CA THR B 191 29.83 -20.92 -9.95
C THR B 191 30.24 -22.33 -10.37
N ASN B 192 29.33 -23.28 -10.18
CA ASN B 192 29.47 -24.68 -10.55
C ASN B 192 30.83 -25.27 -10.20
N LEU B 193 31.02 -25.66 -8.95
CA LEU B 193 32.26 -26.29 -8.56
C LEU B 193 32.18 -27.78 -8.88
N PHE B 194 33.32 -28.37 -9.18
CA PHE B 194 33.43 -29.82 -9.29
C PHE B 194 34.83 -30.21 -8.85
N GLY B 195 34.99 -31.48 -8.51
CA GLY B 195 36.27 -31.97 -8.09
C GLY B 195 36.15 -33.10 -7.09
N PRO B 196 37.26 -33.45 -6.46
CA PRO B 196 37.25 -34.55 -5.49
C PRO B 196 36.34 -34.22 -4.33
N HIS B 197 35.82 -35.27 -3.69
CA HIS B 197 34.92 -35.16 -2.55
C HIS B 197 33.58 -34.53 -2.91
N ASP B 198 33.24 -34.52 -4.19
CA ASP B 198 31.93 -34.10 -4.67
C ASP B 198 30.90 -35.18 -4.32
N ASN B 199 29.64 -34.91 -4.64
CA ASN B 199 28.56 -35.90 -4.55
C ASN B 199 28.33 -36.47 -5.95
N PHE B 200 28.69 -37.74 -6.14
CA PHE B 200 28.66 -38.40 -7.44
C PHE B 200 27.39 -39.23 -7.68
N ASN B 201 26.34 -38.98 -6.91
CA ASN B 201 25.08 -39.68 -7.14
C ASN B 201 24.48 -39.32 -8.49
N VAL B 202 24.15 -40.33 -9.29
CA VAL B 202 23.62 -40.08 -10.64
C VAL B 202 22.28 -39.38 -10.56
N GLU B 203 21.47 -39.68 -9.54
CA GLU B 203 20.15 -39.10 -9.46
C GLU B 203 20.19 -37.73 -8.80
N ALA B 204 20.82 -37.62 -7.64
CA ALA B 204 20.77 -36.40 -6.84
C ALA B 204 21.91 -35.42 -7.08
N GLY B 205 23.06 -35.89 -7.58
CA GLY B 205 24.23 -35.03 -7.67
C GLY B 205 24.20 -34.06 -8.85
N HIS B 206 25.18 -33.14 -8.84
CA HIS B 206 25.29 -32.15 -9.90
C HIS B 206 25.61 -32.83 -11.23
N VAL B 207 25.40 -32.08 -12.32
CA VAL B 207 25.47 -32.66 -13.65
C VAL B 207 26.84 -33.30 -13.88
N LEU B 208 27.90 -32.55 -13.58
CA LEU B 208 29.24 -33.02 -13.90
C LEU B 208 29.64 -34.24 -13.07
N PRO B 209 29.53 -34.25 -11.74
CA PRO B 209 29.89 -35.47 -11.00
C PRO B 209 29.02 -36.67 -11.34
N GLY B 210 27.72 -36.46 -11.61
CA GLY B 210 26.86 -37.58 -11.97
C GLY B 210 27.24 -38.23 -13.29
N LEU B 211 27.64 -37.43 -14.28
CA LEU B 211 28.08 -37.96 -15.56
C LEU B 211 29.32 -38.82 -15.39
N MET B 212 30.19 -38.46 -14.45
CA MET B 212 31.35 -39.28 -14.15
C MET B 212 30.94 -40.65 -13.67
N HIS B 213 29.93 -40.72 -12.81
CA HIS B 213 29.52 -42.01 -12.28
C HIS B 213 28.81 -42.83 -13.35
N LYS B 214 27.97 -42.16 -14.17
CA LYS B 214 27.28 -42.86 -15.26
C LYS B 214 28.26 -43.43 -16.27
N CYS B 215 29.29 -42.67 -16.63
CA CYS B 215 30.28 -43.18 -17.57
C CYS B 215 31.02 -44.37 -17.02
N TYR B 216 31.45 -44.29 -15.74
CA TYR B 216 32.17 -45.39 -15.11
C TYR B 216 31.32 -46.67 -15.05
N LYS B 217 30.04 -46.54 -14.72
CA LYS B 217 29.16 -47.71 -14.73
C LYS B 217 29.02 -48.28 -16.13
N ALA B 218 28.94 -47.40 -17.13
CA ALA B 218 28.90 -47.85 -18.52
C ALA B 218 30.20 -48.57 -18.88
N GLN B 219 31.34 -48.13 -18.32
CA GLN B 219 32.61 -48.82 -18.59
C GLN B 219 32.69 -50.15 -17.85
N GLN B 220 32.25 -50.22 -16.59
CA GLN B 220 32.32 -51.49 -15.87
C GLN B 220 31.35 -52.49 -16.47
N ASN B 221 30.17 -52.04 -16.83
CA ASN B 221 29.16 -52.88 -17.45
C ASN B 221 29.40 -52.88 -18.96
N GLY B 222 28.47 -53.47 -19.70
CA GLY B 222 28.56 -53.50 -21.14
C GLY B 222 27.71 -52.43 -21.78
N THR B 223 27.19 -51.49 -21.00
CA THR B 223 26.18 -50.60 -21.54
C THR B 223 26.80 -49.41 -22.26
N ASP B 224 25.93 -48.56 -22.81
CA ASP B 224 26.26 -47.32 -23.47
C ASP B 224 26.20 -46.16 -22.48
N PHE B 225 27.05 -45.16 -22.70
CA PHE B 225 27.05 -43.95 -21.91
C PHE B 225 25.91 -43.04 -22.39
N VAL B 226 24.88 -42.88 -21.56
CA VAL B 226 23.65 -42.17 -21.90
C VAL B 226 23.66 -40.81 -21.21
N VAL B 227 23.48 -39.73 -21.98
CA VAL B 227 23.40 -38.38 -21.44
C VAL B 227 21.97 -37.88 -21.60
N PHE B 228 21.40 -37.36 -20.53
CA PHE B 228 20.05 -36.80 -20.55
C PHE B 228 20.09 -35.43 -21.20
N GLY B 229 19.39 -35.28 -22.32
CA GLY B 229 19.35 -34.02 -23.03
C GLY B 229 20.15 -34.05 -24.33
N SER B 230 20.03 -32.95 -25.07
CA SER B 230 20.75 -32.80 -26.34
C SER B 230 22.26 -32.68 -26.15
N GLY B 231 22.70 -32.18 -25.00
CA GLY B 231 24.11 -31.98 -24.78
C GLY B 231 24.60 -30.62 -25.23
N LYS B 232 23.69 -29.72 -25.58
CA LYS B 232 24.05 -28.45 -26.20
C LYS B 232 24.14 -27.27 -25.22
N PRO B 233 23.40 -27.23 -24.12
CA PRO B 233 23.55 -26.11 -23.19
C PRO B 233 24.96 -25.98 -22.63
N LEU B 234 25.41 -24.74 -22.53
CA LEU B 234 26.77 -24.38 -22.11
C LEU B 234 26.79 -23.88 -20.67
N ARG B 235 27.77 -24.35 -19.90
CA ARG B 235 27.93 -23.90 -18.52
C ARG B 235 29.39 -23.60 -18.26
N GLN B 236 29.61 -22.73 -17.27
CA GLN B 236 30.94 -22.43 -16.79
C GLN B 236 31.22 -23.32 -15.57
N PHE B 237 32.32 -24.07 -15.62
CA PHE B 237 32.65 -25.05 -14.58
C PHE B 237 33.98 -24.67 -13.97
N LEU B 238 34.02 -24.60 -12.64
CA LEU B 238 35.20 -24.19 -11.90
C LEU B 238 35.71 -25.36 -11.08
N TYR B 239 36.95 -25.77 -11.34
CA TYR B 239 37.61 -26.80 -10.55
C TYR B 239 37.71 -26.38 -9.08
N SER B 240 37.34 -27.27 -8.17
CA SER B 240 37.32 -26.90 -6.76
C SER B 240 38.69 -26.46 -6.26
N HIS B 241 39.77 -27.07 -6.76
CA HIS B 241 41.10 -26.63 -6.36
C HIS B 241 41.36 -25.19 -6.80
N ASP B 242 40.88 -24.80 -7.97
CA ASP B 242 41.01 -23.41 -8.39
C ASP B 242 40.21 -22.49 -7.48
N ALA B 243 38.96 -22.89 -7.18
CA ALA B 243 38.12 -22.09 -6.30
C ALA B 243 38.80 -21.86 -4.96
N ALA B 244 39.49 -22.88 -4.45
CA ALA B 244 40.21 -22.73 -3.20
C ALA B 244 41.34 -21.72 -3.31
N ARG B 245 42.08 -21.72 -4.42
CA ARG B 245 43.14 -20.74 -4.58
C ARG B 245 42.57 -19.33 -4.68
N MET B 246 41.45 -19.18 -5.40
CA MET B 246 40.79 -17.88 -5.51
C MET B 246 40.24 -17.40 -4.16
N LEU B 247 39.67 -18.31 -3.38
CA LEU B 247 39.18 -17.97 -2.04
C LEU B 247 40.31 -17.55 -1.10
N LEU B 248 41.45 -18.25 -1.15
CA LEU B 248 42.58 -17.89 -0.30
C LEU B 248 43.17 -16.55 -0.69
N TRP B 249 43.32 -16.30 -1.99
CA TRP B 249 43.72 -14.98 -2.46
C TRP B 249 42.77 -13.90 -1.92
N THR B 250 41.47 -14.18 -1.96
CA THR B 250 40.48 -13.24 -1.45
C THR B 250 40.76 -12.94 0.02
N MET B 251 41.03 -13.99 0.81
CA MET B 251 41.31 -13.83 2.22
C MET B 251 42.53 -12.97 2.46
N PHE B 252 43.58 -13.14 1.64
CA PHE B 252 44.83 -12.46 1.86
C PHE B 252 44.78 -11.02 1.39
N ASN B 253 43.98 -10.75 0.36
CA ASN B 253 44.17 -9.49 -0.37
C ASN B 253 42.91 -8.62 -0.46
N TYR B 254 41.72 -9.22 -0.44
CA TYR B 254 40.51 -8.53 -0.87
C TYR B 254 39.84 -7.88 0.31
N GLN B 255 39.73 -6.56 0.27
CA GLN B 255 39.27 -5.76 1.39
C GLN B 255 37.84 -5.27 1.23
N SER B 256 37.28 -5.37 0.04
CA SER B 256 35.95 -4.82 -0.21
C SER B 256 34.87 -5.69 0.40
N GLU B 257 33.81 -5.03 0.87
CA GLU B 257 32.67 -5.77 1.37
C GLU B 257 31.77 -6.29 0.25
N GLU B 258 32.00 -5.84 -0.99
CA GLU B 258 31.23 -6.35 -2.12
C GLU B 258 31.61 -7.81 -2.38
N PRO B 259 30.62 -8.66 -2.66
CA PRO B 259 30.92 -10.05 -3.05
C PRO B 259 31.75 -10.05 -4.33
N ILE B 260 32.62 -11.04 -4.47
CA ILE B 260 33.43 -11.19 -5.68
C ILE B 260 33.09 -12.54 -6.32
N MET B 261 32.80 -12.52 -7.61
CA MET B 261 32.42 -13.76 -8.29
C MET B 261 33.65 -14.64 -8.52
N LEU B 262 33.51 -15.92 -8.26
CA LEU B 262 34.57 -16.89 -8.58
C LEU B 262 34.06 -17.83 -9.68
N CYS B 263 34.55 -17.64 -10.90
CA CYS B 263 34.15 -18.47 -12.02
C CYS B 263 35.24 -18.40 -13.09
N VAL B 264 35.04 -19.17 -14.16
CA VAL B 264 35.93 -19.15 -15.27
C VAL B 264 35.33 -18.18 -16.29
N SER B 265 36.14 -17.77 -17.26
CA SER B 265 35.67 -16.87 -18.29
C SER B 265 34.60 -17.53 -19.16
N GLU B 266 33.90 -16.71 -19.92
CA GLU B 266 32.88 -17.22 -20.81
C GLU B 266 33.49 -18.09 -21.91
N GLU B 267 34.66 -17.73 -22.43
CA GLU B 267 35.32 -18.53 -23.46
C GLU B 267 35.62 -19.94 -22.97
N ASP B 268 35.72 -20.15 -21.65
CA ASP B 268 36.00 -21.45 -21.06
C ASP B 268 34.74 -22.26 -20.73
N GLU B 269 33.56 -21.75 -21.09
CA GLU B 269 32.33 -22.51 -20.89
C GLU B 269 32.32 -23.72 -21.82
N LYS B 270 32.06 -24.89 -21.25
CA LYS B 270 31.92 -26.12 -21.99
C LYS B 270 30.45 -26.48 -22.15
N SER B 271 30.09 -27.07 -23.28
CA SER B 271 28.74 -27.62 -23.41
C SER B 271 28.64 -28.96 -22.69
N ILE B 272 27.41 -29.38 -22.40
CA ILE B 272 27.20 -30.64 -21.71
C ILE B 272 27.79 -31.78 -22.52
N GLY B 273 27.63 -31.75 -23.84
CA GLY B 273 28.23 -32.77 -24.68
C GLY B 273 29.74 -32.76 -24.58
N GLN B 274 30.34 -31.57 -24.52
CA GLN B 274 31.79 -31.48 -24.30
C GLN B 274 32.16 -32.07 -22.94
N VAL B 275 31.34 -31.80 -21.91
CA VAL B 275 31.63 -32.38 -20.60
C VAL B 275 31.60 -33.90 -20.69
N ALA B 276 30.56 -34.45 -21.30
CA ALA B 276 30.42 -35.89 -21.41
C ALA B 276 31.56 -36.50 -22.20
N GLN B 277 31.94 -35.86 -23.32
CA GLN B 277 33.02 -36.36 -24.14
C GLN B 277 34.35 -36.35 -23.38
N THR B 278 34.61 -35.27 -22.63
CA THR B 278 35.84 -35.19 -21.85
C THR B 278 35.90 -36.27 -20.78
N ILE B 279 34.74 -36.57 -20.17
CA ILE B 279 34.68 -37.62 -19.16
C ILE B 279 34.98 -38.99 -19.78
N LYS B 280 34.37 -39.27 -20.93
CA LYS B 280 34.61 -40.53 -21.62
C LYS B 280 36.09 -40.72 -21.91
N ASP B 281 36.73 -39.70 -22.47
CA ASP B 281 38.14 -39.84 -22.84
C ASP B 281 39.09 -39.79 -21.64
N ALA B 282 38.56 -39.59 -20.43
CA ALA B 282 39.39 -39.61 -19.23
C ALA B 282 39.26 -40.94 -18.50
N PHE B 283 38.16 -41.63 -18.70
CA PHE B 283 37.98 -43.02 -18.30
C PHE B 283 38.59 -43.99 -19.32
N ASN B 284 39.07 -43.49 -20.47
CA ASN B 284 39.49 -44.34 -21.59
C ASN B 284 38.34 -45.25 -22.01
N PHE B 285 37.14 -44.68 -21.99
CA PHE B 285 35.93 -45.39 -22.35
C PHE B 285 35.86 -45.60 -23.86
N THR B 286 35.62 -46.85 -24.28
CA THR B 286 35.64 -47.24 -25.69
C THR B 286 34.26 -47.47 -26.28
N GLY B 287 33.24 -47.73 -25.47
CA GLY B 287 31.90 -47.98 -25.97
C GLY B 287 31.27 -46.74 -26.57
N ASN B 288 29.98 -46.88 -26.92
CA ASN B 288 29.24 -45.79 -27.53
C ASN B 288 28.69 -44.81 -26.47
N MET B 289 28.47 -43.58 -26.91
CA MET B 289 27.92 -42.51 -26.07
C MET B 289 26.73 -41.88 -26.80
N VAL B 290 25.55 -41.99 -26.19
CA VAL B 290 24.30 -41.58 -26.85
C VAL B 290 23.62 -40.50 -25.99
N PHE B 291 22.84 -39.66 -26.67
CA PHE B 291 22.11 -38.55 -26.05
C PHE B 291 20.62 -38.83 -26.06
N ASP B 292 19.99 -38.86 -24.88
CA ASP B 292 18.56 -39.09 -24.79
C ASP B 292 17.85 -37.75 -24.75
N THR B 293 17.30 -37.35 -25.89
CA THR B 293 16.67 -36.05 -26.04
C THR B 293 15.22 -36.02 -25.56
N SER B 294 14.71 -37.12 -24.99
CA SER B 294 13.40 -37.08 -24.35
C SER B 294 13.38 -36.05 -23.23
N LYS B 295 14.45 -36.00 -22.44
CA LYS B 295 14.54 -35.04 -21.35
C LYS B 295 14.62 -33.63 -21.92
N ALA B 296 13.84 -32.72 -21.35
CA ALA B 296 13.84 -31.34 -21.83
C ALA B 296 15.17 -30.67 -21.51
N ASP B 297 15.68 -29.89 -22.47
CA ASP B 297 16.93 -29.17 -22.25
C ASP B 297 16.73 -28.03 -21.26
N GLY B 298 17.69 -27.88 -20.34
CA GLY B 298 17.68 -26.75 -19.42
C GLY B 298 17.87 -25.42 -20.13
N GLN B 299 18.05 -24.34 -19.36
CA GLN B 299 18.30 -23.05 -20.01
C GLN B 299 19.61 -23.12 -20.78
N TYR B 300 19.70 -22.34 -21.86
CA TYR B 300 20.81 -22.51 -22.78
C TYR B 300 22.12 -21.92 -22.25
N LYS B 301 22.05 -20.74 -21.63
CA LYS B 301 23.24 -20.10 -21.11
C LYS B 301 22.87 -19.31 -19.87
N LYS B 302 23.72 -19.38 -18.88
CA LYS B 302 23.57 -18.59 -17.65
C LYS B 302 24.99 -18.18 -17.29
N THR B 303 25.47 -17.12 -17.94
CA THR B 303 26.86 -16.71 -17.89
C THR B 303 27.14 -15.76 -16.74
N SER B 304 28.17 -16.09 -15.94
CA SER B 304 28.63 -15.22 -14.87
C SER B 304 29.91 -14.51 -15.31
N SER B 305 30.05 -13.26 -14.90
CA SER B 305 31.22 -12.48 -15.29
C SER B 305 32.30 -12.61 -14.23
N ASN B 306 33.51 -12.91 -14.66
CA ASN B 306 34.68 -12.92 -13.79
C ASN B 306 35.49 -11.64 -13.96
N ALA B 307 34.89 -10.57 -14.50
CA ALA B 307 35.65 -9.36 -14.76
C ALA B 307 36.33 -8.82 -13.51
N LYS B 308 35.64 -8.86 -12.35
CA LYS B 308 36.23 -8.24 -11.16
C LYS B 308 37.49 -8.98 -10.73
N PHE B 309 37.40 -10.31 -10.64
CA PHE B 309 38.58 -11.10 -10.27
C PHE B 309 39.66 -10.95 -11.31
N LEU B 310 39.29 -10.85 -12.59
CA LEU B 310 40.26 -10.73 -13.66
C LEU B 310 41.01 -9.40 -13.57
N ARG B 311 40.30 -8.34 -13.17
CA ARG B 311 40.92 -7.03 -13.02
C ARG B 311 41.78 -6.97 -11.77
N LEU B 312 41.37 -7.62 -10.68
CA LEU B 312 42.15 -7.51 -9.45
C LEU B 312 43.30 -8.49 -9.37
N ASN B 313 43.22 -9.63 -10.06
CA ASN B 313 44.27 -10.65 -9.99
C ASN B 313 44.49 -11.14 -11.43
N PRO B 314 45.10 -10.30 -12.27
CA PRO B 314 45.12 -10.58 -13.70
C PRO B 314 45.93 -11.80 -14.08
N THR B 315 46.92 -12.16 -13.28
CA THR B 315 47.83 -13.25 -13.59
C THR B 315 47.34 -14.59 -13.08
N PHE B 316 46.09 -14.70 -12.63
CA PHE B 316 45.63 -15.97 -12.10
C PHE B 316 45.55 -17.02 -13.20
N GLN B 317 46.03 -18.22 -12.89
CA GLN B 317 46.09 -19.33 -13.84
C GLN B 317 45.08 -20.42 -13.47
N TYR B 318 44.16 -20.70 -14.38
CA TYR B 318 43.20 -21.77 -14.14
C TYR B 318 43.80 -23.14 -14.50
N THR B 319 43.18 -24.19 -13.93
CA THR B 319 43.47 -25.53 -14.40
C THR B 319 42.64 -25.80 -15.64
N PRO B 320 43.24 -26.16 -16.77
CA PRO B 320 42.46 -26.51 -17.95
C PRO B 320 41.45 -27.59 -17.63
N PHE B 321 40.28 -27.45 -18.23
CA PHE B 321 39.14 -28.31 -17.91
C PHE B 321 39.48 -29.80 -18.05
N GLU B 322 40.13 -30.17 -19.16
CA GLU B 322 40.51 -31.57 -19.38
C GLU B 322 41.41 -32.06 -18.26
N GLN B 323 42.37 -31.24 -17.84
CA GLN B 323 43.27 -31.62 -16.75
C GLN B 323 42.48 -31.81 -15.47
N ALA B 324 41.50 -30.94 -15.21
CA ALA B 324 40.70 -31.03 -13.99
C ALA B 324 39.82 -32.27 -13.98
N ILE B 325 39.24 -32.62 -15.13
CA ILE B 325 38.45 -33.85 -15.22
C ILE B 325 39.32 -35.07 -14.99
N LYS B 326 40.52 -35.08 -15.56
CA LYS B 326 41.39 -36.24 -15.35
C LYS B 326 41.70 -36.40 -13.87
N GLU B 327 41.94 -35.30 -13.14
CA GLU B 327 42.24 -35.39 -11.72
C GLU B 327 41.04 -35.87 -10.91
N THR B 328 39.83 -35.41 -11.26
CA THR B 328 38.64 -35.83 -10.52
C THR B 328 38.30 -37.29 -10.81
N VAL B 329 38.37 -37.68 -12.08
CA VAL B 329 38.16 -39.09 -12.41
C VAL B 329 39.20 -39.94 -11.68
N GLN B 330 40.45 -39.49 -11.68
CA GLN B 330 41.50 -40.24 -11.00
C GLN B 330 41.24 -40.35 -9.50
N TRP B 331 40.85 -39.22 -8.86
CA TRP B 331 40.48 -39.30 -7.47
C TRP B 331 39.27 -40.21 -7.29
N PHE B 332 38.29 -40.06 -8.17
CA PHE B 332 37.06 -40.84 -8.08
C PHE B 332 37.33 -42.33 -8.23
N LEU B 333 38.25 -42.69 -9.13
CA LEU B 333 38.62 -44.09 -9.28
C LEU B 333 39.38 -44.62 -8.07
N GLU B 334 40.34 -43.85 -7.55
CA GLU B 334 41.13 -44.36 -6.42
C GLU B 334 40.31 -44.45 -5.14
N ASN B 335 39.18 -43.75 -5.05
CA ASN B 335 38.44 -43.66 -3.81
C ASN B 335 36.97 -44.06 -3.97
N TYR B 336 36.64 -44.79 -5.04
CA TYR B 336 35.24 -45.10 -5.36
C TYR B 336 34.51 -45.72 -4.17
N GLU B 337 35.17 -46.64 -3.47
CA GLU B 337 34.53 -47.32 -2.34
C GLU B 337 34.14 -46.32 -1.25
N THR B 338 34.99 -45.31 -1.02
CA THR B 338 34.76 -44.33 0.04
C THR B 338 34.12 -43.05 -0.48
N ALA B 339 33.82 -42.97 -1.77
CA ALA B 339 33.25 -41.75 -2.33
C ALA B 339 31.74 -41.68 -2.07
N ARG B 340 31.25 -40.45 -1.90
CA ARG B 340 29.82 -40.19 -1.76
C ARG B 340 29.12 -40.47 -3.09
N LYS B 341 28.17 -41.40 -3.08
CA LYS B 341 27.51 -41.84 -4.30
C LYS B 341 25.99 -41.77 -4.14
N HIS C 8 -42.11 -4.78 51.27
CA HIS C 8 -40.66 -4.75 51.08
C HIS C 8 -39.98 -5.91 51.82
N MET C 9 -39.54 -6.92 51.07
CA MET C 9 -38.83 -8.09 51.60
C MET C 9 -39.65 -8.82 52.66
N ALA C 10 -40.95 -8.85 52.47
CA ALA C 10 -41.80 -9.58 53.40
C ALA C 10 -41.81 -11.09 53.09
N GLN C 11 -41.90 -11.46 51.82
CA GLN C 11 -42.08 -12.85 51.43
C GLN C 11 -40.76 -13.59 51.25
N ARG C 12 -40.70 -14.82 51.76
CA ARG C 12 -39.68 -15.76 51.34
C ARG C 12 -39.96 -16.25 49.91
N GLU C 13 -38.95 -16.86 49.28
CA GLU C 13 -39.10 -17.34 47.92
C GLU C 13 -40.11 -18.48 47.83
N VAL C 14 -40.29 -19.22 48.90
CA VAL C 14 -41.24 -20.31 48.91
C VAL C 14 -42.24 -20.11 50.05
N SER C 15 -43.45 -20.62 49.82
CA SER C 15 -44.45 -20.68 50.88
C SER C 15 -43.99 -21.67 51.95
N ASP C 16 -44.49 -21.47 53.17
CA ASP C 16 -44.15 -22.39 54.26
C ASP C 16 -44.61 -23.81 53.95
N GLN C 17 -45.78 -23.97 53.36
CA GLN C 17 -46.39 -25.22 52.96
C GLN C 17 -46.76 -25.18 51.49
N PRO C 18 -46.79 -26.32 50.82
CA PRO C 18 -47.24 -26.30 49.43
C PRO C 18 -48.72 -25.96 49.39
N ILE C 19 -49.11 -25.23 48.36
CA ILE C 19 -50.53 -24.97 48.12
C ILE C 19 -51.25 -26.29 47.97
N THR C 20 -52.46 -26.37 48.48
CA THR C 20 -53.27 -27.56 48.33
C THR C 20 -54.44 -27.25 47.39
N LEU C 21 -54.49 -27.95 46.28
CA LEU C 21 -55.57 -27.76 45.34
C LEU C 21 -56.82 -28.45 45.85
N THR C 22 -57.98 -27.89 45.51
CA THR C 22 -59.28 -28.46 45.86
C THR C 22 -60.04 -28.72 44.57
N GLN C 23 -61.22 -29.33 44.71
CA GLN C 23 -62.04 -29.64 43.54
C GLN C 23 -62.52 -28.38 42.84
N ASP C 24 -62.52 -27.25 43.53
CA ASP C 24 -62.94 -26.00 42.95
C ASP C 24 -61.84 -25.30 42.16
N ASP C 25 -60.60 -25.80 42.22
CA ASP C 25 -59.52 -25.17 41.48
C ASP C 25 -59.59 -25.55 40.02
N VAL C 26 -59.22 -24.59 39.17
CA VAL C 26 -59.16 -24.79 37.73
C VAL C 26 -57.79 -24.33 37.28
N ILE C 27 -57.07 -25.20 36.59
CA ILE C 27 -55.71 -24.90 36.13
C ILE C 27 -55.71 -24.91 34.60
N LEU C 28 -55.43 -23.77 34.00
CA LEU C 28 -55.37 -23.62 32.55
C LEU C 28 -53.93 -23.73 32.09
N VAL C 29 -53.67 -24.62 31.13
CA VAL C 29 -52.31 -24.77 30.62
C VAL C 29 -52.36 -24.38 29.15
N THR C 30 -51.84 -23.20 28.83
CA THR C 30 -51.62 -22.85 27.44
C THR C 30 -50.43 -23.65 26.93
N GLY C 31 -50.45 -23.93 25.62
CA GLY C 31 -49.44 -24.79 25.07
C GLY C 31 -49.41 -26.17 25.69
N GLY C 32 -50.57 -26.69 26.10
CA GLY C 32 -50.69 -27.96 26.77
C GLY C 32 -50.60 -29.19 25.87
N THR C 33 -50.54 -29.00 24.55
CA THR C 33 -50.47 -30.10 23.60
C THR C 33 -49.05 -30.36 23.10
N GLY C 34 -48.08 -29.50 23.46
CA GLY C 34 -46.70 -29.67 23.04
C GLY C 34 -45.89 -30.59 23.96
N LEU C 35 -44.58 -30.55 23.76
CA LEU C 35 -43.67 -31.40 24.55
C LEU C 35 -43.80 -31.15 26.06
N PHE C 36 -43.62 -29.91 26.47
CA PHE C 36 -43.69 -29.58 27.90
C PHE C 36 -45.10 -29.80 28.47
N GLY C 37 -46.13 -29.36 27.73
CA GLY C 37 -47.50 -29.53 28.20
C GLY C 37 -47.90 -30.99 28.38
N LYS C 38 -47.55 -31.85 27.42
CA LYS C 38 -47.86 -33.27 27.53
C LYS C 38 -47.15 -33.92 28.71
N ALA C 39 -45.91 -33.48 29.00
CA ALA C 39 -45.22 -34.03 30.16
C ALA C 39 -45.94 -33.64 31.45
N VAL C 40 -46.39 -32.38 31.53
CA VAL C 40 -47.20 -31.95 32.67
C VAL C 40 -48.45 -32.79 32.76
N GLU C 41 -49.14 -32.98 31.62
CA GLU C 41 -50.36 -33.79 31.62
C GLU C 41 -50.07 -35.21 32.09
N HIS C 42 -48.93 -35.76 31.69
CA HIS C 42 -48.59 -37.10 32.12
C HIS C 42 -48.40 -37.17 33.65
N ILE C 43 -47.66 -36.22 34.23
CA ILE C 43 -47.42 -36.22 35.67
C ILE C 43 -48.70 -35.98 36.46
N VAL C 44 -49.53 -35.02 36.04
CA VAL C 44 -50.81 -34.75 36.70
C VAL C 44 -51.64 -36.03 36.79
N LYS C 45 -51.64 -36.85 35.74
CA LYS C 45 -52.36 -38.11 35.79
C LYS C 45 -51.62 -39.16 36.60
N LYS C 46 -50.29 -39.21 36.46
CA LYS C 46 -49.52 -40.22 37.18
C LYS C 46 -49.63 -40.02 38.68
N GLU C 47 -49.47 -38.78 39.15
CA GLU C 47 -49.52 -38.46 40.57
C GLU C 47 -50.93 -38.15 41.04
N GLN C 48 -51.94 -38.22 40.16
CA GLN C 48 -53.35 -38.01 40.53
C GLN C 48 -53.55 -36.69 41.28
N ILE C 49 -52.93 -35.63 40.76
CA ILE C 49 -53.10 -34.29 41.30
C ILE C 49 -54.56 -33.85 41.15
N LYS C 50 -55.07 -33.12 42.16
CA LYS C 50 -56.44 -32.68 42.19
C LYS C 50 -56.62 -31.43 41.34
N GLY C 51 -57.88 -31.04 41.15
CA GLY C 51 -58.21 -29.86 40.38
C GLY C 51 -58.74 -30.21 39.00
N LYS C 52 -59.37 -29.25 38.37
CA LYS C 52 -59.78 -29.40 36.97
C LYS C 52 -58.70 -28.80 36.09
N TRP C 53 -58.05 -29.64 35.29
CA TRP C 53 -56.93 -29.26 34.43
C TRP C 53 -57.38 -29.16 32.99
N VAL C 54 -57.09 -28.04 32.35
CA VAL C 54 -57.44 -27.81 30.95
C VAL C 54 -56.15 -27.59 30.17
N PHE C 55 -55.87 -28.50 29.21
CA PHE C 55 -54.66 -28.45 28.39
C PHE C 55 -55.06 -27.93 27.02
N LEU C 56 -54.72 -26.67 26.76
CA LEU C 56 -55.11 -26.00 25.53
C LEU C 56 -54.15 -26.29 24.39
N GLY C 57 -54.68 -26.24 23.17
CA GLY C 57 -53.86 -26.19 21.97
C GLY C 57 -54.36 -25.09 21.06
N SER C 58 -53.72 -24.98 19.89
CA SER C 58 -54.15 -23.98 18.90
C SER C 58 -55.60 -24.16 18.51
N LYS C 59 -56.10 -25.40 18.43
CA LYS C 59 -57.49 -25.63 18.04
C LYS C 59 -58.46 -24.97 19.00
N ASP C 60 -58.07 -24.76 20.25
CA ASP C 60 -58.95 -24.13 21.22
C ASP C 60 -58.99 -22.62 21.04
N GLY C 61 -58.05 -22.07 20.28
CA GLY C 61 -58.02 -20.65 20.06
C GLY C 61 -56.62 -20.10 19.88
N ASP C 62 -56.51 -19.14 18.95
CA ASP C 62 -55.24 -18.50 18.63
C ASP C 62 -54.93 -17.46 19.72
N LEU C 63 -53.99 -17.77 20.60
CA LEU C 63 -53.73 -16.88 21.72
C LEU C 63 -53.06 -15.56 21.31
N ARG C 64 -52.68 -15.43 20.04
CA ARG C 64 -52.17 -14.16 19.54
C ARG C 64 -53.27 -13.12 19.37
N ASP C 65 -54.51 -13.56 19.19
CA ASP C 65 -55.68 -12.68 19.06
C ASP C 65 -56.22 -12.36 20.45
N ALA C 66 -56.40 -11.08 20.73
CA ALA C 66 -56.82 -10.68 22.07
C ALA C 66 -58.20 -11.22 22.41
N ASP C 67 -59.13 -11.19 21.47
CA ASP C 67 -60.46 -11.70 21.75
C ASP C 67 -60.44 -13.23 21.91
N ALA C 68 -59.71 -13.93 21.04
CA ALA C 68 -59.63 -15.38 21.17
C ALA C 68 -59.01 -15.77 22.48
N CYS C 69 -58.07 -14.96 22.95
CA CYS C 69 -57.40 -15.26 24.20
C CYS C 69 -58.34 -15.19 25.40
N LYS C 70 -59.35 -14.31 25.36
CA LYS C 70 -60.26 -14.18 26.50
C LYS C 70 -61.20 -15.38 26.65
N GLN C 71 -61.56 -16.06 25.56
CA GLN C 71 -62.63 -17.07 25.65
C GLN C 71 -62.32 -18.23 26.60
N PRO C 72 -61.14 -18.84 26.62
CA PRO C 72 -60.89 -19.88 27.63
C PRO C 72 -60.92 -19.36 29.06
N PHE C 73 -60.51 -18.10 29.29
CA PHE C 73 -60.58 -17.54 30.63
C PHE C 73 -62.02 -17.33 31.05
N GLU C 74 -62.84 -16.80 30.13
CA GLU C 74 -64.25 -16.60 30.42
C GLU C 74 -64.95 -17.92 30.67
N LYS C 75 -64.61 -18.96 29.89
CA LYS C 75 -65.32 -20.22 30.03
C LYS C 75 -64.85 -20.99 31.27
N TYR C 76 -63.55 -21.05 31.50
CA TYR C 76 -63.02 -21.90 32.57
C TYR C 76 -62.74 -21.16 33.87
N ARG C 77 -62.60 -19.84 33.83
CA ARG C 77 -62.29 -19.04 35.02
C ARG C 77 -61.18 -19.67 35.86
N PRO C 78 -59.95 -19.73 35.39
CA PRO C 78 -58.93 -20.45 36.15
C PRO C 78 -58.56 -19.72 37.43
N THR C 79 -58.11 -20.50 38.41
CA THR C 79 -57.44 -20.00 39.60
C THR C 79 -55.93 -20.05 39.49
N TYR C 80 -55.38 -20.91 38.61
CA TYR C 80 -53.95 -21.02 38.34
C TYR C 80 -53.74 -21.16 36.84
N VAL C 81 -52.64 -20.60 36.34
CA VAL C 81 -52.32 -20.71 34.92
C VAL C 81 -50.86 -21.10 34.77
N ILE C 82 -50.64 -22.14 33.98
CA ILE C 82 -49.31 -22.50 33.50
C ILE C 82 -49.28 -22.11 32.03
N HIS C 83 -48.46 -21.11 31.71
CA HIS C 83 -48.40 -20.49 30.38
C HIS C 83 -47.17 -21.05 29.66
N LEU C 84 -47.38 -22.07 28.82
CA LEU C 84 -46.30 -22.64 28.03
C LEU C 84 -46.34 -22.26 26.57
N ALA C 85 -47.46 -21.75 26.07
CA ALA C 85 -47.62 -21.51 24.64
C ALA C 85 -46.61 -20.49 24.16
N ALA C 86 -46.06 -20.73 22.97
CA ALA C 86 -45.12 -19.82 22.33
C ALA C 86 -45.13 -20.07 20.84
N PHE C 87 -44.67 -19.10 20.07
CA PHE C 87 -44.47 -19.31 18.65
C PHE C 87 -42.99 -19.64 18.48
N VAL C 88 -42.73 -20.90 18.15
CA VAL C 88 -41.38 -21.45 18.09
C VAL C 88 -40.98 -21.73 16.66
N GLY C 89 -41.77 -21.28 15.68
CA GLY C 89 -41.47 -21.54 14.30
C GLY C 89 -42.52 -22.35 13.57
N GLY C 90 -42.75 -22.02 12.31
CA GLY C 90 -43.77 -22.65 11.51
C GLY C 90 -43.18 -23.59 10.47
N LEU C 91 -44.09 -24.27 9.77
CA LEU C 91 -43.66 -25.27 8.81
C LEU C 91 -43.06 -24.66 7.54
N PHE C 92 -43.38 -23.40 7.22
CA PHE C 92 -42.99 -22.78 5.97
C PHE C 92 -42.20 -21.49 6.22
N LYS C 93 -41.31 -21.15 5.28
CA LYS C 93 -40.38 -20.05 5.50
C LYS C 93 -41.08 -18.70 5.61
N ASN C 94 -42.25 -18.57 4.98
CA ASN C 94 -42.98 -17.30 5.00
C ASN C 94 -43.39 -16.90 6.43
N MET C 95 -43.53 -17.86 7.34
CA MET C 95 -44.00 -17.54 8.67
C MET C 95 -42.87 -17.45 9.69
N ASN C 96 -41.61 -17.38 9.25
CA ASN C 96 -40.48 -17.50 10.15
C ASN C 96 -39.54 -16.29 10.17
N PHE C 97 -39.87 -15.20 9.48
CA PHE C 97 -39.17 -13.94 9.69
C PHE C 97 -39.12 -13.55 11.17
N LYS C 98 -38.01 -12.93 11.58
CA LYS C 98 -37.89 -12.40 12.94
C LYS C 98 -39.04 -11.47 13.30
N VAL C 99 -39.57 -10.75 12.30
CA VAL C 99 -40.76 -9.93 12.50
C VAL C 99 -41.84 -10.78 13.17
N SER C 100 -42.05 -11.99 12.67
CA SER C 100 -43.07 -12.87 13.23
C SER C 100 -42.69 -13.37 14.61
N PHE C 101 -41.42 -13.74 14.82
CA PHE C 101 -41.04 -14.24 16.13
C PHE C 101 -41.28 -13.19 17.19
N TRP C 102 -41.08 -11.91 16.85
CA TRP C 102 -41.37 -10.82 17.78
C TRP C 102 -42.87 -10.63 18.00
N LEU C 103 -43.63 -10.38 16.91
CA LEU C 103 -45.04 -10.02 17.03
C LEU C 103 -45.88 -11.14 17.61
N ASP C 104 -45.74 -12.35 17.07
CA ASP C 104 -46.55 -13.48 17.53
C ASP C 104 -46.34 -13.76 19.01
N ASN C 105 -45.08 -13.68 19.47
CA ASN C 105 -44.84 -14.00 20.87
C ASN C 105 -45.23 -12.84 21.80
N VAL C 106 -44.91 -11.60 21.41
CA VAL C 106 -45.17 -10.51 22.32
C VAL C 106 -46.68 -10.26 22.41
N ASN C 107 -47.42 -10.48 21.33
CA ASN C 107 -48.89 -10.34 21.40
C ASN C 107 -49.50 -11.43 22.25
N MET C 108 -49.08 -12.68 22.01
CA MET C 108 -49.57 -13.80 22.79
C MET C 108 -49.26 -13.62 24.28
N ASN C 109 -48.03 -13.22 24.60
CA ASN C 109 -47.66 -13.03 26.00
C ASN C 109 -48.43 -11.87 26.64
N ASN C 110 -48.53 -10.73 25.93
CA ASN C 110 -49.27 -9.61 26.45
C ASN C 110 -50.73 -9.99 26.73
N ASN C 111 -51.36 -10.70 25.78
CA ASN C 111 -52.76 -11.08 25.94
C ASN C 111 -52.95 -11.96 27.16
N ILE C 112 -52.10 -12.99 27.30
CA ILE C 112 -52.28 -14.02 28.32
C ILE C 112 -52.07 -13.43 29.72
N LEU C 113 -50.98 -12.69 29.91
CA LEU C 113 -50.77 -12.14 31.24
C LEU C 113 -51.87 -11.14 31.60
N THR C 114 -52.32 -10.34 30.62
CA THR C 114 -53.41 -9.40 30.86
C THR C 114 -54.68 -10.12 31.29
N CYS C 115 -55.02 -11.22 30.61
CA CYS C 115 -56.15 -12.05 31.00
C CYS C 115 -55.96 -12.67 32.38
N CYS C 116 -54.73 -13.06 32.71
CA CYS C 116 -54.51 -13.63 34.04
C CYS C 116 -54.84 -12.60 35.11
N TYR C 117 -54.42 -11.36 34.89
CA TYR C 117 -54.67 -10.32 35.88
C TYR C 117 -56.15 -9.98 35.93
N ASP C 118 -56.77 -9.77 34.77
CA ASP C 118 -58.17 -9.34 34.73
C ASP C 118 -59.08 -10.37 35.37
N PHE C 119 -58.76 -11.65 35.24
CA PHE C 119 -59.58 -12.71 35.80
C PHE C 119 -59.12 -13.14 37.20
N GLY C 120 -58.22 -12.39 37.82
CA GLY C 120 -57.83 -12.65 39.21
C GLY C 120 -57.17 -13.99 39.45
N VAL C 121 -56.34 -14.45 38.51
CA VAL C 121 -55.62 -15.71 38.67
C VAL C 121 -54.68 -15.59 39.86
N LYS C 122 -54.66 -16.63 40.70
CA LYS C 122 -53.84 -16.56 41.92
C LYS C 122 -52.35 -16.56 41.60
N LYS C 123 -51.91 -17.48 40.74
CA LYS C 123 -50.50 -17.57 40.38
C LYS C 123 -50.40 -17.99 38.91
N THR C 124 -49.53 -17.32 38.18
CA THR C 124 -49.27 -17.59 36.78
C THR C 124 -47.78 -17.91 36.65
N ILE C 125 -47.45 -19.05 36.03
CA ILE C 125 -46.07 -19.45 35.80
C ILE C 125 -45.83 -19.45 34.30
N SER C 126 -44.90 -18.64 33.84
CA SER C 126 -44.54 -18.57 32.44
C SER C 126 -43.21 -19.27 32.21
N CYS C 127 -42.85 -19.39 30.95
CA CYS C 127 -41.72 -20.19 30.54
C CYS C 127 -40.75 -19.37 29.69
N LEU C 128 -39.51 -19.25 30.15
CA LEU C 128 -38.42 -18.59 29.44
C LEU C 128 -37.53 -19.66 28.84
N SER C 129 -36.26 -19.33 28.63
CA SER C 129 -35.35 -20.32 28.06
C SER C 129 -33.90 -19.92 28.36
N THR C 130 -33.04 -20.92 28.51
CA THR C 130 -31.64 -20.59 28.74
C THR C 130 -30.97 -20.00 27.51
N CYS C 131 -31.59 -20.08 26.33
CA CYS C 131 -31.03 -19.55 25.08
CA CYS C 131 -30.97 -19.53 25.12
C CYS C 131 -31.40 -18.09 24.84
N VAL C 132 -31.95 -17.40 25.84
CA VAL C 132 -32.32 -16.00 25.69
C VAL C 132 -31.45 -15.09 26.55
N PHE C 133 -30.43 -15.65 27.20
CA PHE C 133 -29.54 -14.89 28.06
C PHE C 133 -28.55 -14.09 27.24
N PRO C 134 -27.89 -13.11 27.87
CA PRO C 134 -26.90 -12.32 27.11
C PRO C 134 -25.85 -13.23 26.51
N ASP C 135 -25.41 -12.87 25.30
CA ASP C 135 -24.38 -13.63 24.59
C ASP C 135 -23.04 -13.52 25.31
N LYS C 136 -22.66 -12.30 25.70
CA LYS C 136 -21.46 -12.04 26.49
C LYS C 136 -21.82 -12.18 27.97
N ILE C 137 -21.35 -13.26 28.59
CA ILE C 137 -21.76 -13.60 29.94
C ILE C 137 -20.70 -14.52 30.54
N GLU C 138 -20.65 -14.56 31.87
CA GLU C 138 -19.75 -15.49 32.54
C GLU C 138 -20.58 -16.66 33.02
N TYR C 139 -20.04 -17.83 32.89
CA TYR C 139 -20.61 -19.11 33.25
C TYR C 139 -20.21 -19.52 34.67
N PRO C 140 -21.09 -20.21 35.40
CA PRO C 140 -22.40 -20.66 34.93
C PRO C 140 -23.40 -19.53 34.97
N ILE C 141 -24.30 -19.53 33.99
CA ILE C 141 -25.35 -18.53 33.88
C ILE C 141 -26.32 -18.65 35.05
N THR C 142 -26.61 -17.52 35.68
CA THR C 142 -27.53 -17.44 36.81
C THR C 142 -28.71 -16.55 36.43
N GLU C 143 -29.86 -16.79 37.08
CA GLU C 143 -31.11 -16.12 36.73
C GLU C 143 -31.03 -14.59 36.73
N GLU C 144 -30.24 -14.00 37.62
CA GLU C 144 -30.20 -12.54 37.67
C GLU C 144 -29.49 -11.91 36.47
N LYS C 145 -28.81 -12.68 35.62
CA LYS C 145 -28.12 -12.11 34.46
C LYS C 145 -29.01 -11.98 33.22
N LEU C 146 -30.31 -12.29 33.34
CA LEU C 146 -31.23 -12.34 32.21
C LEU C 146 -31.18 -11.09 31.31
N HIS C 147 -31.10 -9.90 31.91
CA HIS C 147 -31.18 -8.65 31.14
C HIS C 147 -29.83 -7.94 31.00
N GLU C 148 -28.73 -8.60 31.32
CA GLU C 148 -27.41 -7.96 31.34
C GLU C 148 -26.73 -8.01 29.97
N GLY C 149 -27.42 -7.48 28.96
CA GLY C 149 -26.81 -7.37 27.64
C GLY C 149 -27.56 -8.06 26.54
N PRO C 150 -27.21 -7.78 25.29
CA PRO C 150 -28.01 -8.29 24.18
C PRO C 150 -27.86 -9.78 24.00
N PRO C 151 -28.92 -10.44 23.61
CA PRO C 151 -28.86 -11.89 23.38
C PRO C 151 -28.14 -12.21 22.09
N HIS C 152 -27.96 -13.50 21.83
CA HIS C 152 -27.34 -13.89 20.56
C HIS C 152 -28.21 -13.47 19.38
N PHE C 153 -27.57 -13.17 18.25
CA PHE C 153 -28.26 -12.61 17.09
C PHE C 153 -29.28 -13.58 16.47
N SER C 154 -28.98 -14.87 16.46
CA SER C 154 -29.71 -15.82 15.62
C SER C 154 -31.19 -15.94 15.99
N ASN C 155 -31.52 -15.82 17.27
CA ASN C 155 -32.91 -15.93 17.73
C ASN C 155 -33.30 -14.71 18.55
N ASN C 156 -32.77 -13.53 18.19
CA ASN C 156 -32.87 -12.41 19.12
C ASN C 156 -34.29 -11.85 19.21
N ALA C 157 -35.12 -12.05 18.17
CA ALA C 157 -36.53 -11.68 18.27
C ALA C 157 -37.25 -12.59 19.25
N TYR C 158 -37.04 -13.90 19.09
CA TYR C 158 -37.58 -14.85 20.05
C TYR C 158 -37.11 -14.52 21.46
N ALA C 159 -35.83 -14.21 21.62
CA ALA C 159 -35.25 -14.00 22.94
C ALA C 159 -35.81 -12.73 23.59
N TYR C 160 -35.94 -11.64 22.82
CA TYR C 160 -36.44 -10.39 23.38
C TYR C 160 -37.90 -10.52 23.82
N ALA C 161 -38.71 -11.26 23.06
CA ALA C 161 -40.08 -11.51 23.48
C ALA C 161 -40.12 -12.20 24.84
N LYS C 162 -39.21 -13.16 25.05
CA LYS C 162 -39.14 -13.86 26.35
C LYS C 162 -38.70 -12.90 27.45
N ARG C 163 -37.71 -12.05 27.16
CA ARG C 163 -37.32 -11.06 28.16
C ARG C 163 -38.48 -10.16 28.53
N MET C 164 -39.24 -9.70 27.54
CA MET C 164 -40.37 -8.83 27.79
C MET C 164 -41.53 -9.60 28.41
N LEU C 165 -41.55 -10.91 28.25
CA LEU C 165 -42.50 -11.73 29.02
C LEU C 165 -42.15 -11.72 30.50
N ASP C 166 -40.86 -11.83 30.83
CA ASP C 166 -40.42 -11.70 32.22
C ASP C 166 -40.75 -10.32 32.79
N MET C 167 -40.46 -9.26 32.04
CA MET C 167 -40.70 -7.90 32.52
C MET C 167 -42.19 -7.63 32.73
N LEU C 168 -43.03 -8.06 31.79
CA LEU C 168 -44.48 -7.86 31.95
C LEU C 168 -45.01 -8.59 33.16
N GLY C 169 -44.41 -9.73 33.52
CA GLY C 169 -44.79 -10.39 34.76
C GLY C 169 -44.48 -9.54 35.97
N ARG C 170 -43.28 -8.95 36.01
CA ARG C 170 -42.92 -8.07 37.12
C ARG C 170 -43.84 -6.86 37.20
N TRP C 171 -44.22 -6.30 36.05
CA TRP C 171 -45.06 -5.11 36.06
C TRP C 171 -46.46 -5.45 36.55
N TYR C 172 -46.95 -6.63 36.22
CA TYR C 172 -48.24 -7.04 36.73
C TYR C 172 -48.16 -7.36 38.21
N ASN C 173 -47.02 -7.83 38.68
CA ASN C 173 -46.87 -7.94 40.13
C ASN C 173 -46.91 -6.57 40.79
N GLU C 174 -46.25 -5.57 40.18
CA GLU C 174 -46.34 -4.21 40.73
C GLU C 174 -47.77 -3.72 40.73
N LYS C 175 -48.51 -3.97 39.64
CA LYS C 175 -49.90 -3.52 39.57
C LYS C 175 -50.74 -4.22 40.63
N ALA C 176 -50.54 -5.52 40.81
CA ALA C 176 -51.28 -6.27 41.82
C ALA C 176 -51.04 -5.75 43.24
N VAL C 177 -49.79 -5.43 43.58
CA VAL C 177 -49.52 -4.86 44.90
C VAL C 177 -50.23 -3.51 45.07
N ASN C 178 -50.12 -2.63 44.06
CA ASN C 178 -50.74 -1.31 44.16
C ASN C 178 -52.26 -1.40 44.26
N GLU C 179 -52.88 -2.38 43.59
CA GLU C 179 -54.33 -2.52 43.60
C GLU C 179 -54.86 -3.49 44.65
N GLY C 180 -54.00 -4.07 45.49
CA GLY C 180 -54.49 -4.99 46.49
C GLY C 180 -55.03 -6.31 45.98
N LYS C 181 -54.74 -6.68 44.74
CA LYS C 181 -55.14 -7.96 44.18
C LYS C 181 -54.16 -9.07 44.58
N SER C 182 -54.66 -10.30 44.63
CA SER C 182 -53.85 -11.46 45.00
C SER C 182 -53.49 -12.25 43.74
N CYS C 183 -52.55 -11.67 42.99
CA CYS C 183 -52.08 -12.24 41.74
C CYS C 183 -50.57 -12.24 41.76
N LEU C 184 -49.98 -13.42 41.60
CA LEU C 184 -48.53 -13.57 41.52
C LEU C 184 -48.16 -14.07 40.13
N PHE C 185 -47.15 -13.44 39.54
CA PHE C 185 -46.57 -13.82 38.25
C PHE C 185 -45.12 -14.17 38.46
N THR C 186 -44.72 -15.36 38.02
CA THR C 186 -43.33 -15.79 38.02
C THR C 186 -43.07 -16.62 36.76
N SER C 187 -41.89 -17.22 36.68
CA SER C 187 -41.53 -17.95 35.48
C SER C 187 -40.42 -18.94 35.80
N VAL C 188 -40.30 -19.93 34.90
CA VAL C 188 -39.25 -20.93 34.96
C VAL C 188 -38.41 -20.79 33.70
N ILE C 189 -37.15 -21.19 33.82
CA ILE C 189 -36.22 -21.11 32.70
C ILE C 189 -35.68 -22.51 32.45
N PRO C 190 -36.36 -23.33 31.66
CA PRO C 190 -35.83 -24.68 31.38
C PRO C 190 -34.66 -24.65 30.42
N THR C 191 -33.79 -25.64 30.56
CA THR C 191 -32.73 -25.87 29.59
C THR C 191 -33.32 -26.73 28.46
N ASN C 192 -32.47 -27.26 27.60
CA ASN C 192 -32.88 -28.11 26.49
C ASN C 192 -33.71 -29.30 26.97
N LEU C 193 -34.95 -29.35 26.52
CA LEU C 193 -35.86 -30.42 26.89
C LEU C 193 -35.85 -31.53 25.85
N PHE C 194 -36.12 -32.76 26.30
CA PHE C 194 -36.39 -33.85 25.38
C PHE C 194 -37.42 -34.78 26.02
N GLY C 195 -38.06 -35.58 25.18
CA GLY C 195 -38.99 -36.56 25.65
C GLY C 195 -40.10 -36.82 24.67
N PRO C 196 -41.10 -37.57 25.10
CA PRO C 196 -42.19 -37.94 24.19
C PRO C 196 -43.00 -36.72 23.76
N HIS C 197 -43.59 -36.84 22.56
CA HIS C 197 -44.42 -35.80 21.93
C HIS C 197 -43.61 -34.57 21.52
N ASP C 198 -42.31 -34.72 21.36
CA ASP C 198 -41.47 -33.65 20.86
C ASP C 198 -41.68 -33.44 19.35
N ASN C 199 -40.98 -32.47 18.80
CA ASN C 199 -40.91 -32.25 17.37
C ASN C 199 -39.63 -32.95 16.87
N PHE C 200 -39.80 -34.06 16.15
CA PHE C 200 -38.64 -34.83 15.71
C PHE C 200 -38.25 -34.49 14.27
N ASN C 201 -38.76 -33.40 13.73
CA ASN C 201 -38.38 -33.00 12.38
C ASN C 201 -36.89 -32.71 12.35
N VAL C 202 -36.19 -33.35 11.41
CA VAL C 202 -34.72 -33.26 11.37
C VAL C 202 -34.27 -31.83 11.12
N GLU C 203 -34.98 -31.10 10.28
CA GLU C 203 -34.53 -29.77 9.93
C GLU C 203 -34.95 -28.75 11.00
N ALA C 204 -36.22 -28.77 11.39
CA ALA C 204 -36.74 -27.72 12.27
C ALA C 204 -36.62 -28.07 13.75
N GLY C 205 -36.53 -29.34 14.12
CA GLY C 205 -36.55 -29.68 15.52
C GLY C 205 -35.23 -29.44 16.21
N HIS C 206 -35.25 -29.56 17.54
CA HIS C 206 -34.07 -29.40 18.37
C HIS C 206 -33.07 -30.53 18.08
N VAL C 207 -31.83 -30.33 18.56
CA VAL C 207 -30.73 -31.22 18.22
C VAL C 207 -31.02 -32.67 18.66
N LEU C 208 -31.44 -32.85 19.91
CA LEU C 208 -31.62 -34.22 20.41
C LEU C 208 -32.77 -34.94 19.72
N PRO C 209 -34.00 -34.39 19.62
CA PRO C 209 -35.03 -35.09 18.84
C PRO C 209 -34.66 -35.29 17.38
N GLY C 210 -33.89 -34.36 16.78
CA GLY C 210 -33.44 -34.56 15.42
C GLY C 210 -32.50 -35.74 15.29
N LEU C 211 -31.61 -35.90 16.28
CA LEU C 211 -30.67 -37.01 16.30
C LEU C 211 -31.37 -38.34 16.44
N MET C 212 -32.46 -38.39 17.20
CA MET C 212 -33.21 -39.64 17.30
C MET C 212 -33.79 -39.99 15.95
N HIS C 213 -34.30 -38.99 15.23
CA HIS C 213 -34.91 -39.24 13.94
C HIS C 213 -33.86 -39.64 12.90
N LYS C 214 -32.70 -39.00 12.92
CA LYS C 214 -31.62 -39.38 12.01
C LYS C 214 -31.16 -40.80 12.28
N CYS C 215 -31.05 -41.18 13.56
CA CYS C 215 -30.65 -42.54 13.88
C CYS C 215 -31.72 -43.52 13.40
N TYR C 216 -32.99 -43.15 13.55
CA TYR C 216 -34.09 -44.00 13.07
C TYR C 216 -33.98 -44.23 11.55
N LYS C 217 -33.78 -43.16 10.78
CA LYS C 217 -33.72 -43.28 9.32
C LYS C 217 -32.48 -44.06 8.86
N ALA C 218 -31.33 -43.82 9.49
CA ALA C 218 -30.10 -44.51 9.11
C ALA C 218 -30.22 -46.01 9.33
N GLN C 219 -30.99 -46.40 10.35
CA GLN C 219 -31.18 -47.81 10.61
C GLN C 219 -32.08 -48.45 9.56
N GLN C 220 -33.14 -47.74 9.14
CA GLN C 220 -34.02 -48.33 8.14
C GLN C 220 -33.34 -48.44 6.80
N ASN C 221 -32.54 -47.44 6.46
CA ASN C 221 -31.88 -47.36 5.17
C ASN C 221 -30.55 -48.08 5.12
N GLY C 222 -30.01 -48.51 6.26
CA GLY C 222 -28.69 -49.10 6.17
C GLY C 222 -27.59 -48.10 5.94
N THR C 223 -27.89 -46.80 6.05
CA THR C 223 -26.93 -45.74 5.81
C THR C 223 -26.22 -45.41 7.13
N ASP C 224 -25.35 -44.40 7.11
CA ASP C 224 -24.60 -44.02 8.30
C ASP C 224 -25.38 -43.05 9.16
N PHE C 225 -25.22 -43.19 10.48
CA PHE C 225 -25.75 -42.21 11.43
C PHE C 225 -24.77 -41.05 11.48
N VAL C 226 -25.16 -39.92 10.91
CA VAL C 226 -24.29 -38.75 10.78
C VAL C 226 -24.76 -37.67 11.74
N VAL C 227 -23.83 -37.21 12.58
CA VAL C 227 -24.07 -36.11 13.50
C VAL C 227 -23.26 -34.93 13.01
N PHE C 228 -23.90 -33.76 12.95
CA PHE C 228 -23.25 -32.54 12.50
C PHE C 228 -22.33 -32.00 13.59
N GLY C 229 -21.04 -31.86 13.30
CA GLY C 229 -20.12 -31.35 14.29
C GLY C 229 -19.15 -32.40 14.78
N SER C 230 -18.12 -31.92 15.47
CA SER C 230 -17.10 -32.82 16.00
C SER C 230 -17.65 -33.77 17.06
N GLY C 231 -18.63 -33.34 17.85
CA GLY C 231 -19.15 -34.20 18.89
C GLY C 231 -18.83 -33.73 20.28
N LYS C 232 -17.83 -32.87 20.44
CA LYS C 232 -17.35 -32.55 21.77
C LYS C 232 -18.01 -31.38 22.49
N PRO C 233 -18.94 -30.60 21.89
CA PRO C 233 -19.63 -29.57 22.68
C PRO C 233 -20.49 -30.19 23.78
N LEU C 234 -20.47 -29.54 24.95
CA LEU C 234 -21.19 -29.98 26.14
C LEU C 234 -22.50 -29.19 26.27
N ARG C 235 -23.58 -29.92 26.56
CA ARG C 235 -24.89 -29.33 26.73
C ARG C 235 -25.62 -30.01 27.90
N GLN C 236 -26.54 -29.26 28.51
CA GLN C 236 -27.42 -29.78 29.54
C GLN C 236 -28.76 -30.17 28.92
N PHE C 237 -29.22 -31.39 29.22
CA PHE C 237 -30.45 -31.92 28.67
C PHE C 237 -31.36 -32.33 29.82
N LEU C 238 -32.60 -31.87 29.78
CA LEU C 238 -33.56 -32.15 30.84
C LEU C 238 -34.72 -32.95 30.25
N TYR C 239 -34.95 -34.13 30.81
CA TYR C 239 -36.09 -34.94 30.46
C TYR C 239 -37.38 -34.17 30.77
N SER C 240 -38.31 -34.16 29.82
CA SER C 240 -39.54 -33.39 29.96
C SER C 240 -40.36 -33.82 31.17
N HIS C 241 -40.32 -35.10 31.52
CA HIS C 241 -41.04 -35.57 32.70
C HIS C 241 -40.41 -35.01 33.98
N ASP C 242 -39.09 -34.87 34.00
CA ASP C 242 -38.46 -34.19 35.12
C ASP C 242 -38.83 -32.71 35.13
N ALA C 243 -38.77 -32.05 33.97
CA ALA C 243 -39.11 -30.64 33.92
C ALA C 243 -40.54 -30.40 34.38
N ALA C 244 -41.46 -31.32 34.02
CA ALA C 244 -42.85 -31.15 34.43
C ALA C 244 -42.98 -31.19 35.95
N ARG C 245 -42.25 -32.11 36.61
CA ARG C 245 -42.33 -32.20 38.07
C ARG C 245 -41.75 -30.94 38.73
N MET C 246 -40.62 -30.43 38.19
CA MET C 246 -40.03 -29.21 38.71
C MET C 246 -40.97 -28.03 38.55
N LEU C 247 -41.67 -27.96 37.43
CA LEU C 247 -42.64 -26.91 37.19
C LEU C 247 -43.80 -27.01 38.17
N LEU C 248 -44.30 -28.23 38.41
CA LEU C 248 -45.39 -28.40 39.34
C LEU C 248 -44.94 -28.07 40.76
N TRP C 249 -43.73 -28.50 41.13
CA TRP C 249 -43.17 -28.04 42.39
C TRP C 249 -43.16 -26.52 42.46
N THR C 250 -42.79 -25.87 41.36
CA THR C 250 -42.75 -24.40 41.31
C THR C 250 -44.15 -23.82 41.57
N MET C 251 -45.16 -24.39 40.91
CA MET C 251 -46.52 -23.89 41.10
C MET C 251 -46.95 -24.02 42.55
N PHE C 252 -46.57 -25.13 43.19
CA PHE C 252 -47.06 -25.41 44.53
C PHE C 252 -46.33 -24.62 45.61
N ASN C 253 -45.07 -24.26 45.37
CA ASN C 253 -44.23 -23.79 46.47
C ASN C 253 -43.57 -22.43 46.23
N TYR C 254 -43.33 -22.06 44.98
CA TYR C 254 -42.41 -20.99 44.65
C TYR C 254 -43.15 -19.66 44.57
N GLN C 255 -42.76 -18.68 45.39
CA GLN C 255 -43.44 -17.39 45.48
C GLN C 255 -42.66 -16.24 44.86
N SER C 256 -41.39 -16.41 44.56
CA SER C 256 -40.63 -15.26 44.11
C SER C 256 -40.98 -14.90 42.67
N GLU C 257 -40.94 -13.60 42.39
CA GLU C 257 -41.12 -13.16 41.02
C GLU C 257 -39.86 -13.34 40.18
N GLU C 258 -38.73 -13.65 40.79
CA GLU C 258 -37.53 -13.94 40.02
C GLU C 258 -37.67 -15.32 39.34
N PRO C 259 -37.29 -15.42 38.07
CA PRO C 259 -37.32 -16.72 37.38
C PRO C 259 -36.44 -17.73 38.10
N ILE C 260 -36.79 -19.01 37.97
CA ILE C 260 -35.99 -20.09 38.51
C ILE C 260 -35.62 -21.06 37.38
N MET C 261 -34.34 -21.42 37.31
CA MET C 261 -33.86 -22.32 36.25
C MET C 261 -34.31 -23.75 36.51
N LEU C 262 -34.71 -24.42 35.46
CA LEU C 262 -34.99 -25.86 35.52
C LEU C 262 -33.90 -26.51 34.66
N CYS C 263 -32.91 -27.10 35.30
CA CYS C 263 -31.83 -27.74 34.56
C CYS C 263 -31.12 -28.72 35.48
N VAL C 264 -30.09 -29.37 34.93
CA VAL C 264 -29.29 -30.33 35.67
C VAL C 264 -28.00 -29.67 36.13
N SER C 265 -27.29 -30.35 37.02
CA SER C 265 -26.01 -29.87 37.51
C SER C 265 -24.96 -29.90 36.40
N GLU C 266 -23.86 -29.19 36.61
CA GLU C 266 -22.84 -29.14 35.57
C GLU C 266 -22.24 -30.53 35.31
N GLU C 267 -22.08 -31.34 36.36
CA GLU C 267 -21.51 -32.68 36.17
C GLU C 267 -22.39 -33.54 35.28
N ASP C 268 -23.69 -33.26 35.22
CA ASP C 268 -24.57 -34.09 34.43
C ASP C 268 -24.62 -33.67 32.96
N GLU C 269 -23.86 -32.65 32.56
CA GLU C 269 -23.84 -32.24 31.17
C GLU C 269 -23.10 -33.27 30.29
N LYS C 270 -23.77 -33.72 29.23
CA LYS C 270 -23.25 -34.65 28.24
C LYS C 270 -22.70 -33.92 27.03
N SER C 271 -21.69 -34.50 26.40
CA SER C 271 -21.26 -33.97 25.10
C SER C 271 -22.24 -34.43 24.02
N ILE C 272 -22.22 -33.74 22.88
CA ILE C 272 -23.09 -34.12 21.76
C ILE C 272 -22.77 -35.54 21.29
N GLY C 273 -21.48 -35.89 21.26
CA GLY C 273 -21.08 -37.25 20.92
C GLY C 273 -21.58 -38.29 21.92
N GLN C 274 -21.53 -37.96 23.21
CA GLN C 274 -22.08 -38.85 24.23
C GLN C 274 -23.58 -39.03 24.03
N VAL C 275 -24.28 -37.94 23.72
CA VAL C 275 -25.71 -38.01 23.46
C VAL C 275 -25.97 -38.89 22.25
N ALA C 276 -25.18 -38.71 21.19
CA ALA C 276 -25.31 -39.52 20.01
C ALA C 276 -25.07 -40.99 20.33
N GLN C 277 -24.06 -41.29 21.15
CA GLN C 277 -23.77 -42.69 21.47
C GLN C 277 -24.92 -43.34 22.23
N THR C 278 -25.49 -42.60 23.19
CA THR C 278 -26.62 -43.11 23.96
C THR C 278 -27.81 -43.38 23.06
N ILE C 279 -28.04 -42.50 22.07
CA ILE C 279 -29.12 -42.72 21.11
C ILE C 279 -28.84 -43.94 20.24
N LYS C 280 -27.59 -44.07 19.74
CA LYS C 280 -27.24 -45.24 18.93
C LYS C 280 -27.50 -46.51 19.72
N ASP C 281 -27.06 -46.55 20.98
CA ASP C 281 -27.21 -47.76 21.78
C ASP C 281 -28.62 -47.96 22.32
N ALA C 282 -29.55 -47.03 22.07
CA ALA C 282 -30.93 -47.21 22.50
C ALA C 282 -31.79 -47.66 21.35
N PHE C 283 -31.40 -47.30 20.14
CA PHE C 283 -31.99 -47.89 18.94
C PHE C 283 -31.39 -49.27 18.66
N ASN C 284 -30.34 -49.66 19.38
CA ASN C 284 -29.56 -50.85 19.07
C ASN C 284 -29.04 -50.81 17.63
N PHE C 285 -28.68 -49.61 17.20
CA PHE C 285 -28.11 -49.37 15.88
C PHE C 285 -26.67 -49.86 15.82
N THR C 286 -26.38 -50.72 14.86
CA THR C 286 -25.06 -51.34 14.76
C THR C 286 -24.22 -50.83 13.58
N GLY C 287 -24.77 -49.96 12.74
CA GLY C 287 -23.98 -49.36 11.68
C GLY C 287 -22.96 -48.38 12.21
N ASN C 288 -22.41 -47.53 11.33
CA ASN C 288 -21.38 -46.58 11.74
C ASN C 288 -21.99 -45.24 12.13
N MET C 289 -21.46 -44.67 13.22
CA MET C 289 -21.74 -43.30 13.61
C MET C 289 -20.55 -42.45 13.18
N VAL C 290 -20.83 -41.37 12.44
CA VAL C 290 -19.79 -40.57 11.79
C VAL C 290 -20.03 -39.10 12.14
N PHE C 291 -18.95 -38.37 12.38
CA PHE C 291 -19.02 -36.97 12.79
C PHE C 291 -18.69 -36.09 11.58
N ASP C 292 -19.69 -35.34 11.13
CA ASP C 292 -19.54 -34.44 9.99
C ASP C 292 -18.97 -33.12 10.49
N THR C 293 -17.65 -32.94 10.32
CA THR C 293 -16.98 -31.74 10.77
C THR C 293 -16.93 -30.64 9.71
N SER C 294 -17.77 -30.73 8.67
CA SER C 294 -17.96 -29.59 7.78
C SER C 294 -18.83 -28.53 8.46
N LYS C 295 -19.78 -28.94 9.30
CA LYS C 295 -20.44 -27.99 10.18
C LYS C 295 -19.46 -27.55 11.26
N ALA C 296 -19.36 -26.24 11.49
CA ALA C 296 -18.57 -25.77 12.62
C ALA C 296 -19.32 -26.06 13.92
N ASP C 297 -18.55 -26.42 14.94
CA ASP C 297 -19.13 -26.69 16.25
C ASP C 297 -19.88 -25.46 16.76
N GLY C 298 -20.77 -25.69 17.72
CA GLY C 298 -21.37 -24.60 18.45
C GLY C 298 -20.38 -24.04 19.45
N GLN C 299 -20.91 -23.24 20.39
CA GLN C 299 -20.09 -22.86 21.53
C GLN C 299 -19.75 -24.11 22.33
N TYR C 300 -18.49 -24.22 22.78
CA TYR C 300 -18.09 -25.43 23.50
C TYR C 300 -18.98 -25.66 24.72
N LYS C 301 -19.16 -24.64 25.57
CA LYS C 301 -19.99 -24.73 26.77
C LYS C 301 -20.97 -23.57 26.85
N LYS C 302 -22.18 -23.87 27.29
CA LYS C 302 -23.17 -22.84 27.61
C LYS C 302 -23.89 -23.22 28.92
N THR C 303 -23.13 -23.31 30.00
CA THR C 303 -23.61 -23.89 31.25
C THR C 303 -24.54 -22.94 32.01
N SER C 304 -25.71 -23.43 32.39
CA SER C 304 -26.59 -22.67 33.27
C SER C 304 -26.57 -23.29 34.66
N SER C 305 -26.76 -22.44 35.67
CA SER C 305 -26.71 -22.85 37.06
C SER C 305 -28.07 -23.38 37.52
N ASN C 306 -28.06 -24.54 38.16
CA ASN C 306 -29.23 -25.09 38.82
C ASN C 306 -29.20 -24.87 40.32
N ALA C 307 -28.36 -23.93 40.79
CA ALA C 307 -28.14 -23.73 42.23
C ALA C 307 -29.43 -23.41 42.97
N LYS C 308 -30.31 -22.61 42.36
CA LYS C 308 -31.49 -22.15 43.09
C LYS C 308 -32.48 -23.29 43.35
N PHE C 309 -32.82 -24.06 42.32
CA PHE C 309 -33.73 -25.17 42.51
C PHE C 309 -33.12 -26.21 43.45
N LEU C 310 -31.82 -26.45 43.35
CA LEU C 310 -31.15 -27.41 44.22
C LEU C 310 -31.19 -26.94 45.67
N ARG C 311 -31.08 -25.63 45.90
CA ARG C 311 -31.13 -25.09 47.25
C ARG C 311 -32.54 -25.17 47.86
N LEU C 312 -33.59 -24.90 47.07
CA LEU C 312 -34.97 -24.90 47.56
C LEU C 312 -35.62 -26.27 47.59
N ASN C 313 -35.19 -27.20 46.73
CA ASN C 313 -35.78 -28.54 46.66
C ASN C 313 -34.63 -29.53 46.53
N PRO C 314 -33.82 -29.68 47.58
CA PRO C 314 -32.60 -30.49 47.45
C PRO C 314 -32.85 -31.98 47.25
N THR C 315 -33.99 -32.53 47.65
CA THR C 315 -34.22 -33.98 47.58
C THR C 315 -34.83 -34.43 46.25
N PHE C 316 -34.92 -33.54 45.27
CA PHE C 316 -35.53 -33.88 44.00
C PHE C 316 -34.69 -34.94 43.30
N GLN C 317 -35.35 -35.96 42.78
CA GLN C 317 -34.67 -37.09 42.14
C GLN C 317 -34.86 -36.98 40.64
N TYR C 318 -33.76 -36.85 39.91
CA TYR C 318 -33.83 -36.75 38.47
C TYR C 318 -33.93 -38.16 37.85
N THR C 319 -34.46 -38.21 36.63
CA THR C 319 -34.39 -39.45 35.88
C THR C 319 -33.00 -39.58 35.25
N PRO C 320 -32.30 -40.68 35.48
CA PRO C 320 -31.00 -40.87 34.81
C PRO C 320 -31.15 -40.73 33.30
N PHE C 321 -30.13 -40.11 32.69
CA PHE C 321 -30.20 -39.74 31.28
C PHE C 321 -30.44 -40.96 30.40
N GLU C 322 -29.68 -42.03 30.63
CA GLU C 322 -29.81 -43.24 29.82
C GLU C 322 -31.22 -43.80 29.89
N GLN C 323 -31.82 -43.80 31.08
CA GLN C 323 -33.20 -44.27 31.20
C GLN C 323 -34.16 -43.33 30.48
N ALA C 324 -33.92 -42.01 30.57
CA ALA C 324 -34.81 -41.06 29.89
C ALA C 324 -34.71 -41.19 28.36
N ILE C 325 -33.50 -41.36 27.84
CA ILE C 325 -33.31 -41.56 26.40
C ILE C 325 -33.95 -42.87 25.95
N LYS C 326 -33.79 -43.95 26.73
CA LYS C 326 -34.43 -45.21 26.35
C LYS C 326 -35.95 -45.08 26.31
N GLU C 327 -36.55 -44.37 27.28
CA GLU C 327 -38.00 -44.19 27.30
C GLU C 327 -38.47 -43.33 26.13
N THR C 328 -37.73 -42.27 25.79
CA THR C 328 -38.14 -41.44 24.66
C THR C 328 -38.01 -42.20 23.34
N VAL C 329 -36.90 -42.92 23.15
CA VAL C 329 -36.71 -43.75 21.97
C VAL C 329 -37.78 -44.82 21.88
N GLN C 330 -38.14 -45.45 23.01
CA GLN C 330 -39.24 -46.42 22.96
C GLN C 330 -40.55 -45.74 22.56
N TRP C 331 -40.82 -44.55 23.10
CA TRP C 331 -42.03 -43.83 22.71
C TRP C 331 -42.03 -43.51 21.22
N PHE C 332 -40.89 -43.07 20.69
CA PHE C 332 -40.77 -42.72 19.28
C PHE C 332 -40.96 -43.94 18.38
N LEU C 333 -40.36 -45.07 18.75
CA LEU C 333 -40.55 -46.26 17.94
C LEU C 333 -42.01 -46.69 17.94
N GLU C 334 -42.64 -46.63 19.11
CA GLU C 334 -44.01 -47.09 19.25
C GLU C 334 -45.03 -46.14 18.64
N ASN C 335 -44.71 -44.85 18.50
CA ASN C 335 -45.70 -43.86 18.11
C ASN C 335 -45.30 -43.08 16.88
N TYR C 336 -44.35 -43.63 16.12
CA TYR C 336 -43.78 -42.91 14.98
C TYR C 336 -44.86 -42.37 14.05
N GLU C 337 -45.92 -43.16 13.80
CA GLU C 337 -46.97 -42.73 12.88
C GLU C 337 -47.58 -41.39 13.27
N THR C 338 -47.76 -41.15 14.57
CA THR C 338 -48.38 -39.91 15.06
C THR C 338 -47.38 -38.89 15.56
N ALA C 339 -46.09 -39.17 15.51
CA ALA C 339 -45.13 -38.21 16.04
C ALA C 339 -44.95 -37.04 15.08
N ARG C 340 -44.70 -35.86 15.64
CA ARG C 340 -44.38 -34.68 14.85
C ARG C 340 -43.02 -34.91 14.18
N LYS C 341 -43.01 -35.05 12.87
CA LYS C 341 -41.75 -35.33 12.18
C LYS C 341 -41.58 -34.49 10.93
N MET D 9 -25.16 -5.38 4.04
CA MET D 9 -24.21 -5.99 3.11
C MET D 9 -23.35 -4.95 2.41
N ALA D 10 -23.92 -4.27 1.42
CA ALA D 10 -23.09 -3.45 0.55
C ALA D 10 -23.61 -2.03 0.41
N GLN D 11 -24.21 -1.48 1.47
CA GLN D 11 -24.79 -0.14 1.43
C GLN D 11 -23.94 0.83 2.25
N ARG D 12 -23.64 1.99 1.67
CA ARG D 12 -22.97 3.05 2.42
C ARG D 12 -23.96 3.73 3.35
N GLU D 13 -23.42 4.44 4.35
CA GLU D 13 -24.26 5.02 5.39
C GLU D 13 -25.24 6.06 4.84
N VAL D 14 -24.84 6.80 3.81
CA VAL D 14 -25.63 7.84 3.18
C VAL D 14 -25.84 7.49 1.72
N SER D 15 -26.99 7.89 1.17
CA SER D 15 -27.23 7.69 -0.25
C SER D 15 -26.23 8.50 -1.07
N ASP D 16 -25.93 8.00 -2.28
CA ASP D 16 -24.98 8.72 -3.13
C ASP D 16 -25.44 10.14 -3.41
N GLN D 17 -26.74 10.33 -3.62
CA GLN D 17 -27.33 11.65 -3.77
C GLN D 17 -28.50 11.78 -2.82
N PRO D 18 -28.81 13.00 -2.36
CA PRO D 18 -29.94 13.16 -1.45
C PRO D 18 -31.27 12.86 -2.12
N ILE D 19 -32.18 12.27 -1.35
CA ILE D 19 -33.55 12.11 -1.83
C ILE D 19 -34.14 13.48 -2.08
N THR D 20 -34.86 13.62 -3.19
CA THR D 20 -35.53 14.87 -3.55
C THR D 20 -37.03 14.67 -3.45
N LEU D 21 -37.68 15.45 -2.59
CA LEU D 21 -39.12 15.34 -2.43
C LEU D 21 -39.83 15.96 -3.62
N THR D 22 -40.96 15.36 -4.00
CA THR D 22 -41.78 15.84 -5.11
C THR D 22 -43.19 16.10 -4.64
N GLN D 23 -44.00 16.67 -5.54
CA GLN D 23 -45.40 16.96 -5.22
C GLN D 23 -46.19 15.68 -5.05
N ASP D 24 -45.69 14.56 -5.54
CA ASP D 24 -46.39 13.30 -5.42
C ASP D 24 -46.17 12.62 -4.07
N ASP D 25 -45.23 13.11 -3.26
CA ASP D 25 -44.92 12.48 -2.00
C ASP D 25 -45.88 12.89 -0.89
N VAL D 26 -46.13 11.95 0.02
CA VAL D 26 -46.95 12.17 1.20
C VAL D 26 -46.13 11.76 2.42
N ILE D 27 -46.01 12.64 3.40
CA ILE D 27 -45.21 12.41 4.61
C ILE D 27 -46.12 12.40 5.82
N LEU D 28 -46.17 11.25 6.49
CA LEU D 28 -47.00 11.08 7.68
C LEU D 28 -46.11 11.27 8.91
N VAL D 29 -46.51 12.19 9.80
CA VAL D 29 -45.75 12.52 11.01
C VAL D 29 -46.61 12.25 12.23
N THR D 30 -46.31 11.18 12.98
CA THR D 30 -46.95 10.89 14.25
C THR D 30 -46.37 11.74 15.39
N GLY D 31 -47.21 12.02 16.39
CA GLY D 31 -46.78 12.85 17.52
C GLY D 31 -46.24 14.20 17.11
N GLY D 32 -46.76 14.77 16.03
CA GLY D 32 -46.27 15.98 15.41
C GLY D 32 -46.64 17.27 16.10
N THR D 33 -47.36 17.19 17.20
CA THR D 33 -47.93 18.34 17.87
C THR D 33 -47.04 18.91 18.98
N GLY D 34 -46.00 18.20 19.35
CA GLY D 34 -45.11 18.63 20.41
C GLY D 34 -44.02 19.54 19.89
N LEU D 35 -42.99 19.66 20.73
CA LEU D 35 -41.82 20.50 20.43
C LEU D 35 -41.16 20.08 19.12
N PHE D 36 -40.80 18.81 18.98
CA PHE D 36 -40.07 18.34 17.80
C PHE D 36 -40.92 18.48 16.54
N GLY D 37 -42.19 18.08 16.62
CA GLY D 37 -43.04 18.15 15.43
C GLY D 37 -43.19 19.57 14.92
N LYS D 38 -43.48 20.51 15.84
CA LYS D 38 -43.64 21.91 15.45
C LYS D 38 -42.34 22.47 14.88
N ALA D 39 -41.20 22.05 15.43
CA ALA D 39 -39.93 22.49 14.86
C ALA D 39 -39.74 21.97 13.44
N VAL D 40 -40.11 20.70 13.20
CA VAL D 40 -40.05 20.18 11.83
C VAL D 40 -41.00 20.96 10.92
N GLU D 41 -42.23 21.22 11.38
CA GLU D 41 -43.20 21.92 10.56
C GLU D 41 -42.71 23.32 10.17
N HIS D 42 -42.00 23.99 11.08
CA HIS D 42 -41.48 25.33 10.77
C HIS D 42 -40.44 25.28 9.65
N ILE D 43 -39.48 24.36 9.74
CA ILE D 43 -38.43 24.28 8.73
C ILE D 43 -39.02 23.93 7.37
N VAL D 44 -40.02 23.04 7.35
CA VAL D 44 -40.71 22.72 6.10
C VAL D 44 -41.27 23.98 5.46
N LYS D 45 -41.81 24.90 6.27
CA LYS D 45 -42.31 26.15 5.70
C LYS D 45 -41.17 27.11 5.35
N LYS D 46 -40.16 27.23 6.22
CA LYS D 46 -39.09 28.18 5.97
C LYS D 46 -38.26 27.80 4.75
N GLU D 47 -37.88 26.53 4.65
CA GLU D 47 -37.05 26.07 3.55
C GLU D 47 -37.87 25.60 2.36
N GLN D 48 -39.20 25.71 2.44
CA GLN D 48 -40.12 25.41 1.33
C GLN D 48 -39.87 24.02 0.76
N ILE D 49 -39.85 23.01 1.65
CA ILE D 49 -39.72 21.63 1.22
C ILE D 49 -41.05 21.14 0.65
N LYS D 50 -40.97 20.35 -0.42
CA LYS D 50 -42.13 19.93 -1.19
C LYS D 50 -42.83 18.75 -0.52
N GLY D 51 -44.04 18.46 -1.01
CA GLY D 51 -44.83 17.33 -0.56
C GLY D 51 -45.98 17.74 0.36
N LYS D 52 -46.94 16.84 0.50
CA LYS D 52 -48.06 17.02 1.43
C LYS D 52 -47.69 16.41 2.78
N TRP D 53 -47.63 17.24 3.81
CA TRP D 53 -47.23 16.83 5.14
C TRP D 53 -48.44 16.74 6.05
N VAL D 54 -48.61 15.61 6.70
CA VAL D 54 -49.74 15.36 7.60
C VAL D 54 -49.19 15.17 9.01
N PHE D 55 -49.55 16.08 9.91
CA PHE D 55 -49.08 16.07 11.28
C PHE D 55 -50.19 15.47 12.12
N LEU D 56 -50.01 14.21 12.53
CA LEU D 56 -51.07 13.56 13.28
C LEU D 56 -51.03 13.98 14.75
N GLY D 57 -52.22 14.07 15.35
CA GLY D 57 -52.43 14.33 16.77
C GLY D 57 -53.46 13.43 17.42
N SER D 58 -53.82 13.74 18.68
CA SER D 58 -54.81 12.95 19.39
C SER D 58 -56.14 12.88 18.65
N LYS D 59 -56.53 13.97 17.97
CA LYS D 59 -57.79 14.00 17.24
C LYS D 59 -57.88 12.95 16.14
N ASP D 60 -56.74 12.47 15.62
CA ASP D 60 -56.76 11.70 14.38
C ASP D 60 -57.06 10.20 14.52
N GLY D 61 -56.90 9.61 15.70
CA GLY D 61 -57.11 8.17 15.81
C GLY D 61 -56.14 7.54 16.78
N ASP D 62 -56.61 6.50 17.50
CA ASP D 62 -55.80 5.81 18.50
C ASP D 62 -54.84 4.85 17.80
N LEU D 63 -53.57 5.24 17.71
CA LEU D 63 -52.59 4.44 16.99
C LEU D 63 -52.26 3.13 17.70
N ARG D 64 -52.74 2.94 18.93
CA ARG D 64 -52.58 1.66 19.63
C ARG D 64 -53.50 0.58 19.10
N ASP D 65 -54.61 0.97 18.49
CA ASP D 65 -55.57 0.04 17.89
C ASP D 65 -55.11 -0.32 16.48
N ALA D 66 -55.04 -1.61 16.18
CA ALA D 66 -54.50 -2.02 14.88
C ALA D 66 -55.36 -1.51 13.76
N ASP D 67 -56.69 -1.66 13.89
CA ASP D 67 -57.60 -1.22 12.84
C ASP D 67 -57.60 0.30 12.72
N ALA D 68 -57.60 1.00 13.85
CA ALA D 68 -57.55 2.45 13.78
C ALA D 68 -56.22 2.94 13.21
N CYS D 69 -55.13 2.23 13.49
CA CYS D 69 -53.82 2.65 13.01
C CYS D 69 -53.72 2.57 11.48
N LYS D 70 -54.38 1.59 10.86
CA LYS D 70 -54.33 1.50 9.41
C LYS D 70 -55.10 2.64 8.74
N GLN D 71 -56.10 3.19 9.41
CA GLN D 71 -57.03 4.14 8.76
C GLN D 71 -56.32 5.35 8.16
N PRO D 72 -55.38 6.03 8.83
CA PRO D 72 -54.64 7.10 8.14
C PRO D 72 -53.74 6.60 7.02
N PHE D 73 -53.21 5.38 7.11
CA PHE D 73 -52.40 4.86 6.03
C PHE D 73 -53.24 4.60 4.78
N GLU D 74 -54.41 3.99 4.93
CA GLU D 74 -55.27 3.76 3.77
C GLU D 74 -55.73 5.09 3.16
N LYS D 75 -55.99 6.09 4.00
CA LYS D 75 -56.50 7.37 3.51
C LYS D 75 -55.41 8.19 2.84
N TYR D 76 -54.23 8.30 3.46
CA TYR D 76 -53.20 9.18 2.93
C TYR D 76 -52.13 8.48 2.11
N ARG D 77 -51.98 7.15 2.22
CA ARG D 77 -51.00 6.33 1.51
C ARG D 77 -49.62 6.99 1.46
N PRO D 78 -48.95 7.16 2.60
CA PRO D 78 -47.71 7.93 2.61
C PRO D 78 -46.55 7.21 1.93
N THR D 79 -45.60 8.01 1.45
CA THR D 79 -44.32 7.50 0.98
C THR D 79 -43.22 7.57 2.05
N TYR D 80 -43.36 8.44 3.04
CA TYR D 80 -42.39 8.54 4.12
C TYR D 80 -43.13 8.74 5.45
N VAL D 81 -42.53 8.27 6.54
CA VAL D 81 -43.14 8.43 7.85
C VAL D 81 -42.09 8.88 8.87
N ILE D 82 -42.40 9.92 9.63
CA ILE D 82 -41.63 10.33 10.80
C ILE D 82 -42.46 9.97 12.02
N HIS D 83 -41.99 8.99 12.78
CA HIS D 83 -42.74 8.43 13.91
C HIS D 83 -42.17 9.01 15.19
N LEU D 84 -42.79 10.08 15.71
CA LEU D 84 -42.36 10.71 16.96
C LEU D 84 -43.28 10.43 18.14
N ALA D 85 -44.49 9.92 17.89
CA ALA D 85 -45.45 9.76 18.97
C ALA D 85 -44.97 8.71 19.97
N ALA D 86 -45.23 8.98 21.26
CA ALA D 86 -44.91 8.10 22.37
C ALA D 86 -45.83 8.44 23.54
N PHE D 87 -45.95 7.51 24.49
CA PHE D 87 -46.63 7.76 25.78
C PHE D 87 -45.57 7.88 26.88
N VAL D 88 -45.30 9.11 27.31
CA VAL D 88 -44.22 9.41 28.25
C VAL D 88 -44.77 9.83 29.61
N GLY D 89 -45.66 10.82 29.62
CA GLY D 89 -46.43 11.22 30.80
C GLY D 89 -45.72 11.26 32.14
N ASN D 96 -49.08 6.52 36.34
CA ASN D 96 -49.73 5.32 35.83
C ASN D 96 -48.86 4.04 35.95
N PHE D 97 -49.52 2.91 35.78
CA PHE D 97 -48.88 1.61 35.86
C PHE D 97 -47.86 1.40 34.74
N LYS D 98 -46.73 0.79 35.11
CA LYS D 98 -45.75 0.36 34.11
C LYS D 98 -46.41 -0.56 33.08
N VAL D 99 -47.40 -1.37 33.50
CA VAL D 99 -48.14 -2.22 32.57
C VAL D 99 -48.73 -1.40 31.44
N SER D 100 -49.36 -0.28 31.78
CA SER D 100 -49.99 0.53 30.75
C SER D 100 -48.96 1.15 29.82
N PHE D 101 -47.86 1.65 30.36
CA PHE D 101 -46.87 2.29 29.50
C PHE D 101 -46.25 1.28 28.54
N TRP D 102 -46.10 0.03 28.96
CA TRP D 102 -45.57 -1.00 28.08
C TRP D 102 -46.53 -1.30 26.95
N LEU D 103 -47.78 -1.64 27.29
CA LEU D 103 -48.73 -2.07 26.27
C LEU D 103 -49.02 -0.95 25.27
N ASP D 104 -49.30 0.25 25.77
CA ASP D 104 -49.64 1.35 24.88
C ASP D 104 -48.50 1.65 23.92
N ASN D 105 -47.27 1.69 24.41
CA ASN D 105 -46.18 2.05 23.53
C ASN D 105 -45.87 0.94 22.55
N VAL D 106 -45.81 -0.32 23.04
CA VAL D 106 -45.41 -1.41 22.17
C VAL D 106 -46.50 -1.74 21.15
N ASN D 107 -47.77 -1.59 21.51
CA ASN D 107 -48.83 -1.81 20.52
C ASN D 107 -48.78 -0.75 19.42
N MET D 108 -48.68 0.53 19.81
CA MET D 108 -48.58 1.62 18.85
C MET D 108 -47.35 1.45 17.96
N ASN D 109 -46.21 1.11 18.56
CA ASN D 109 -44.98 0.89 17.79
C ASN D 109 -45.12 -0.30 16.83
N ASN D 110 -45.62 -1.44 17.33
CA ASN D 110 -45.81 -2.59 16.46
C ASN D 110 -46.73 -2.23 15.30
N ASN D 111 -47.84 -1.54 15.59
CA ASN D 111 -48.79 -1.18 14.54
C ASN D 111 -48.18 -0.24 13.52
N ILE D 112 -47.50 0.81 13.98
CA ILE D 112 -47.03 1.84 13.06
C ILE D 112 -46.00 1.25 12.10
N LEU D 113 -45.01 0.53 12.63
CA LEU D 113 -44.00 -0.07 11.76
C LEU D 113 -44.61 -1.11 10.83
N THR D 114 -45.53 -1.94 11.35
CA THR D 114 -46.23 -2.88 10.49
C THR D 114 -46.96 -2.15 9.36
N CYS D 115 -47.67 -1.05 9.68
CA CYS D 115 -48.32 -0.29 8.62
C CYS D 115 -47.31 0.30 7.65
N CYS D 116 -46.16 0.77 8.14
CA CYS D 116 -45.15 1.30 7.24
C CYS D 116 -44.69 0.24 6.24
N TYR D 117 -44.49 -1.00 6.69
CA TYR D 117 -44.10 -2.06 5.78
C TYR D 117 -45.27 -2.45 4.87
N ASP D 118 -46.47 -2.63 5.44
CA ASP D 118 -47.60 -3.09 4.63
C ASP D 118 -47.93 -2.09 3.51
N PHE D 119 -47.80 -0.80 3.79
CA PHE D 119 -48.15 0.23 2.83
C PHE D 119 -46.94 0.70 2.04
N GLY D 120 -45.83 -0.03 2.10
CA GLY D 120 -44.68 0.25 1.25
C GLY D 120 -44.07 1.62 1.44
N VAL D 121 -44.05 2.13 2.68
CA VAL D 121 -43.40 3.41 2.95
C VAL D 121 -41.93 3.29 2.62
N LYS D 122 -41.39 4.27 1.89
CA LYS D 122 -40.02 4.18 1.40
C LYS D 122 -39.01 4.27 2.55
N LYS D 123 -39.20 5.23 3.46
CA LYS D 123 -38.28 5.40 4.58
C LYS D 123 -39.05 5.83 5.81
N THR D 124 -38.74 5.19 6.93
CA THR D 124 -39.38 5.48 8.20
C THR D 124 -38.28 5.79 9.22
N ILE D 125 -38.39 6.95 9.86
CA ILE D 125 -37.48 7.36 10.92
C ILE D 125 -38.29 7.41 12.20
N SER D 126 -37.88 6.63 13.19
CA SER D 126 -38.51 6.68 14.48
C SER D 126 -37.61 7.46 15.43
N CYS D 127 -38.13 7.71 16.62
CA CYS D 127 -37.50 8.59 17.58
C CYS D 127 -37.23 7.83 18.86
N LEU D 128 -35.96 7.78 19.25
CA LEU D 128 -35.58 7.25 20.54
C LEU D 128 -35.30 8.45 21.44
N SER D 129 -34.69 8.22 22.58
CA SER D 129 -34.40 9.29 23.52
C SER D 129 -33.31 8.77 24.43
N THR D 130 -32.48 9.68 24.93
CA THR D 130 -31.30 9.24 25.66
C THR D 130 -31.62 8.55 26.98
N CYS D 131 -32.85 8.64 27.49
CA CYS D 131 -33.17 8.00 28.75
C CYS D 131 -33.49 6.52 28.58
N VAL D 132 -33.32 5.96 27.38
CA VAL D 132 -33.54 4.54 27.18
C VAL D 132 -32.24 3.74 27.15
N PHE D 133 -31.10 4.40 27.37
CA PHE D 133 -29.77 3.77 27.38
C PHE D 133 -29.53 3.05 28.70
N PRO D 134 -28.53 2.16 28.75
CA PRO D 134 -28.26 1.44 30.00
C PRO D 134 -27.99 2.39 31.15
N ASP D 135 -28.47 2.01 32.33
CA ASP D 135 -28.24 2.83 33.52
C ASP D 135 -26.77 2.82 33.90
N LYS D 136 -26.14 1.64 33.85
CA LYS D 136 -24.70 1.49 34.09
C LYS D 136 -24.00 1.70 32.76
N ILE D 137 -23.31 2.83 32.63
CA ILE D 137 -22.79 3.24 31.33
C ILE D 137 -21.56 4.12 31.52
N GLU D 138 -20.66 4.06 30.54
CA GLU D 138 -19.49 4.91 30.53
C GLU D 138 -19.70 6.06 29.56
N TYR D 139 -19.34 7.26 29.99
CA TYR D 139 -19.54 8.42 29.15
C TYR D 139 -18.34 8.64 28.24
N PRO D 140 -18.55 9.19 27.04
CA PRO D 140 -19.78 9.75 26.47
C PRO D 140 -20.71 8.70 25.89
N ILE D 141 -21.99 9.07 25.83
CA ILE D 141 -23.00 8.20 25.25
C ILE D 141 -22.79 8.07 23.76
N THR D 142 -22.75 6.83 23.28
CA THR D 142 -22.67 6.55 21.85
C THR D 142 -23.86 5.71 21.43
N GLU D 143 -24.20 5.81 20.14
CA GLU D 143 -25.36 5.10 19.63
C GLU D 143 -25.28 3.58 19.88
N GLU D 144 -24.07 3.01 19.76
CA GLU D 144 -23.94 1.56 19.82
C GLU D 144 -24.12 0.98 21.22
N LYS D 145 -24.09 1.80 22.29
CA LYS D 145 -24.34 1.22 23.60
C LYS D 145 -25.83 1.16 23.94
N LEU D 146 -26.71 1.44 22.96
CA LEU D 146 -28.15 1.44 23.17
C LEU D 146 -28.68 0.19 23.87
N HIS D 147 -28.22 -1.00 23.47
CA HIS D 147 -28.78 -2.24 24.00
C HIS D 147 -27.85 -2.93 25.00
N GLU D 148 -26.81 -2.25 25.48
CA GLU D 148 -25.79 -2.88 26.32
C GLU D 148 -26.18 -2.81 27.79
N GLY D 149 -27.33 -3.37 28.12
CA GLY D 149 -27.75 -3.44 29.51
C GLY D 149 -29.10 -2.81 29.80
N PRO D 150 -29.63 -3.11 30.99
CA PRO D 150 -30.99 -2.69 31.29
C PRO D 150 -31.04 -1.20 31.52
N PRO D 151 -32.15 -0.55 31.17
CA PRO D 151 -32.28 0.88 31.40
C PRO D 151 -32.52 1.14 32.88
N HIS D 152 -32.55 2.42 33.26
CA HIS D 152 -32.88 2.76 34.64
C HIS D 152 -34.29 2.26 34.94
N PHE D 153 -34.52 1.80 36.17
CA PHE D 153 -35.79 1.16 36.51
C PHE D 153 -36.97 2.12 36.40
N SER D 154 -36.75 3.40 36.68
CA SER D 154 -37.85 4.32 36.92
C SER D 154 -38.75 4.47 35.70
N ASN D 155 -38.17 4.36 34.50
CA ASN D 155 -38.94 4.55 33.28
C ASN D 155 -38.75 3.35 32.34
N ASN D 156 -38.58 2.15 32.91
CA ASN D 156 -38.07 1.05 32.10
C ASN D 156 -39.12 0.43 31.17
N ALA D 157 -40.41 0.59 31.46
CA ALA D 157 -41.43 0.14 30.50
C ALA D 157 -41.37 0.97 29.24
N TYR D 158 -41.35 2.30 29.41
CA TYR D 158 -41.14 3.19 28.27
C TYR D 158 -39.83 2.86 27.56
N ALA D 159 -38.76 2.63 28.32
CA ALA D 159 -37.43 2.46 27.75
C ALA D 159 -37.34 1.16 26.95
N TYR D 160 -37.91 0.06 27.46
CA TYR D 160 -37.88 -1.18 26.70
C TYR D 160 -38.73 -1.07 25.43
N ALA D 161 -39.87 -0.37 25.50
CA ALA D 161 -40.66 -0.19 24.28
C ALA D 161 -39.85 0.51 23.21
N LYS D 162 -39.09 1.54 23.60
CA LYS D 162 -38.23 2.22 22.65
C LYS D 162 -37.14 1.26 22.15
N ARG D 163 -36.58 0.44 23.03
CA ARG D 163 -35.59 -0.54 22.61
C ARG D 163 -36.17 -1.46 21.55
N MET D 164 -37.40 -1.93 21.78
CA MET D 164 -38.07 -2.83 20.85
C MET D 164 -38.56 -2.09 19.62
N LEU D 165 -38.71 -0.78 19.69
CA LEU D 165 -38.99 -0.01 18.50
C LEU D 165 -37.79 -0.03 17.55
N ASP D 166 -36.59 0.18 18.10
CA ASP D 166 -35.38 0.06 17.29
C ASP D 166 -35.20 -1.36 16.76
N MET D 167 -35.35 -2.37 17.62
CA MET D 167 -35.15 -3.76 17.18
C MET D 167 -36.17 -4.16 16.11
N LEU D 168 -37.44 -3.80 16.31
CA LEU D 168 -38.46 -4.11 15.32
C LEU D 168 -38.14 -3.44 13.99
N GLY D 169 -37.55 -2.25 14.04
CA GLY D 169 -37.14 -1.61 12.80
C GLY D 169 -36.11 -2.44 12.05
N ARG D 170 -35.11 -2.98 12.78
CA ARG D 170 -34.09 -3.81 12.13
C ARG D 170 -34.72 -5.07 11.52
N TRP D 171 -35.69 -5.66 12.23
CA TRP D 171 -36.31 -6.89 11.77
C TRP D 171 -37.14 -6.66 10.51
N TYR D 172 -37.84 -5.51 10.42
CA TYR D 172 -38.57 -5.24 9.19
C TYR D 172 -37.64 -4.93 8.03
N ASN D 173 -36.44 -4.38 8.30
CA ASN D 173 -35.47 -4.22 7.23
C ASN D 173 -35.02 -5.58 6.68
N GLU D 174 -34.83 -6.57 7.57
CA GLU D 174 -34.48 -7.91 7.12
C GLU D 174 -35.56 -8.48 6.22
N LYS D 175 -36.83 -8.32 6.62
CA LYS D 175 -37.92 -8.83 5.80
C LYS D 175 -37.98 -8.12 4.46
N ALA D 176 -37.83 -6.78 4.46
CA ALA D 176 -37.85 -6.04 3.21
C ALA D 176 -36.70 -6.45 2.29
N VAL D 177 -35.50 -6.58 2.84
CA VAL D 177 -34.36 -7.00 2.02
C VAL D 177 -34.62 -8.38 1.42
N ASN D 178 -35.14 -9.30 2.24
CA ASN D 178 -35.41 -10.65 1.77
C ASN D 178 -36.52 -10.67 0.73
N GLU D 179 -37.55 -9.83 0.88
CA GLU D 179 -38.68 -9.83 -0.04
C GLU D 179 -38.55 -8.83 -1.18
N GLY D 180 -37.43 -8.13 -1.28
CA GLY D 180 -37.27 -7.16 -2.34
C GLY D 180 -38.14 -5.93 -2.23
N LYS D 181 -38.73 -5.67 -1.07
CA LYS D 181 -39.46 -4.43 -0.88
C LYS D 181 -38.45 -3.32 -0.58
N SER D 182 -38.78 -2.11 -1.03
CA SER D 182 -37.87 -0.98 -0.84
C SER D 182 -38.39 -0.16 0.34
N CYS D 183 -38.15 -0.70 1.54
CA CYS D 183 -38.57 -0.08 2.80
C CYS D 183 -37.37 -0.05 3.74
N LEU D 184 -36.99 1.16 4.18
CA LEU D 184 -35.91 1.35 5.14
C LEU D 184 -36.46 1.94 6.44
N PHE D 185 -36.01 1.40 7.56
CA PHE D 185 -36.38 1.85 8.90
C PHE D 185 -35.13 2.29 9.64
N THR D 186 -35.13 3.51 10.17
CA THR D 186 -34.02 3.95 11.01
C THR D 186 -34.57 4.85 12.11
N SER D 187 -33.68 5.46 12.89
CA SER D 187 -34.15 6.24 14.02
C SER D 187 -33.11 7.29 14.38
N VAL D 188 -33.60 8.32 15.08
CA VAL D 188 -32.81 9.45 15.59
C VAL D 188 -32.97 9.54 17.10
N ILE D 189 -31.95 10.11 17.76
CA ILE D 189 -31.97 10.29 19.21
C ILE D 189 -31.78 11.77 19.54
N PRO D 190 -32.85 12.56 19.65
CA PRO D 190 -32.67 13.98 19.99
C PRO D 190 -32.32 14.13 21.47
N THR D 191 -31.22 14.84 21.72
CA THR D 191 -30.76 15.15 23.07
C THR D 191 -31.18 16.54 23.51
N ASN D 192 -31.89 16.62 24.65
CA ASN D 192 -32.34 17.85 25.31
C ASN D 192 -32.78 18.94 24.35
N LEU D 193 -33.96 18.79 23.77
CA LEU D 193 -34.40 19.83 22.86
C LEU D 193 -35.04 20.95 23.65
N PHE D 194 -34.96 22.16 23.09
CA PHE D 194 -35.65 23.34 23.61
C PHE D 194 -36.06 24.20 22.43
N GLY D 195 -37.07 25.04 22.66
CA GLY D 195 -37.56 25.92 21.63
C GLY D 195 -39.05 26.19 21.76
N PRO D 196 -39.62 26.82 20.72
CA PRO D 196 -41.05 27.19 20.77
C PRO D 196 -41.97 25.98 20.83
N HIS D 197 -43.15 26.21 21.41
CA HIS D 197 -44.17 25.19 21.62
C HIS D 197 -43.71 24.13 22.61
N ASP D 198 -42.76 24.46 23.46
CA ASP D 198 -42.30 23.60 24.53
C ASP D 198 -43.31 23.59 25.68
N ASN D 199 -43.02 22.77 26.71
CA ASN D 199 -43.79 22.76 27.94
C ASN D 199 -43.06 23.59 28.98
N PHE D 200 -43.58 24.78 29.27
CA PHE D 200 -42.92 25.77 30.11
C PHE D 200 -43.39 25.72 31.56
N ASN D 201 -44.02 24.63 31.98
CA ASN D 201 -44.47 24.53 33.36
C ASN D 201 -43.28 24.58 34.29
N VAL D 202 -43.33 25.52 35.24
CA VAL D 202 -42.19 25.74 36.12
C VAL D 202 -41.91 24.51 36.98
N GLU D 203 -42.96 23.78 37.36
CA GLU D 203 -42.78 22.60 38.20
C GLU D 203 -42.46 21.35 37.38
N ALA D 204 -43.24 21.07 36.33
CA ALA D 204 -43.14 19.81 35.59
C ALA D 204 -42.24 19.87 34.36
N GLY D 205 -42.00 21.05 33.79
CA GLY D 205 -41.27 21.12 32.53
C GLY D 205 -39.77 20.93 32.70
N HIS D 206 -39.09 20.78 31.56
CA HIS D 206 -37.64 20.61 31.57
C HIS D 206 -36.96 21.89 32.06
N VAL D 207 -35.68 21.73 32.43
CA VAL D 207 -34.94 22.77 33.14
C VAL D 207 -34.97 24.08 32.37
N LEU D 208 -34.68 24.04 31.07
CA LEU D 208 -34.59 25.28 30.31
C LEU D 208 -35.93 25.98 30.19
N PRO D 209 -37.01 25.34 29.69
CA PRO D 209 -38.30 26.05 29.65
C PRO D 209 -38.81 26.45 31.03
N GLY D 210 -38.56 25.63 32.06
CA GLY D 210 -38.94 26.01 33.41
C GLY D 210 -38.19 27.23 33.90
N LEU D 211 -36.90 27.34 33.55
CA LEU D 211 -36.15 28.53 33.91
C LEU D 211 -36.67 29.76 33.18
N MET D 212 -37.10 29.59 31.92
CA MET D 212 -37.62 30.72 31.16
C MET D 212 -38.90 31.28 31.82
N HIS D 213 -39.81 30.39 32.20
CA HIS D 213 -41.06 30.81 32.83
C HIS D 213 -40.80 31.33 34.25
N LYS D 214 -39.86 30.69 34.97
CA LYS D 214 -39.52 31.13 36.31
C LYS D 214 -38.98 32.56 36.31
N CYS D 215 -38.13 32.88 35.33
CA CYS D 215 -37.59 34.23 35.21
C CYS D 215 -38.67 35.25 34.89
N TYR D 216 -39.55 34.93 33.94
CA TYR D 216 -40.60 35.86 33.55
C TYR D 216 -41.48 36.19 34.74
N LYS D 217 -41.88 35.18 35.51
CA LYS D 217 -42.68 35.40 36.70
C LYS D 217 -41.92 36.26 37.71
N ALA D 218 -40.62 36.03 37.84
CA ALA D 218 -39.81 36.81 38.77
C ALA D 218 -39.79 38.28 38.39
N GLN D 219 -39.68 38.55 37.08
CA GLN D 219 -39.68 39.94 36.64
C GLN D 219 -41.07 40.55 36.73
N GLN D 220 -42.10 39.77 36.38
CA GLN D 220 -43.46 40.30 36.33
C GLN D 220 -44.00 40.63 37.72
N ASN D 221 -43.60 39.87 38.73
CA ASN D 221 -44.00 40.15 40.09
C ASN D 221 -43.13 41.24 40.69
N GLY D 222 -41.83 41.14 40.45
CA GLY D 222 -40.84 42.05 40.96
C GLY D 222 -39.87 41.32 41.83
N THR D 223 -39.97 39.99 41.89
CA THR D 223 -39.27 39.16 42.85
C THR D 223 -37.91 38.71 42.31
N ASP D 224 -37.25 37.84 43.06
CA ASP D 224 -35.95 37.31 42.69
C ASP D 224 -36.07 36.06 41.82
N PHE D 225 -35.17 35.94 40.86
CA PHE D 225 -35.10 34.76 40.02
C PHE D 225 -34.31 33.68 40.75
N VAL D 226 -35.00 32.65 41.24
CA VAL D 226 -34.38 31.61 42.05
C VAL D 226 -34.27 30.37 41.19
N VAL D 227 -33.06 29.82 41.07
CA VAL D 227 -32.83 28.59 40.33
C VAL D 227 -32.49 27.49 41.34
N PHE D 228 -33.15 26.35 41.20
CA PHE D 228 -32.90 25.21 42.07
C PHE D 228 -31.55 24.60 41.71
N GLY D 229 -30.59 24.62 42.65
CA GLY D 229 -29.31 24.04 42.32
C GLY D 229 -28.09 24.91 42.55
N SER D 230 -26.92 24.26 42.61
CA SER D 230 -25.66 24.99 42.75
C SER D 230 -25.35 25.83 41.52
N GLY D 231 -25.80 25.41 40.34
CA GLY D 231 -25.51 26.11 39.10
C GLY D 231 -24.63 25.33 38.15
N LYS D 232 -23.74 24.49 38.68
CA LYS D 232 -22.64 24.00 37.86
C LYS D 232 -22.81 22.68 37.10
N PRO D 233 -23.91 21.92 37.21
CA PRO D 233 -24.04 20.76 36.32
C PRO D 233 -24.12 21.19 34.86
N LEU D 234 -23.38 20.48 34.00
CA LEU D 234 -23.27 20.80 32.58
C LEU D 234 -24.13 19.85 31.74
N ARG D 235 -24.83 20.42 30.76
CA ARG D 235 -25.67 19.65 29.85
C ARG D 235 -25.49 20.16 28.42
N GLN D 236 -25.77 19.28 27.44
CA GLN D 236 -25.77 19.61 26.02
C GLN D 236 -27.19 19.88 25.55
N PHE D 237 -27.42 21.06 24.98
CA PHE D 237 -28.76 21.55 24.64
C PHE D 237 -28.87 21.79 23.14
N LEU D 238 -29.92 21.24 22.54
CA LEU D 238 -30.11 21.34 21.09
C LEU D 238 -31.38 22.12 20.79
N TYR D 239 -31.22 23.21 20.03
CA TYR D 239 -32.35 23.99 19.55
C TYR D 239 -33.23 23.12 18.66
N SER D 240 -34.54 23.15 18.92
CA SER D 240 -35.46 22.29 18.18
C SER D 240 -35.43 22.56 16.69
N HIS D 241 -35.21 23.82 16.30
CA HIS D 241 -35.10 24.13 14.89
C HIS D 241 -33.88 23.46 14.27
N ASP D 242 -32.77 23.40 15.03
CA ASP D 242 -31.60 22.66 14.58
C ASP D 242 -31.90 21.17 14.46
N ALA D 243 -32.59 20.61 15.47
CA ALA D 243 -32.96 19.20 15.42
C ALA D 243 -33.80 18.90 14.20
N ALA D 244 -34.73 19.80 13.86
CA ALA D 244 -35.55 19.61 12.68
C ALA D 244 -34.72 19.62 11.39
N ARG D 245 -33.71 20.49 11.34
CA ARG D 245 -32.82 20.47 10.19
C ARG D 245 -32.00 19.19 10.19
N MET D 246 -31.54 18.75 11.36
CA MET D 246 -30.82 17.49 11.43
C MET D 246 -31.70 16.31 11.04
N LEU D 247 -32.96 16.32 11.48
CA LEU D 247 -33.86 15.22 11.16
C LEU D 247 -34.13 15.15 9.66
N LEU D 248 -34.41 16.29 9.04
CA LEU D 248 -34.72 16.29 7.62
C LEU D 248 -33.52 15.84 6.79
N TRP D 249 -32.32 16.31 7.13
CA TRP D 249 -31.12 15.78 6.48
C TRP D 249 -31.05 14.27 6.62
N THR D 250 -31.34 13.75 7.82
CA THR D 250 -31.34 12.31 8.01
C THR D 250 -32.33 11.64 7.07
N MET D 251 -33.52 12.21 6.96
CA MET D 251 -34.53 11.60 6.10
C MET D 251 -34.10 11.60 4.65
N PHE D 252 -33.46 12.68 4.20
CA PHE D 252 -33.10 12.80 2.78
C PHE D 252 -31.87 11.99 2.38
N ASN D 253 -30.93 11.73 3.30
CA ASN D 253 -29.64 11.17 2.92
C ASN D 253 -29.27 9.88 3.64
N TYR D 254 -29.77 9.65 4.86
CA TYR D 254 -29.23 8.64 5.77
C TYR D 254 -29.91 7.31 5.54
N GLN D 255 -29.11 6.27 5.24
CA GLN D 255 -29.60 4.95 4.90
C GLN D 255 -29.36 3.88 5.97
N SER D 256 -28.48 4.11 6.93
CA SER D 256 -28.14 3.07 7.90
C SER D 256 -29.29 2.87 8.88
N GLU D 257 -29.45 1.62 9.36
CA GLU D 257 -30.43 1.34 10.40
C GLU D 257 -29.95 1.70 11.81
N GLU D 258 -28.67 1.99 12.00
CA GLU D 258 -28.22 2.36 13.33
C GLU D 258 -28.83 3.70 13.71
N PRO D 259 -29.26 3.86 14.95
CA PRO D 259 -29.74 5.18 15.36
C PRO D 259 -28.63 6.19 15.21
N ILE D 260 -29.00 7.43 14.93
CA ILE D 260 -28.02 8.51 14.82
C ILE D 260 -28.37 9.56 15.87
N MET D 261 -27.38 9.95 16.66
CA MET D 261 -27.61 10.91 17.72
C MET D 261 -27.76 12.32 17.16
N LEU D 262 -28.70 13.09 17.72
CA LEU D 262 -28.89 14.50 17.43
C LEU D 262 -28.56 15.29 18.72
N CYS D 263 -27.40 15.93 18.76
CA CYS D 263 -26.97 16.69 19.93
C CYS D 263 -25.93 17.71 19.47
N VAL D 264 -25.48 18.54 20.41
CA VAL D 264 -24.42 19.50 20.15
C VAL D 264 -23.12 18.91 20.68
N SER D 265 -22.00 19.49 20.29
CA SER D 265 -20.72 18.91 20.69
C SER D 265 -20.53 19.03 22.20
N GLU D 266 -19.53 18.30 22.70
CA GLU D 266 -19.20 18.40 24.12
C GLU D 266 -18.69 19.80 24.45
N GLU D 267 -17.96 20.42 23.52
CA GLU D 267 -17.43 21.77 23.74
C GLU D 267 -18.55 22.79 23.96
N ASP D 268 -19.73 22.51 23.43
CA ASP D 268 -20.88 23.42 23.50
C ASP D 268 -21.72 23.20 24.76
N GLU D 269 -21.26 22.36 25.68
CA GLU D 269 -22.00 22.07 26.89
C GLU D 269 -22.16 23.30 27.77
N LYS D 270 -23.40 23.62 28.10
CA LYS D 270 -23.67 24.68 29.08
C LYS D 270 -24.01 24.07 30.44
N SER D 271 -23.55 24.71 31.49
CA SER D 271 -23.95 24.45 32.87
C SER D 271 -25.27 25.16 33.19
N ILE D 272 -25.91 24.72 34.27
CA ILE D 272 -27.21 25.28 34.66
C ILE D 272 -27.12 26.78 34.92
N GLY D 273 -26.04 27.22 35.57
CA GLY D 273 -25.92 28.64 35.87
C GLY D 273 -25.79 29.55 34.66
N GLN D 274 -24.94 29.19 33.70
CA GLN D 274 -24.82 30.03 32.51
C GLN D 274 -26.11 30.02 31.69
N VAL D 275 -26.86 28.90 31.70
CA VAL D 275 -28.17 28.90 31.05
C VAL D 275 -29.09 29.92 31.72
N ALA D 276 -29.08 29.98 33.06
CA ALA D 276 -29.91 30.95 33.75
C ALA D 276 -29.53 32.39 33.36
N GLN D 277 -28.23 32.69 33.29
CA GLN D 277 -27.80 34.05 32.95
C GLN D 277 -28.24 34.44 31.56
N THR D 278 -28.13 33.51 30.60
CA THR D 278 -28.62 33.79 29.25
C THR D 278 -30.11 34.07 29.25
N ILE D 279 -30.86 33.36 30.10
CA ILE D 279 -32.29 33.65 30.22
C ILE D 279 -32.50 35.04 30.82
N LYS D 280 -31.73 35.40 31.85
CA LYS D 280 -31.87 36.72 32.46
C LYS D 280 -31.60 37.84 31.46
N ASP D 281 -30.47 37.76 30.74
CA ASP D 281 -30.09 38.86 29.86
C ASP D 281 -30.88 38.91 28.56
N ALA D 282 -31.79 37.97 28.33
CA ALA D 282 -32.64 37.97 27.15
C ALA D 282 -34.05 38.45 27.46
N PHE D 283 -34.47 38.28 28.71
CA PHE D 283 -35.68 38.89 29.23
C PHE D 283 -35.44 40.34 29.66
N ASN D 284 -34.17 40.77 29.66
CA ASN D 284 -33.75 42.05 30.24
C ASN D 284 -34.14 42.16 31.70
N PHE D 285 -34.04 41.04 32.41
CA PHE D 285 -34.29 41.03 33.85
C PHE D 285 -33.13 41.68 34.58
N THR D 286 -33.43 42.71 35.37
CA THR D 286 -32.42 43.49 36.09
C THR D 286 -32.43 43.21 37.60
N GLY D 287 -33.18 42.19 38.03
CA GLY D 287 -33.25 41.84 39.43
C GLY D 287 -32.13 40.92 39.85
N ASN D 288 -32.32 40.28 41.00
CA ASN D 288 -31.32 39.37 41.55
C ASN D 288 -31.53 37.94 41.02
N MET D 289 -30.55 37.08 41.29
CA MET D 289 -30.63 35.68 40.89
C MET D 289 -29.96 34.83 41.97
N VAL D 290 -30.76 34.22 42.84
CA VAL D 290 -30.25 33.40 43.93
C VAL D 290 -30.15 31.94 43.49
N PHE D 291 -29.58 31.09 44.34
CA PHE D 291 -29.43 29.66 44.06
C PHE D 291 -29.97 28.85 45.22
N ASP D 292 -30.86 27.90 44.92
CA ASP D 292 -31.76 27.36 45.94
C ASP D 292 -31.07 26.33 46.82
N THR D 293 -30.31 25.41 46.22
CA THR D 293 -29.67 24.33 46.97
C THR D 293 -30.63 23.58 47.89
N ASP D 297 -27.99 18.44 44.15
CA ASP D 297 -28.06 19.31 42.99
C ASP D 297 -27.51 18.66 41.71
N GLY D 298 -28.12 17.55 41.27
CA GLY D 298 -27.96 17.00 39.93
C GLY D 298 -26.66 16.29 39.54
N GLN D 299 -26.72 15.46 38.49
CA GLN D 299 -25.53 14.75 37.99
C GLN D 299 -24.68 15.68 37.13
N TYR D 300 -23.37 15.71 37.40
CA TYR D 300 -22.52 16.76 36.86
C TYR D 300 -22.47 16.73 35.33
N LYS D 301 -22.09 15.59 34.75
CA LYS D 301 -21.90 15.49 33.32
C LYS D 301 -22.52 14.21 32.78
N LYS D 302 -23.48 14.36 31.86
CA LYS D 302 -24.12 13.25 31.16
C LYS D 302 -23.88 13.43 29.65
N THR D 303 -22.69 13.06 29.20
CA THR D 303 -22.12 13.51 27.93
C THR D 303 -22.59 12.67 26.75
N SER D 304 -23.07 13.33 25.69
CA SER D 304 -23.41 12.66 24.45
C SER D 304 -22.40 12.92 23.34
N SER D 305 -22.19 11.90 22.51
CA SER D 305 -21.31 11.97 21.34
C SER D 305 -22.10 12.31 20.09
N ASN D 306 -21.68 13.36 19.39
CA ASN D 306 -22.20 13.69 18.08
C ASN D 306 -21.26 13.27 16.95
N ALA D 307 -20.35 12.32 17.21
CA ALA D 307 -19.32 11.98 16.24
C ALA D 307 -19.93 11.56 14.91
N LYS D 308 -21.04 10.81 14.93
CA LYS D 308 -21.58 10.26 13.69
C LYS D 308 -22.12 11.34 12.78
N PHE D 309 -23.01 12.20 13.29
CA PHE D 309 -23.58 13.25 12.48
C PHE D 309 -22.52 14.25 12.04
N LEU D 310 -21.55 14.54 12.90
CA LEU D 310 -20.46 15.43 12.50
C LEU D 310 -19.59 14.77 11.42
N ARG D 311 -19.37 13.46 11.52
CA ARG D 311 -18.57 12.76 10.52
C ARG D 311 -19.30 12.65 9.19
N LEU D 312 -20.62 12.46 9.24
CA LEU D 312 -21.42 12.29 8.03
C LEU D 312 -21.86 13.61 7.41
N ASN D 313 -21.93 14.68 8.21
CA ASN D 313 -22.42 15.98 7.73
C ASN D 313 -21.54 17.08 8.33
N PRO D 314 -20.30 17.18 7.86
CA PRO D 314 -19.36 18.12 8.49
C PRO D 314 -19.73 19.58 8.31
N THR D 315 -20.53 19.92 7.31
CA THR D 315 -20.85 21.32 7.01
C THR D 315 -22.11 21.84 7.70
N PHE D 316 -22.72 21.09 8.62
CA PHE D 316 -23.95 21.57 9.24
C PHE D 316 -23.66 22.77 10.14
N GLN D 317 -24.49 23.80 10.03
CA GLN D 317 -24.30 25.01 10.82
C GLN D 317 -25.36 25.03 11.92
N TYR D 318 -24.91 25.03 13.16
CA TYR D 318 -25.78 25.08 14.32
C TYR D 318 -26.14 26.53 14.67
N THR D 319 -27.25 26.67 15.37
CA THR D 319 -27.65 27.98 15.91
C THR D 319 -26.90 28.25 17.20
N PRO D 320 -26.24 29.41 17.33
CA PRO D 320 -25.59 29.77 18.60
C PRO D 320 -26.59 29.75 19.75
N PHE D 321 -26.13 29.30 20.92
CA PHE D 321 -27.01 29.11 22.08
C PHE D 321 -27.69 30.42 22.50
N GLU D 322 -26.92 31.52 22.57
CA GLU D 322 -27.51 32.79 22.96
C GLU D 322 -28.65 33.19 22.02
N GLN D 323 -28.45 33.02 20.70
CA GLN D 323 -29.48 33.35 19.73
C GLN D 323 -30.71 32.45 19.86
N ALA D 324 -30.51 31.16 20.14
CA ALA D 324 -31.65 30.25 20.24
C ALA D 324 -32.51 30.58 21.44
N ILE D 325 -31.88 30.94 22.56
CA ILE D 325 -32.61 31.36 23.74
C ILE D 325 -33.41 32.63 23.47
N LYS D 326 -32.79 33.61 22.79
CA LYS D 326 -33.49 34.86 22.48
C LYS D 326 -34.68 34.61 21.57
N GLU D 327 -34.52 33.73 20.56
CA GLU D 327 -35.62 33.42 19.67
C GLU D 327 -36.75 32.70 20.41
N THR D 328 -36.39 31.78 21.31
CA THR D 328 -37.40 31.06 22.08
C THR D 328 -38.08 31.98 23.08
N VAL D 329 -37.30 32.81 23.79
CA VAL D 329 -37.90 33.76 24.73
C VAL D 329 -38.84 34.69 23.98
N GLN D 330 -38.42 35.17 22.80
CA GLN D 330 -39.29 36.05 22.01
C GLN D 330 -40.59 35.33 21.65
N TRP D 331 -40.51 34.06 21.26
CA TRP D 331 -41.72 33.29 21.02
C TRP D 331 -42.54 33.16 22.30
N PHE D 332 -41.88 32.90 23.43
CA PHE D 332 -42.59 32.67 24.68
C PHE D 332 -43.35 33.91 25.11
N LEU D 333 -42.76 35.09 24.94
CA LEU D 333 -43.45 36.35 25.24
C LEU D 333 -44.58 36.63 24.27
N GLU D 334 -44.35 36.40 22.97
CA GLU D 334 -45.36 36.70 21.97
C GLU D 334 -46.54 35.74 22.03
N ASN D 335 -46.38 34.57 22.65
CA ASN D 335 -47.41 33.53 22.66
C ASN D 335 -47.74 33.04 24.07
N TYR D 336 -47.43 33.85 25.10
CA TYR D 336 -47.61 33.42 26.49
C TYR D 336 -49.02 32.95 26.81
N GLU D 337 -50.05 33.67 26.32
CA GLU D 337 -51.42 33.28 26.66
C GLU D 337 -51.72 31.85 26.18
N THR D 338 -51.18 31.46 25.02
CA THR D 338 -51.43 30.14 24.45
C THR D 338 -50.31 29.13 24.73
N ALA D 339 -49.26 29.50 25.45
CA ALA D 339 -48.19 28.54 25.69
C ALA D 339 -48.57 27.56 26.78
N ARG D 340 -48.02 26.36 26.66
CA ARG D 340 -48.16 25.32 27.66
C ARG D 340 -47.44 25.75 28.94
N LYS D 341 -48.20 25.89 30.04
CA LYS D 341 -47.65 26.33 31.32
C LYS D 341 -48.06 25.42 32.47
N GLU E 13 29.28 11.73 -2.60
CA GLU E 13 28.78 12.98 -3.17
C GLU E 13 29.64 14.18 -2.80
N VAL E 14 30.21 14.19 -1.59
CA VAL E 14 31.13 15.23 -1.16
C VAL E 14 32.45 14.57 -0.79
N SER E 15 33.56 15.20 -1.13
CA SER E 15 34.85 14.66 -0.72
C SER E 15 34.97 14.68 0.79
N ASP E 16 35.71 13.70 1.34
CA ASP E 16 35.86 13.63 2.79
C ASP E 16 36.55 14.87 3.35
N GLN E 17 37.55 15.37 2.64
CA GLN E 17 38.26 16.59 3.00
C GLN E 17 38.24 17.53 1.80
N PRO E 18 38.26 18.83 2.04
CA PRO E 18 38.29 19.77 0.91
C PRO E 18 39.62 19.67 0.18
N ILE E 19 39.58 19.81 -1.15
CA ILE E 19 40.82 19.91 -1.89
C ILE E 19 41.54 21.17 -1.43
N THR E 20 42.84 21.05 -1.21
CA THR E 20 43.68 22.19 -0.84
C THR E 20 44.64 22.43 -2.00
N LEU E 21 44.57 23.61 -2.60
CA LEU E 21 45.45 23.91 -3.72
C LEU E 21 46.86 24.19 -3.19
N THR E 22 47.85 23.80 -3.97
CA THR E 22 49.25 23.97 -3.62
C THR E 22 49.94 24.84 -4.66
N GLN E 23 51.21 25.13 -4.41
CA GLN E 23 51.95 25.99 -5.33
C GLN E 23 52.14 25.34 -6.69
N ASP E 24 52.00 24.02 -6.77
CA ASP E 24 52.15 23.32 -8.04
C ASP E 24 50.86 23.22 -8.86
N ASP E 25 49.69 23.50 -8.28
CA ASP E 25 48.45 23.38 -9.04
C ASP E 25 48.22 24.62 -9.90
N VAL E 26 47.68 24.43 -11.10
CA VAL E 26 47.39 25.51 -12.04
C VAL E 26 45.93 25.42 -12.44
N ILE E 27 45.19 26.53 -12.29
CA ILE E 27 43.76 26.57 -12.56
C ILE E 27 43.48 27.48 -13.75
N LEU E 28 42.97 26.89 -14.83
CA LEU E 28 42.61 27.60 -16.05
C LEU E 28 41.12 27.91 -16.03
N VAL E 29 40.77 29.18 -16.21
CA VAL E 29 39.38 29.60 -16.19
C VAL E 29 39.04 30.16 -17.56
N THR E 30 38.26 29.42 -18.32
CA THR E 30 37.73 29.96 -19.55
C THR E 30 36.60 30.91 -19.20
N GLY E 31 36.40 31.90 -20.06
CA GLY E 31 35.44 32.96 -19.76
C GLY E 31 35.78 33.70 -18.49
N GLY E 32 37.07 33.82 -18.16
CA GLY E 32 37.51 34.43 -16.93
C GLY E 32 37.47 35.94 -16.91
N THR E 33 37.16 36.57 -18.05
CA THR E 33 37.07 38.02 -18.18
C THR E 33 35.63 38.53 -18.15
N GLY E 34 34.64 37.64 -18.11
CA GLY E 34 33.25 38.02 -18.06
C GLY E 34 32.74 38.26 -16.64
N LEU E 35 31.41 38.32 -16.54
CA LEU E 35 30.74 38.55 -15.26
C LEU E 35 31.15 37.48 -14.23
N PHE E 36 30.87 36.23 -14.54
CA PHE E 36 31.17 35.14 -13.62
C PHE E 36 32.68 35.00 -13.42
N GLY E 37 33.45 35.15 -14.51
CA GLY E 37 34.89 35.02 -14.41
C GLY E 37 35.52 36.07 -13.52
N LYS E 38 35.12 37.34 -13.69
CA LYS E 38 35.67 38.39 -12.84
C LYS E 38 35.34 38.16 -11.38
N ALA E 39 34.15 37.63 -11.10
CA ALA E 39 33.78 37.32 -9.72
C ALA E 39 34.68 36.24 -9.13
N VAL E 40 34.97 35.18 -9.89
CA VAL E 40 35.90 34.16 -9.41
C VAL E 40 37.27 34.76 -9.14
N GLU E 41 37.76 35.60 -10.07
CA GLU E 41 39.06 36.22 -9.88
C GLU E 41 39.08 37.06 -8.61
N HIS E 42 37.96 37.73 -8.32
CA HIS E 42 37.87 38.56 -7.14
C HIS E 42 37.94 37.72 -5.87
N ILE E 43 37.13 36.68 -5.77
CA ILE E 43 37.12 35.87 -4.55
C ILE E 43 38.45 35.18 -4.35
N VAL E 44 39.03 34.65 -5.42
CA VAL E 44 40.35 34.02 -5.33
C VAL E 44 41.33 35.02 -4.74
N LYS E 45 41.23 36.29 -5.13
CA LYS E 45 42.12 37.32 -4.61
C LYS E 45 41.78 37.74 -3.18
N LYS E 46 40.49 37.90 -2.86
CA LYS E 46 40.09 38.36 -1.53
C LYS E 46 40.44 37.34 -0.46
N GLU E 47 40.13 36.06 -0.70
CA GLU E 47 40.39 35.01 0.27
C GLU E 47 41.78 34.42 0.15
N GLN E 48 42.61 34.96 -0.74
CA GLN E 48 44.01 34.55 -0.89
C GLN E 48 44.14 33.05 -1.12
N ILE E 49 43.35 32.55 -2.06
CA ILE E 49 43.42 31.13 -2.42
C ILE E 49 44.71 30.86 -3.17
N LYS E 50 45.34 29.73 -2.88
CA LYS E 50 46.62 29.39 -3.45
C LYS E 50 46.48 28.88 -4.90
N GLY E 51 47.61 28.77 -5.57
CA GLY E 51 47.71 28.24 -6.91
C GLY E 51 47.94 29.33 -7.94
N LYS E 52 48.39 28.91 -9.12
CA LYS E 52 48.54 29.80 -10.26
C LYS E 52 47.22 29.82 -11.02
N TRP E 53 46.58 30.98 -11.05
CA TRP E 53 45.27 31.18 -11.67
C TRP E 53 45.44 31.95 -12.97
N VAL E 54 44.91 31.42 -14.06
CA VAL E 54 45.00 32.03 -15.38
C VAL E 54 43.57 32.31 -15.83
N PHE E 55 43.22 33.57 -15.99
CA PHE E 55 41.86 33.94 -16.39
C PHE E 55 41.86 34.28 -17.87
N LEU E 56 41.34 33.36 -18.66
CA LEU E 56 41.34 33.50 -20.10
C LEU E 56 40.18 34.38 -20.55
N GLY E 57 40.40 35.10 -21.64
CA GLY E 57 39.34 35.74 -22.37
C GLY E 57 39.51 35.36 -23.84
N SER E 58 38.63 35.91 -24.68
CA SER E 58 38.77 35.63 -26.10
C SER E 58 40.13 36.09 -26.61
N LYS E 59 40.71 37.13 -25.99
CA LYS E 59 42.01 37.62 -26.42
C LYS E 59 43.09 36.55 -26.37
N ASP E 60 42.94 35.57 -25.48
CA ASP E 60 43.94 34.51 -25.34
C ASP E 60 43.76 33.40 -26.37
N GLY E 61 42.63 33.37 -27.08
CA GLY E 61 42.38 32.36 -28.06
C GLY E 61 40.91 32.05 -28.20
N ASP E 62 40.47 31.85 -29.44
CA ASP E 62 39.07 31.61 -29.77
C ASP E 62 38.78 30.15 -29.47
N LEU E 63 38.08 29.89 -28.36
CA LEU E 63 37.93 28.51 -27.93
C LEU E 63 37.01 27.69 -28.82
N ARG E 64 36.27 28.30 -29.75
CA ARG E 64 35.54 27.43 -30.68
C ARG E 64 36.46 26.84 -31.74
N ASP E 65 37.61 27.44 -32.00
CA ASP E 65 38.59 26.85 -32.90
C ASP E 65 39.44 25.85 -32.11
N ALA E 66 39.52 24.61 -32.62
CA ALA E 66 40.16 23.52 -31.87
C ALA E 66 41.65 23.73 -31.64
N ASP E 67 42.38 24.24 -32.64
CA ASP E 67 43.81 24.43 -32.50
C ASP E 67 44.12 25.53 -31.48
N ALA E 68 43.38 26.63 -31.52
CA ALA E 68 43.58 27.70 -30.54
C ALA E 68 43.25 27.23 -29.15
N CYS E 69 42.28 26.31 -29.04
CA CYS E 69 41.89 25.83 -27.72
C CYS E 69 43.00 25.04 -27.04
N LYS E 70 43.81 24.32 -27.82
CA LYS E 70 44.89 23.53 -27.22
C LYS E 70 45.99 24.42 -26.66
N GLN E 71 46.18 25.61 -27.23
CA GLN E 71 47.32 26.44 -26.85
C GLN E 71 47.34 26.80 -25.37
N PRO E 72 46.23 27.21 -24.74
CA PRO E 72 46.30 27.44 -23.29
C PRO E 72 46.59 26.19 -22.49
N PHE E 73 46.13 25.03 -22.94
CA PHE E 73 46.43 23.80 -22.23
C PHE E 73 47.88 23.40 -22.41
N GLU E 74 48.39 23.48 -23.63
CA GLU E 74 49.80 23.17 -23.88
C GLU E 74 50.73 24.17 -23.20
N LYS E 75 50.34 25.44 -23.14
CA LYS E 75 51.21 26.45 -22.53
C LYS E 75 51.21 26.33 -21.02
N TYR E 76 50.02 26.16 -20.41
CA TYR E 76 49.89 26.18 -18.96
C TYR E 76 49.80 24.81 -18.31
N ARG E 77 49.47 23.75 -19.06
CA ARG E 77 49.32 22.41 -18.48
C ARG E 77 48.54 22.48 -17.18
N PRO E 78 47.24 22.79 -17.23
CA PRO E 78 46.48 23.03 -15.99
C PRO E 78 46.20 21.77 -15.21
N THR E 79 46.04 21.94 -13.88
CA THR E 79 45.59 20.87 -13.01
C THR E 79 44.08 20.90 -12.78
N TYR E 80 43.47 22.07 -12.91
CA TYR E 80 42.03 22.27 -12.75
C TYR E 80 41.54 23.23 -13.83
N VAL E 81 40.28 23.05 -14.23
CA VAL E 81 39.66 23.92 -15.22
C VAL E 81 38.28 24.32 -14.73
N ILE E 82 37.98 25.61 -14.75
CA ILE E 82 36.62 26.11 -14.62
C ILE E 82 36.20 26.63 -15.99
N HIS E 83 35.24 25.94 -16.61
CA HIS E 83 34.81 26.25 -17.97
C HIS E 83 33.54 27.08 -17.90
N LEU E 84 33.71 28.40 -17.94
CA LEU E 84 32.61 29.35 -17.95
C LEU E 84 32.37 30.00 -19.31
N ALA E 85 33.32 29.89 -20.23
CA ALA E 85 33.19 30.60 -21.49
C ALA E 85 31.99 30.07 -22.27
N ALA E 86 31.24 30.99 -22.86
CA ALA E 86 30.09 30.66 -23.68
C ALA E 86 29.84 31.79 -24.64
N PHE E 87 29.09 31.49 -25.69
CA PHE E 87 28.60 32.48 -26.64
C PHE E 87 27.14 32.77 -26.29
N VAL E 88 26.88 33.97 -25.78
CA VAL E 88 25.57 34.33 -25.26
C VAL E 88 24.86 35.35 -26.14
N GLY E 89 25.51 35.81 -27.20
CA GLY E 89 24.87 36.65 -28.20
C GLY E 89 25.34 38.08 -28.20
N GLY E 90 25.74 38.58 -29.37
CA GLY E 90 26.23 39.94 -29.51
C GLY E 90 25.14 40.93 -29.88
N LEU E 91 25.57 42.03 -30.51
CA LEU E 91 24.65 42.99 -31.12
C LEU E 91 24.73 43.00 -32.64
N PHE E 92 25.50 42.09 -33.24
CA PHE E 92 25.57 41.95 -34.69
C PHE E 92 24.58 40.89 -35.15
N LYS E 93 23.71 41.27 -36.09
CA LYS E 93 22.60 40.42 -36.49
C LYS E 93 23.09 39.09 -37.05
N ASN E 94 23.99 39.15 -38.04
CA ASN E 94 24.46 37.94 -38.70
C ASN E 94 25.15 36.96 -37.77
N MET E 95 25.46 37.36 -36.53
CA MET E 95 26.12 36.47 -35.58
C MET E 95 25.15 35.85 -34.57
N ASN E 96 23.86 36.22 -34.59
CA ASN E 96 22.92 35.81 -33.55
C ASN E 96 21.83 34.84 -34.04
N PHE E 97 22.01 34.19 -35.19
CA PHE E 97 21.13 33.10 -35.58
C PHE E 97 21.26 31.94 -34.60
N LYS E 98 20.15 31.22 -34.40
CA LYS E 98 20.21 30.02 -33.56
C LYS E 98 21.30 29.07 -34.03
N VAL E 99 21.54 29.05 -35.34
CA VAL E 99 22.65 28.27 -35.89
C VAL E 99 23.94 28.64 -35.18
N SER E 100 24.17 29.93 -35.01
CA SER E 100 25.37 30.39 -34.31
C SER E 100 25.34 30.00 -32.83
N PHE E 101 24.17 30.08 -32.18
CA PHE E 101 24.10 29.65 -30.79
C PHE E 101 24.45 28.17 -30.64
N TRP E 102 24.05 27.35 -31.61
CA TRP E 102 24.38 25.95 -31.52
C TRP E 102 25.86 25.70 -31.78
N LEU E 103 26.35 26.13 -32.94
CA LEU E 103 27.71 25.80 -33.38
C LEU E 103 28.76 26.41 -32.46
N ASP E 104 28.64 27.71 -32.19
CA ASP E 104 29.65 28.36 -31.35
C ASP E 104 29.71 27.71 -29.98
N ASN E 105 28.56 27.37 -29.41
CA ASN E 105 28.57 26.79 -28.08
C ASN E 105 29.03 25.35 -28.11
N VAL E 106 28.48 24.55 -29.04
CA VAL E 106 28.84 23.13 -29.02
C VAL E 106 30.30 22.95 -29.40
N ASN E 107 30.84 23.80 -30.29
CA ASN E 107 32.25 23.69 -30.62
C ASN E 107 33.11 24.04 -29.42
N MET E 108 32.79 25.15 -28.77
CA MET E 108 33.53 25.61 -27.60
C MET E 108 33.54 24.54 -26.52
N ASN E 109 32.36 23.95 -26.24
CA ASN E 109 32.26 22.92 -25.22
C ASN E 109 32.99 21.64 -25.62
N ASN E 110 32.77 21.16 -26.86
CA ASN E 110 33.47 19.97 -27.34
C ASN E 110 34.99 20.17 -27.26
N ASN E 111 35.47 21.30 -27.75
CA ASN E 111 36.91 21.54 -27.74
C ASN E 111 37.47 21.55 -26.33
N ILE E 112 36.83 22.30 -25.43
CA ILE E 112 37.41 22.53 -24.10
C ILE E 112 37.42 21.24 -23.29
N LEU E 113 36.30 20.50 -23.28
CA LEU E 113 36.25 19.26 -22.52
C LEU E 113 37.24 18.23 -23.06
N THR E 114 37.38 18.16 -24.39
CA THR E 114 38.36 17.28 -24.99
C THR E 114 39.77 17.66 -24.57
N CYS E 115 40.11 18.96 -24.62
CA CYS E 115 41.42 19.39 -24.12
C CYS E 115 41.59 19.05 -22.65
N CYS E 116 40.51 19.19 -21.86
CA CYS E 116 40.62 18.81 -20.45
C CYS E 116 40.97 17.34 -20.30
N TYR E 117 40.31 16.47 -21.07
CA TYR E 117 40.62 15.06 -20.95
C TYR E 117 42.01 14.75 -21.50
N ASP E 118 42.31 15.26 -22.70
CA ASP E 118 43.57 14.93 -23.34
C ASP E 118 44.76 15.38 -22.50
N PHE E 119 44.62 16.51 -21.81
CA PHE E 119 45.68 17.06 -21.00
C PHE E 119 45.58 16.65 -19.54
N GLY E 120 44.75 15.65 -19.23
CA GLY E 120 44.75 15.07 -17.90
C GLY E 120 44.39 16.02 -16.77
N VAL E 121 43.45 16.93 -17.01
CA VAL E 121 42.99 17.82 -15.95
C VAL E 121 42.35 16.99 -14.84
N LYS E 122 42.70 17.30 -13.59
CA LYS E 122 42.20 16.52 -12.47
C LYS E 122 40.69 16.69 -12.30
N LYS E 123 40.19 17.91 -12.37
CA LYS E 123 38.78 18.15 -12.18
C LYS E 123 38.32 19.32 -13.05
N THR E 124 37.19 19.15 -13.71
CA THR E 124 36.60 20.16 -14.58
C THR E 124 35.20 20.46 -14.09
N ILE E 125 34.89 21.73 -13.89
CA ILE E 125 33.55 22.18 -13.55
C ILE E 125 33.06 23.06 -14.69
N SER E 126 31.96 22.65 -15.30
CA SER E 126 31.40 23.43 -16.40
C SER E 126 30.16 24.14 -15.92
N CYS E 127 29.62 24.99 -16.79
CA CYS E 127 28.57 25.88 -16.35
C CYS E 127 27.35 25.70 -17.23
N LEU E 128 26.23 25.37 -16.60
CA LEU E 128 24.93 25.27 -17.25
C LEU E 128 24.11 26.52 -16.90
N SER E 129 22.79 26.41 -16.97
CA SER E 129 21.93 27.56 -16.67
C SER E 129 20.51 27.06 -16.40
N THR E 130 19.80 27.76 -15.51
CA THR E 130 18.44 27.36 -15.15
C THR E 130 17.44 27.53 -16.29
N CYS E 131 17.81 28.20 -17.37
CA CYS E 131 16.87 28.44 -18.46
C CYS E 131 16.94 27.36 -19.54
N VAL E 132 17.61 26.24 -19.29
CA VAL E 132 17.74 25.16 -20.27
C VAL E 132 16.92 23.94 -19.89
N PHE E 133 16.08 24.04 -18.87
CA PHE E 133 15.25 22.92 -18.46
C PHE E 133 14.02 22.74 -19.37
N PRO E 134 13.39 21.56 -19.33
CA PRO E 134 12.21 21.31 -20.16
C PRO E 134 11.12 22.34 -19.94
N ASP E 135 10.42 22.71 -21.02
CA ASP E 135 9.35 23.69 -20.93
C ASP E 135 8.15 23.17 -20.14
N LYS E 136 7.71 21.96 -20.43
CA LYS E 136 6.62 21.33 -19.69
C LYS E 136 7.22 20.59 -18.50
N ILE E 137 7.00 21.13 -17.30
CA ILE E 137 7.63 20.60 -16.10
C ILE E 137 6.75 21.00 -14.91
N GLU E 138 6.79 20.21 -13.84
CA GLU E 138 5.86 20.42 -12.74
C GLU E 138 6.45 21.18 -11.56
N TYR E 139 6.06 20.80 -10.33
CA TYR E 139 6.26 21.70 -9.18
C TYR E 139 7.67 21.70 -8.59
N PRO E 140 8.33 20.55 -8.37
CA PRO E 140 9.74 20.60 -7.97
C PRO E 140 10.76 20.61 -9.11
N ILE E 141 11.31 21.77 -9.47
CA ILE E 141 12.38 21.77 -10.47
C ILE E 141 13.63 21.20 -9.81
N THR E 142 14.07 20.03 -10.27
CA THR E 142 15.26 19.36 -9.73
C THR E 142 16.28 19.12 -10.84
N GLU E 143 17.56 19.03 -10.43
CA GLU E 143 18.62 18.80 -11.39
C GLU E 143 18.35 17.55 -12.23
N GLU E 144 17.75 16.53 -11.62
CA GLU E 144 17.50 15.28 -12.35
C GLU E 144 16.44 15.44 -13.42
N LYS E 145 15.74 16.57 -13.46
CA LYS E 145 14.77 16.86 -14.50
C LYS E 145 15.39 17.56 -15.72
N LEU E 146 16.73 17.71 -15.74
CA LEU E 146 17.42 18.44 -16.80
C LEU E 146 17.07 17.99 -18.22
N HIS E 147 16.97 16.68 -18.45
CA HIS E 147 16.77 16.19 -19.81
C HIS E 147 15.35 15.65 -20.06
N GLU E 148 14.40 15.97 -19.19
CA GLU E 148 13.06 15.37 -19.29
C GLU E 148 12.14 16.14 -20.24
N GLY E 149 12.58 16.32 -21.49
CA GLY E 149 11.75 16.98 -22.47
C GLY E 149 12.44 18.19 -23.07
N PRO E 150 11.89 18.71 -24.16
CA PRO E 150 12.59 19.77 -24.89
C PRO E 150 12.54 21.09 -24.15
N PRO E 151 13.56 21.93 -24.29
CA PRO E 151 13.54 23.24 -23.64
C PRO E 151 12.54 24.18 -24.30
N HIS E 152 12.37 25.38 -23.77
CA HIS E 152 11.51 26.33 -24.44
C HIS E 152 12.13 26.67 -25.80
N PHE E 153 11.26 26.94 -26.79
CA PHE E 153 11.74 27.13 -28.16
C PHE E 153 12.63 28.35 -28.31
N SER E 154 12.38 29.41 -27.52
CA SER E 154 12.92 30.74 -27.80
C SER E 154 14.44 30.78 -27.77
N ASN E 155 15.07 29.97 -26.94
CA ASN E 155 16.52 29.94 -26.87
C ASN E 155 17.02 28.49 -27.02
N ASN E 156 16.33 27.69 -27.82
CA ASN E 156 16.52 26.25 -27.71
C ASN E 156 17.90 25.80 -28.20
N ALA E 157 18.53 26.56 -29.10
CA ALA E 157 19.88 26.20 -29.54
C ALA E 157 20.88 26.35 -28.39
N TYR E 158 20.88 27.51 -27.73
CA TYR E 158 21.71 27.70 -26.54
C TYR E 158 21.41 26.65 -25.49
N ALA E 159 20.13 26.34 -25.29
CA ALA E 159 19.74 25.38 -24.26
C ALA E 159 20.25 23.98 -24.59
N TYR E 160 20.08 23.53 -25.84
CA TYR E 160 20.54 22.19 -26.20
C TYR E 160 22.07 22.10 -26.10
N ALA E 161 22.76 23.18 -26.47
CA ALA E 161 24.21 23.20 -26.34
C ALA E 161 24.63 22.97 -24.89
N LYS E 162 23.91 23.59 -23.95
CA LYS E 162 24.21 23.38 -22.53
C LYS E 162 23.91 21.94 -22.12
N ARG E 163 22.78 21.39 -22.56
CA ARG E 163 22.48 19.98 -22.29
C ARG E 163 23.57 19.07 -22.82
N MET E 164 24.07 19.34 -24.04
CA MET E 164 25.10 18.47 -24.58
C MET E 164 26.44 18.70 -23.89
N LEU E 165 26.60 19.84 -23.21
CA LEU E 165 27.76 20.04 -22.37
C LEU E 165 27.71 19.13 -21.14
N ASP E 166 26.55 19.03 -20.50
CA ASP E 166 26.41 18.08 -19.40
C ASP E 166 26.66 16.65 -19.88
N MET E 167 26.05 16.28 -21.01
CA MET E 167 26.20 14.91 -21.50
C MET E 167 27.64 14.62 -21.87
N LEU E 168 28.31 15.56 -22.55
CA LEU E 168 29.70 15.30 -22.90
C LEU E 168 30.56 15.09 -21.65
N GLY E 169 30.25 15.83 -20.57
CA GLY E 169 30.95 15.62 -19.31
C GLY E 169 30.74 14.22 -18.75
N ARG E 170 29.49 13.74 -18.78
CA ARG E 170 29.21 12.38 -18.30
C ARG E 170 29.94 11.34 -19.14
N TRP E 171 29.99 11.55 -20.45
CA TRP E 171 30.66 10.62 -21.33
C TRP E 171 32.17 10.63 -21.11
N TYR E 172 32.75 11.79 -20.80
CA TYR E 172 34.18 11.77 -20.52
C TYR E 172 34.51 11.12 -19.18
N ASN E 173 33.61 11.20 -18.19
CA ASN E 173 33.82 10.44 -16.96
C ASN E 173 33.82 8.94 -17.23
N GLU E 174 32.91 8.47 -18.08
CA GLU E 174 32.88 7.05 -18.45
C GLU E 174 34.20 6.65 -19.09
N LYS E 175 34.74 7.50 -19.97
CA LYS E 175 36.01 7.19 -20.61
C LYS E 175 37.13 7.14 -19.60
N ALA E 176 37.15 8.10 -18.65
CA ALA E 176 38.20 8.12 -17.65
C ALA E 176 38.20 6.83 -16.84
N VAL E 177 37.01 6.33 -16.50
CA VAL E 177 36.89 5.06 -15.77
C VAL E 177 37.49 3.92 -16.59
N ASN E 178 37.13 3.84 -17.88
CA ASN E 178 37.57 2.73 -18.72
C ASN E 178 39.08 2.75 -18.96
N GLU E 179 39.68 3.93 -19.06
CA GLU E 179 41.10 4.08 -19.31
C GLU E 179 41.91 4.23 -18.01
N GLY E 180 41.24 4.15 -16.86
CA GLY E 180 41.88 4.29 -15.55
C GLY E 180 42.44 5.67 -15.27
N LYS E 181 42.08 6.67 -16.06
CA LYS E 181 42.54 8.03 -15.86
C LYS E 181 41.77 8.70 -14.72
N SER E 182 42.43 9.62 -14.04
CA SER E 182 41.84 10.34 -12.92
C SER E 182 41.38 11.72 -13.39
N CYS E 183 40.23 11.74 -14.07
CA CYS E 183 39.60 12.97 -14.57
C CYS E 183 38.14 12.97 -14.14
N LEU E 184 37.73 14.03 -13.42
CA LEU E 184 36.35 14.19 -13.01
C LEU E 184 35.75 15.41 -13.72
N PHE E 185 34.54 15.24 -14.25
CA PHE E 185 33.79 16.31 -14.90
C PHE E 185 32.47 16.51 -14.16
N THR E 186 32.20 17.74 -13.74
CA THR E 186 30.90 18.05 -13.16
C THR E 186 30.50 19.45 -13.57
N SER E 187 29.37 19.91 -13.05
CA SER E 187 28.84 21.18 -13.53
C SER E 187 27.97 21.82 -12.46
N VAL E 188 27.79 23.13 -12.60
CA VAL E 188 26.90 23.90 -11.75
C VAL E 188 25.84 24.53 -12.64
N ILE E 189 24.69 24.82 -12.05
CA ILE E 189 23.57 25.43 -12.76
C ILE E 189 23.20 26.75 -12.10
N PRO E 190 23.82 27.86 -12.51
CA PRO E 190 23.47 29.16 -11.92
C PRO E 190 22.16 29.71 -12.47
N THR E 191 21.44 30.41 -11.59
CA THR E 191 20.27 31.18 -11.96
C THR E 191 20.75 32.57 -12.37
N ASN E 192 19.80 33.46 -12.64
CA ASN E 192 20.12 34.82 -13.08
C ASN E 192 21.19 35.50 -12.22
N LEU E 193 22.35 35.75 -12.82
CA LEU E 193 23.47 36.43 -12.18
C LEU E 193 23.48 37.93 -12.47
N PHE E 194 23.97 38.70 -11.49
CA PHE E 194 24.23 40.14 -11.64
C PHE E 194 25.44 40.53 -10.81
N GLY E 195 26.06 41.66 -11.18
CA GLY E 195 27.20 42.17 -10.46
C GLY E 195 28.15 42.95 -11.36
N PRO E 196 29.32 43.28 -10.82
CA PRO E 196 30.30 44.08 -11.58
C PRO E 196 30.82 43.34 -12.80
N HIS E 197 31.24 44.11 -13.81
CA HIS E 197 31.73 43.62 -15.10
C HIS E 197 30.67 42.90 -15.91
N ASP E 198 29.39 43.15 -15.63
CA ASP E 198 28.31 42.60 -16.42
C ASP E 198 28.32 43.27 -17.80
N ASN E 199 27.42 42.83 -18.69
CA ASN E 199 27.20 43.51 -19.96
C ASN E 199 25.99 44.41 -19.76
N PHE E 200 26.24 45.71 -19.69
CA PHE E 200 25.22 46.69 -19.33
C PHE E 200 24.57 47.33 -20.55
N ASN E 201 24.71 46.70 -21.71
CA ASN E 201 24.00 47.16 -22.89
C ASN E 201 22.50 47.01 -22.66
N VAL E 202 21.75 48.07 -22.92
CA VAL E 202 20.32 48.06 -22.62
C VAL E 202 19.58 46.99 -23.43
N GLU E 203 20.02 46.75 -24.67
CA GLU E 203 19.33 45.84 -25.58
C GLU E 203 19.76 44.38 -25.43
N ALA E 204 21.07 44.10 -25.45
CA ALA E 204 21.53 42.71 -25.51
C ALA E 204 21.74 42.09 -24.14
N GLY E 205 21.98 42.91 -23.11
CA GLY E 205 22.33 42.38 -21.80
C GLY E 205 21.12 41.86 -21.04
N HIS E 206 21.40 41.22 -19.90
CA HIS E 206 20.31 40.72 -19.10
C HIS E 206 19.48 41.88 -18.54
N VAL E 207 18.27 41.57 -18.12
CA VAL E 207 17.30 42.60 -17.75
C VAL E 207 17.86 43.47 -16.63
N LEU E 208 18.39 42.84 -15.58
CA LEU E 208 18.77 43.59 -14.39
C LEU E 208 19.93 44.53 -14.70
N PRO E 209 21.05 44.08 -15.29
CA PRO E 209 22.10 45.06 -15.64
C PRO E 209 21.66 46.12 -16.63
N GLY E 210 20.71 45.80 -17.52
CA GLY E 210 20.19 46.78 -18.45
C GLY E 210 19.43 47.90 -17.77
N LEU E 211 18.68 47.58 -16.70
CA LEU E 211 17.95 48.60 -15.94
C LEU E 211 18.89 49.57 -15.23
N MET E 212 20.05 49.07 -14.77
CA MET E 212 21.03 49.94 -14.17
C MET E 212 21.49 50.97 -15.18
N HIS E 213 21.71 50.54 -16.43
CA HIS E 213 22.11 51.47 -17.46
C HIS E 213 20.95 52.37 -17.88
N LYS E 214 19.73 51.82 -17.93
CA LYS E 214 18.58 52.66 -18.24
C LYS E 214 18.40 53.74 -17.18
N CYS E 215 18.61 53.38 -15.91
CA CYS E 215 18.48 54.36 -14.82
C CYS E 215 19.57 55.42 -14.89
N TYR E 216 20.82 55.01 -15.09
CA TYR E 216 21.92 55.95 -15.25
C TYR E 216 21.68 56.91 -16.42
N LYS E 217 21.18 56.39 -17.53
CA LYS E 217 20.86 57.25 -18.67
C LYS E 217 19.75 58.24 -18.34
N ALA E 218 18.73 57.80 -17.58
CA ALA E 218 17.62 58.68 -17.20
C ALA E 218 18.08 59.80 -16.27
N GLN E 219 19.04 59.52 -15.39
CA GLN E 219 19.57 60.55 -14.50
C GLN E 219 20.42 61.55 -15.29
N GLN E 220 21.15 61.07 -16.30
CA GLN E 220 22.00 61.94 -17.09
C GLN E 220 21.19 62.92 -17.92
N ASN E 221 20.10 62.45 -18.52
CA ASN E 221 19.25 63.26 -19.39
C ASN E 221 18.24 64.05 -18.57
N GLY E 222 17.52 63.37 -17.68
CA GLY E 222 16.50 63.99 -16.85
C GLY E 222 15.15 63.35 -17.01
N THR E 223 15.05 62.29 -17.79
CA THR E 223 13.79 61.67 -18.11
C THR E 223 13.49 60.61 -17.05
N ASP E 224 12.37 59.91 -17.20
CA ASP E 224 12.12 58.76 -16.34
C ASP E 224 12.68 57.54 -17.07
N PHE E 225 13.29 56.62 -16.33
CA PHE E 225 13.72 55.37 -16.92
C PHE E 225 12.56 54.38 -16.89
N VAL E 226 12.25 53.82 -18.05
CA VAL E 226 11.02 53.05 -18.25
C VAL E 226 11.35 51.58 -18.08
N VAL E 227 10.60 50.93 -17.19
CA VAL E 227 10.68 49.50 -16.95
C VAL E 227 9.39 48.87 -17.43
N PHE E 228 9.51 47.79 -18.22
CA PHE E 228 8.35 47.07 -18.76
C PHE E 228 7.68 46.25 -17.66
N GLY E 229 7.06 46.94 -16.69
CA GLY E 229 6.45 46.28 -15.56
C GLY E 229 5.05 45.73 -15.76
N SER E 230 4.97 44.57 -16.41
CA SER E 230 3.68 43.91 -16.62
C SER E 230 3.04 43.50 -15.30
N GLY E 231 3.87 43.21 -14.30
CA GLY E 231 3.37 42.79 -13.01
C GLY E 231 4.54 42.38 -12.15
N LYS E 232 4.28 41.42 -11.28
CA LYS E 232 5.32 40.99 -10.37
C LYS E 232 5.85 39.61 -10.73
N PRO E 233 6.47 39.38 -11.90
CA PRO E 233 7.09 38.07 -12.11
C PRO E 233 8.19 37.88 -11.10
N LEU E 234 8.26 36.69 -10.50
CA LEU E 234 9.26 36.42 -9.48
C LEU E 234 10.39 35.66 -10.15
N ARG E 235 11.60 36.14 -9.97
CA ARG E 235 12.76 35.52 -10.55
C ARG E 235 13.83 35.42 -9.47
N GLN E 236 14.71 34.44 -9.64
CA GLN E 236 15.79 34.22 -8.69
C GLN E 236 17.04 34.93 -9.18
N PHE E 237 17.65 35.71 -8.29
CA PHE E 237 18.81 36.52 -8.63
C PHE E 237 19.94 36.17 -7.68
N LEU E 238 21.08 35.79 -8.24
CA LEU E 238 22.24 35.36 -7.48
C LEU E 238 23.37 36.34 -7.76
N TYR E 239 23.84 36.99 -6.71
CA TYR E 239 24.97 37.89 -6.79
C TYR E 239 26.19 37.14 -7.32
N SER E 240 26.89 37.74 -8.27
CA SER E 240 28.02 37.05 -8.89
C SER E 240 29.09 36.70 -7.86
N HIS E 241 29.28 37.55 -6.84
CA HIS E 241 30.25 37.20 -5.80
C HIS E 241 29.78 36.01 -4.98
N ASP E 242 28.47 35.88 -4.74
CA ASP E 242 27.95 34.67 -4.09
C ASP E 242 28.13 33.43 -4.97
N ALA E 243 27.78 33.54 -6.26
CA ALA E 243 27.94 32.40 -7.16
C ALA E 243 29.38 31.99 -7.23
N ALA E 244 30.30 32.97 -7.22
CA ALA E 244 31.72 32.62 -7.26
C ALA E 244 32.11 31.84 -6.02
N ARG E 245 31.59 32.23 -4.84
CA ARG E 245 31.89 31.49 -3.62
C ARG E 245 31.24 30.10 -3.64
N MET E 246 29.99 30.01 -4.12
CA MET E 246 29.36 28.70 -4.24
C MET E 246 30.08 27.82 -5.25
N LEU E 247 30.53 28.41 -6.36
CA LEU E 247 31.25 27.62 -7.36
C LEU E 247 32.56 27.08 -6.80
N LEU E 248 33.31 27.93 -6.07
CA LEU E 248 34.59 27.49 -5.51
C LEU E 248 34.39 26.41 -4.44
N TRP E 249 33.37 26.53 -3.59
CA TRP E 249 33.04 25.43 -2.70
C TRP E 249 32.77 24.16 -3.48
N THR E 250 32.03 24.27 -4.58
CA THR E 250 31.74 23.10 -5.41
C THR E 250 33.01 22.46 -5.93
N MET E 251 33.97 23.27 -6.38
CA MET E 251 35.25 22.73 -6.85
C MET E 251 35.99 22.03 -5.73
N PHE E 252 35.93 22.56 -4.51
CA PHE E 252 36.73 22.03 -3.43
C PHE E 252 36.13 20.75 -2.83
N ASN E 253 34.81 20.58 -2.89
CA ASN E 253 34.14 19.56 -2.09
C ASN E 253 33.27 18.59 -2.86
N TYR E 254 32.73 19.02 -4.00
CA TYR E 254 31.65 18.32 -4.67
C TYR E 254 32.25 17.31 -5.62
N GLN E 255 31.99 16.02 -5.37
CA GLN E 255 32.62 14.95 -6.15
C GLN E 255 31.66 14.27 -7.13
N SER E 256 30.37 14.51 -7.04
CA SER E 256 29.39 13.82 -7.88
C SER E 256 29.39 14.41 -9.30
N GLU E 257 29.09 13.56 -10.29
CA GLU E 257 28.97 14.03 -11.67
C GLU E 257 27.63 14.69 -11.97
N GLU E 258 26.65 14.56 -11.09
CA GLU E 258 25.37 15.24 -11.31
C GLU E 258 25.52 16.74 -11.09
N PRO E 259 24.91 17.57 -11.93
CA PRO E 259 24.98 19.01 -11.73
C PRO E 259 24.31 19.46 -10.43
N ILE E 260 24.83 20.54 -9.84
CA ILE E 260 24.27 21.14 -8.63
C ILE E 260 23.86 22.56 -8.97
N MET E 261 22.63 22.92 -8.58
CA MET E 261 22.11 24.24 -8.85
C MET E 261 22.68 25.27 -7.88
N LEU E 262 22.95 26.45 -8.42
CA LEU E 262 23.35 27.63 -7.66
C LEU E 262 22.23 28.64 -7.80
N CYS E 263 21.44 28.79 -6.74
CA CYS E 263 20.34 29.74 -6.74
C CYS E 263 19.98 30.07 -5.30
N VAL E 264 19.00 30.94 -5.14
CA VAL E 264 18.55 31.35 -3.82
C VAL E 264 17.31 30.55 -3.44
N SER E 265 16.92 30.64 -2.19
CA SER E 265 15.72 29.98 -1.69
C SER E 265 14.48 30.59 -2.36
N GLU E 266 13.35 29.88 -2.22
CA GLU E 266 12.08 30.40 -2.74
C GLU E 266 11.65 31.66 -1.99
N GLU E 267 11.95 31.75 -0.69
CA GLU E 267 11.60 32.94 0.07
C GLU E 267 12.30 34.18 -0.47
N ASP E 268 13.48 34.02 -1.08
CA ASP E 268 14.22 35.13 -1.66
C ASP E 268 13.85 35.41 -3.11
N GLU E 269 12.90 34.68 -3.69
CA GLU E 269 12.51 34.91 -5.08
C GLU E 269 11.81 36.26 -5.16
N LYS E 270 12.63 37.31 -5.20
CA LYS E 270 12.09 38.67 -5.32
C LYS E 270 11.29 38.79 -6.62
N SER E 271 10.22 39.56 -6.56
CA SER E 271 9.40 39.80 -7.74
C SER E 271 10.07 40.82 -8.65
N ILE E 272 9.62 40.84 -9.92
CA ILE E 272 10.12 41.86 -10.84
C ILE E 272 9.75 43.22 -10.30
N GLY E 273 8.51 43.37 -9.84
CA GLY E 273 8.12 44.59 -9.17
C GLY E 273 8.87 44.79 -7.87
N GLN E 274 8.99 43.73 -7.07
CA GLN E 274 9.75 43.83 -5.82
C GLN E 274 11.21 44.18 -6.12
N VAL E 275 11.77 43.60 -7.18
CA VAL E 275 13.12 43.96 -7.63
C VAL E 275 13.13 45.40 -8.15
N ALA E 276 12.09 45.79 -8.88
CA ALA E 276 12.02 47.15 -9.42
C ALA E 276 12.01 48.19 -8.30
N GLN E 277 11.20 47.96 -7.25
CA GLN E 277 11.14 48.94 -6.15
C GLN E 277 12.48 49.05 -5.44
N THR E 278 13.14 47.91 -5.19
CA THR E 278 14.48 47.90 -4.61
C THR E 278 15.51 48.53 -5.54
N ILE E 279 15.32 48.37 -6.84
CA ILE E 279 16.24 48.98 -7.80
C ILE E 279 16.19 50.49 -7.69
N LYS E 280 14.99 51.05 -7.51
CA LYS E 280 14.81 52.50 -7.44
C LYS E 280 15.61 53.13 -6.31
N ASP E 281 15.38 52.68 -5.08
CA ASP E 281 15.97 53.35 -3.92
C ASP E 281 17.45 53.01 -3.78
N ALA E 282 18.20 53.07 -4.87
CA ALA E 282 19.61 52.73 -4.83
C ALA E 282 20.50 53.60 -5.70
N PHE E 283 19.99 54.17 -6.80
CA PHE E 283 20.72 55.18 -7.56
C PHE E 283 20.57 56.59 -7.02
N ASN E 284 19.70 56.81 -6.04
CA ASN E 284 19.31 58.15 -5.62
C ASN E 284 18.77 58.95 -6.80
N PHE E 285 18.18 58.25 -7.77
CA PHE E 285 17.47 58.86 -8.89
C PHE E 285 16.08 59.28 -8.45
N THR E 286 15.74 60.56 -8.65
CA THR E 286 14.46 61.10 -8.18
C THR E 286 13.51 61.49 -9.32
N THR E 303 10.58 28.48 -11.10
CA THR E 303 11.28 28.43 -9.81
C THR E 303 12.26 27.26 -9.75
N SER E 304 13.52 27.55 -9.43
CA SER E 304 14.53 26.50 -9.30
C SER E 304 14.82 26.19 -7.84
N SER E 305 15.11 24.92 -7.57
CA SER E 305 15.33 24.43 -6.21
C SER E 305 16.80 24.49 -5.83
N ASN E 306 17.07 25.04 -4.64
CA ASN E 306 18.40 25.04 -4.03
C ASN E 306 18.56 23.94 -2.98
N ALA E 307 17.71 22.91 -3.04
CA ALA E 307 17.74 21.83 -2.05
C ALA E 307 19.10 21.13 -2.01
N LYS E 308 19.72 20.90 -3.16
CA LYS E 308 20.97 20.13 -3.15
C LYS E 308 22.07 20.90 -2.43
N PHE E 309 22.28 22.16 -2.83
CA PHE E 309 23.33 22.95 -2.21
C PHE E 309 23.04 23.22 -0.73
N LEU E 310 21.78 23.47 -0.38
CA LEU E 310 21.43 23.66 1.03
C LEU E 310 21.60 22.37 1.83
N ARG E 311 21.35 21.21 1.22
CA ARG E 311 21.53 19.94 1.93
C ARG E 311 23.01 19.64 2.13
N LEU E 312 23.83 19.96 1.14
CA LEU E 312 25.26 19.64 1.20
C LEU E 312 26.09 20.69 1.93
N ASN E 313 25.63 21.95 1.98
CA ASN E 313 26.39 23.04 2.60
C ASN E 313 25.48 23.97 3.38
N PRO E 314 24.99 23.53 4.55
CA PRO E 314 23.94 24.31 5.24
C PRO E 314 24.39 25.67 5.74
N THR E 315 25.68 25.87 6.03
CA THR E 315 26.14 27.10 6.66
C THR E 315 26.51 28.20 5.67
N PHE E 316 26.21 28.03 4.38
CA PHE E 316 26.59 29.07 3.44
C PHE E 316 25.82 30.35 3.72
N GLN E 317 26.53 31.48 3.71
CA GLN E 317 25.93 32.78 3.96
C GLN E 317 25.90 33.56 2.65
N TYR E 318 24.70 33.91 2.20
CA TYR E 318 24.50 34.70 1.00
C TYR E 318 24.63 36.18 1.31
N THR E 319 24.92 36.97 0.27
CA THR E 319 24.88 38.44 0.38
C THR E 319 23.44 38.94 0.24
N PRO E 320 22.97 39.79 1.17
CA PRO E 320 21.61 40.33 1.07
C PRO E 320 21.34 41.05 -0.24
N PHE E 321 20.09 40.93 -0.72
CA PHE E 321 19.74 41.45 -2.03
C PHE E 321 20.08 42.94 -2.14
N GLU E 322 19.70 43.73 -1.12
CA GLU E 322 19.94 45.16 -1.17
C GLU E 322 21.43 45.52 -1.27
N GLN E 323 22.27 44.85 -0.45
CA GLN E 323 23.70 45.15 -0.47
C GLN E 323 24.35 44.80 -1.80
N ALA E 324 23.90 43.69 -2.40
CA ALA E 324 24.46 43.32 -3.69
C ALA E 324 24.05 44.32 -4.76
N ILE E 325 22.79 44.76 -4.73
CA ILE E 325 22.35 45.73 -5.72
C ILE E 325 23.09 47.06 -5.56
N LYS E 326 23.22 47.54 -4.32
CA LYS E 326 23.90 48.82 -4.11
C LYS E 326 25.37 48.73 -4.50
N GLU E 327 26.05 47.64 -4.12
CA GLU E 327 27.48 47.51 -4.45
C GLU E 327 27.71 47.43 -5.97
N THR E 328 26.81 46.73 -6.70
CA THR E 328 26.93 46.68 -8.16
C THR E 328 26.66 48.04 -8.78
N VAL E 329 25.63 48.73 -8.28
CA VAL E 329 25.35 50.08 -8.76
C VAL E 329 26.55 50.99 -8.53
N GLN E 330 27.17 50.89 -7.35
CA GLN E 330 28.35 51.70 -7.06
C GLN E 330 29.48 51.39 -8.05
N TRP E 331 29.71 50.11 -8.36
CA TRP E 331 30.75 49.79 -9.33
C TRP E 331 30.45 50.41 -10.69
N PHE E 332 29.19 50.34 -11.14
CA PHE E 332 28.85 50.88 -12.46
C PHE E 332 29.10 52.38 -12.49
N LEU E 333 28.77 53.08 -11.41
CA LEU E 333 29.02 54.51 -11.35
C LEU E 333 30.52 54.81 -11.38
N GLU E 334 31.32 54.05 -10.64
CA GLU E 334 32.76 54.33 -10.58
C GLU E 334 33.50 53.93 -11.86
N ASN E 335 32.96 53.01 -12.65
CA ASN E 335 33.67 52.47 -13.80
C ASN E 335 32.88 52.63 -15.10
N TYR E 336 31.94 53.58 -15.14
CA TYR E 336 31.04 53.67 -16.29
C TYR E 336 31.80 53.75 -17.61
N GLU E 337 32.89 54.52 -17.66
CA GLU E 337 33.63 54.66 -18.90
C GLU E 337 34.15 53.32 -19.39
N THR E 338 34.51 52.43 -18.47
CA THR E 338 35.10 51.13 -18.79
C THR E 338 34.08 49.99 -18.78
N ALA E 339 32.80 50.28 -18.50
CA ALA E 339 31.78 49.24 -18.40
C ALA E 339 31.34 48.77 -19.78
N ARG E 340 31.01 47.49 -19.87
CA ARG E 340 30.47 46.94 -21.10
C ARG E 340 29.08 47.51 -21.34
N LYS E 341 28.94 48.35 -22.37
CA LYS E 341 27.66 48.94 -22.71
C LYS E 341 27.45 48.92 -24.23
N GLU F 13 2.77 20.28 -47.79
CA GLU F 13 3.58 19.15 -47.32
C GLU F 13 4.33 18.50 -48.47
N VAL F 14 3.70 18.47 -49.63
CA VAL F 14 4.24 17.95 -50.88
C VAL F 14 4.17 19.07 -51.92
N SER F 15 5.15 19.11 -52.81
CA SER F 15 5.12 20.08 -53.89
C SER F 15 3.93 19.84 -54.83
N ASP F 16 3.46 20.90 -55.48
CA ASP F 16 2.38 20.75 -56.44
C ASP F 16 2.80 19.82 -57.57
N GLN F 17 4.04 19.93 -58.03
CA GLN F 17 4.60 19.03 -59.02
C GLN F 17 5.92 18.47 -58.51
N PRO F 18 6.29 17.26 -58.93
CA PRO F 18 7.57 16.69 -58.50
C PRO F 18 8.75 17.48 -59.06
N ILE F 19 9.84 17.51 -58.28
CA ILE F 19 11.07 18.09 -58.76
C ILE F 19 11.52 17.35 -60.02
N THR F 20 11.99 18.11 -61.01
CA THR F 20 12.51 17.54 -62.25
C THR F 20 14.02 17.79 -62.31
N LEU F 21 14.80 16.70 -62.30
CA LEU F 21 16.25 16.79 -62.41
C LEU F 21 16.68 16.96 -63.86
N THR F 22 17.75 17.73 -64.07
CA THR F 22 18.29 18.02 -65.39
C THR F 22 19.77 17.65 -65.46
N GLN F 23 20.35 17.80 -66.64
CA GLN F 23 21.76 17.51 -66.81
C GLN F 23 22.67 18.46 -66.05
N ASP F 24 22.20 19.67 -65.73
CA ASP F 24 23.08 20.64 -65.09
C ASP F 24 23.15 20.55 -63.57
N ASP F 25 22.21 19.89 -62.92
CA ASP F 25 22.29 19.83 -61.46
C ASP F 25 23.07 18.61 -60.99
N VAL F 26 23.66 18.74 -59.80
CA VAL F 26 24.58 17.76 -59.22
C VAL F 26 24.02 17.30 -57.88
N ILE F 27 23.94 15.98 -57.68
CA ILE F 27 23.39 15.42 -56.45
C ILE F 27 24.54 14.73 -55.70
N LEU F 28 24.87 15.27 -54.55
CA LEU F 28 25.96 14.78 -53.72
C LEU F 28 25.36 13.87 -52.66
N VAL F 29 25.89 12.67 -52.54
CA VAL F 29 25.37 11.71 -51.57
C VAL F 29 26.49 11.39 -50.60
N THR F 30 26.40 11.93 -49.38
CA THR F 30 27.34 11.51 -48.35
C THR F 30 26.97 10.09 -47.94
N GLY F 31 27.98 9.34 -47.51
CA GLY F 31 27.76 7.95 -47.19
C GLY F 31 27.20 7.15 -48.35
N GLY F 32 27.57 7.49 -49.58
CA GLY F 32 26.98 6.79 -50.71
C GLY F 32 27.49 5.38 -50.96
N THR F 33 28.51 4.92 -50.24
CA THR F 33 29.10 3.60 -50.41
C THR F 33 28.60 2.57 -49.39
N GLY F 34 27.78 2.96 -48.42
CA GLY F 34 27.27 2.04 -47.42
C GLY F 34 26.01 1.31 -47.88
N LEU F 35 25.34 0.67 -46.91
CA LEU F 35 24.14 -0.10 -47.20
C LEU F 35 23.10 0.76 -47.93
N PHE F 36 22.71 1.86 -47.28
CA PHE F 36 21.68 2.76 -47.81
C PHE F 36 22.15 3.45 -49.08
N GLY F 37 23.40 3.94 -49.10
CA GLY F 37 23.88 4.66 -50.27
C GLY F 37 23.93 3.79 -51.52
N LYS F 38 24.45 2.55 -51.38
CA LYS F 38 24.51 1.65 -52.54
C LYS F 38 23.12 1.34 -53.06
N ALA F 39 22.15 1.25 -52.14
CA ALA F 39 20.77 1.02 -52.57
C ALA F 39 20.25 2.19 -53.39
N VAL F 40 20.55 3.42 -52.96
CA VAL F 40 20.18 4.60 -53.73
C VAL F 40 20.83 4.56 -55.11
N GLU F 41 22.12 4.21 -55.15
CA GLU F 41 22.81 4.13 -56.44
C GLU F 41 22.17 3.09 -57.34
N HIS F 42 21.74 1.97 -56.76
CA HIS F 42 21.09 0.93 -57.55
C HIS F 42 19.78 1.43 -58.17
N ILE F 43 18.91 2.09 -57.39
CA ILE F 43 17.65 2.57 -57.95
C ILE F 43 17.90 3.68 -58.99
N VAL F 44 18.81 4.62 -58.69
CA VAL F 44 19.13 5.68 -59.63
C VAL F 44 19.55 5.10 -60.97
N LYS F 45 20.32 4.01 -60.95
CA LYS F 45 20.77 3.40 -62.18
C LYS F 45 19.64 2.62 -62.86
N LYS F 46 18.85 1.87 -62.08
CA LYS F 46 17.75 1.12 -62.66
C LYS F 46 16.68 2.06 -63.22
N GLU F 47 16.32 3.12 -62.49
CA GLU F 47 15.28 4.03 -62.92
C GLU F 47 15.80 5.13 -63.83
N GLN F 48 17.11 5.12 -64.12
CA GLN F 48 17.75 6.07 -65.03
C GLN F 48 17.46 7.53 -64.67
N ILE F 49 17.48 7.84 -63.37
CA ILE F 49 17.25 9.20 -62.92
C ILE F 49 18.33 10.13 -63.47
N LYS F 50 17.93 11.31 -63.90
CA LYS F 50 18.86 12.20 -64.55
C LYS F 50 19.70 12.96 -63.51
N GLY F 51 20.73 13.64 -63.98
CA GLY F 51 21.63 14.44 -63.18
C GLY F 51 22.97 13.77 -62.97
N LYS F 52 23.95 14.56 -62.52
CA LYS F 52 25.25 14.02 -62.17
C LYS F 52 25.20 13.61 -60.70
N TRP F 53 25.32 12.31 -60.44
CA TRP F 53 25.22 11.74 -59.10
C TRP F 53 26.60 11.35 -58.60
N VAL F 54 26.95 11.84 -57.43
CA VAL F 54 28.24 11.58 -56.81
C VAL F 54 28.00 10.81 -55.52
N PHE F 55 28.49 9.57 -55.49
CA PHE F 55 28.33 8.70 -54.33
C PHE F 55 29.64 8.73 -53.57
N LEU F 56 29.66 9.51 -52.49
CA LEU F 56 30.86 9.75 -51.70
C LEU F 56 31.12 8.63 -50.71
N GLY F 57 32.39 8.41 -50.44
CA GLY F 57 32.82 7.59 -49.32
C GLY F 57 33.88 8.34 -48.54
N SER F 58 34.37 7.67 -47.50
CA SER F 58 35.43 8.27 -46.70
C SER F 58 36.65 8.59 -47.55
N LYS F 59 36.88 7.80 -48.62
CA LYS F 59 38.01 8.06 -49.51
C LYS F 59 37.94 9.45 -50.14
N ASP F 60 36.75 10.02 -50.31
CA ASP F 60 36.60 11.33 -50.92
C ASP F 60 36.82 12.48 -49.95
N GLY F 61 36.96 12.18 -48.66
CA GLY F 61 37.23 13.17 -47.64
C GLY F 61 36.57 12.79 -46.33
N ASP F 62 37.30 12.97 -45.22
CA ASP F 62 36.79 12.65 -43.88
C ASP F 62 35.83 13.77 -43.48
N LEU F 63 34.52 13.49 -43.55
CA LEU F 63 33.55 14.56 -43.33
C LEU F 63 33.48 15.02 -41.87
N ARG F 64 34.24 14.38 -40.95
CA ARG F 64 34.39 14.89 -39.59
C ARG F 64 35.28 16.12 -39.55
N ASP F 65 36.16 16.29 -40.53
CA ASP F 65 37.04 17.44 -40.65
C ASP F 65 36.37 18.56 -41.45
N ALA F 66 36.42 19.79 -40.94
CA ALA F 66 35.72 20.90 -41.59
C ALA F 66 36.31 21.20 -42.97
N ASP F 67 37.63 21.27 -43.08
CA ASP F 67 38.24 21.57 -44.38
C ASP F 67 38.03 20.43 -45.36
N ALA F 68 38.19 19.19 -44.90
CA ALA F 68 37.96 18.06 -45.80
C ALA F 68 36.51 18.01 -46.24
N CYS F 69 35.59 18.46 -45.39
CA CYS F 69 34.19 18.46 -45.76
C CYS F 69 33.93 19.45 -46.90
N LYS F 70 34.69 20.54 -46.95
CA LYS F 70 34.51 21.56 -47.99
C LYS F 70 34.91 21.07 -49.38
N GLN F 71 35.87 20.15 -49.49
CA GLN F 71 36.46 19.83 -50.79
C GLN F 71 35.47 19.28 -51.80
N PRO F 72 34.62 18.30 -51.47
CA PRO F 72 33.61 17.86 -52.46
C PRO F 72 32.59 18.92 -52.81
N PHE F 73 32.26 19.84 -51.89
CA PHE F 73 31.33 20.92 -52.21
C PHE F 73 31.95 21.92 -53.18
N GLU F 74 33.23 22.28 -52.95
CA GLU F 74 33.91 23.19 -53.86
C GLU F 74 34.08 22.55 -55.24
N LYS F 75 34.32 21.25 -55.29
CA LYS F 75 34.60 20.56 -56.54
C LYS F 75 33.34 20.34 -57.38
N TYR F 76 32.28 19.79 -56.78
CA TYR F 76 31.10 19.39 -57.53
C TYR F 76 30.00 20.44 -57.52
N ARG F 77 30.04 21.38 -56.57
CA ARG F 77 29.03 22.43 -56.42
C ARG F 77 27.63 21.85 -56.56
N PRO F 78 27.17 21.03 -55.62
CA PRO F 78 25.90 20.31 -55.81
C PRO F 78 24.71 21.23 -55.73
N THR F 79 23.64 20.82 -56.40
CA THR F 79 22.35 21.45 -56.22
C THR F 79 21.45 20.71 -55.25
N TYR F 80 21.70 19.42 -55.02
CA TYR F 80 20.94 18.65 -54.05
C TYR F 80 21.92 17.80 -53.29
N VAL F 81 21.61 17.53 -52.03
CA VAL F 81 22.46 16.72 -51.17
C VAL F 81 21.57 15.71 -50.47
N ILE F 82 21.98 14.45 -50.52
CA ILE F 82 21.42 13.41 -49.69
C ILE F 82 22.50 13.04 -48.69
N HIS F 83 22.24 13.29 -47.43
CA HIS F 83 23.22 13.15 -46.36
C HIS F 83 22.99 11.84 -45.64
N LEU F 84 23.74 10.81 -46.02
CA LEU F 84 23.61 9.52 -45.36
C LEU F 84 24.78 9.17 -44.44
N ALA F 85 25.89 9.89 -44.51
CA ALA F 85 27.04 9.48 -43.71
C ALA F 85 26.73 9.58 -42.22
N ALA F 86 27.24 8.62 -41.45
CA ALA F 86 27.16 8.62 -40.00
C ALA F 86 28.31 7.77 -39.49
N PHE F 87 28.66 7.96 -38.22
CA PHE F 87 29.71 7.16 -37.59
C PHE F 87 28.99 6.08 -36.80
N VAL F 88 28.96 4.86 -37.35
CA VAL F 88 28.09 3.81 -36.83
C VAL F 88 28.84 2.64 -36.19
N PHE F 97 32.82 3.65 -25.71
CA PHE F 97 33.37 4.72 -26.54
C PHE F 97 32.31 5.80 -26.88
N LYS F 98 31.43 6.10 -25.90
CA LYS F 98 30.36 7.08 -26.10
C LYS F 98 30.85 8.44 -26.58
N VAL F 99 32.01 8.88 -26.10
CA VAL F 99 32.58 10.17 -26.52
C VAL F 99 32.72 10.23 -28.05
N SER F 100 33.26 9.17 -28.67
CA SER F 100 33.50 9.21 -30.11
C SER F 100 32.19 9.28 -30.89
N PHE F 101 31.17 8.54 -30.47
CA PHE F 101 29.89 8.58 -31.17
C PHE F 101 29.26 9.96 -31.14
N TRP F 102 29.48 10.74 -30.07
CA TRP F 102 28.99 12.12 -30.07
C TRP F 102 29.83 13.00 -30.99
N LEU F 103 31.15 13.06 -30.73
CA LEU F 103 32.00 14.01 -31.44
C LEU F 103 32.05 13.72 -32.95
N ASP F 104 32.31 12.48 -33.33
CA ASP F 104 32.41 12.19 -34.76
C ASP F 104 31.10 12.48 -35.48
N ASN F 105 29.96 12.12 -34.89
CA ASN F 105 28.68 12.36 -35.57
C ASN F 105 28.30 13.84 -35.57
N VAL F 106 28.43 14.53 -34.43
CA VAL F 106 27.98 15.93 -34.41
C VAL F 106 28.89 16.79 -35.27
N ASN F 107 30.19 16.47 -35.35
CA ASN F 107 31.08 17.23 -36.21
C ASN F 107 30.72 17.03 -37.68
N MET F 108 30.48 15.79 -38.07
CA MET F 108 30.09 15.46 -39.43
C MET F 108 28.75 16.11 -39.79
N ASN F 109 27.75 16.04 -38.90
CA ASN F 109 26.45 16.67 -39.18
C ASN F 109 26.55 18.19 -39.24
N ASN F 110 27.24 18.79 -38.27
CA ASN F 110 27.45 20.24 -38.31
C ASN F 110 28.16 20.66 -39.59
N ASN F 111 29.23 19.93 -39.99
CA ASN F 111 30.01 20.32 -41.17
C ASN F 111 29.17 20.25 -42.43
N ILE F 112 28.46 19.13 -42.64
CA ILE F 112 27.74 18.92 -43.90
C ILE F 112 26.57 19.90 -44.03
N LEU F 113 25.76 20.06 -42.98
CA LEU F 113 24.66 21.02 -43.07
C LEU F 113 25.19 22.44 -43.28
N THR F 114 26.27 22.79 -42.61
CA THR F 114 26.85 24.12 -42.82
C THR F 114 27.34 24.28 -44.26
N CYS F 115 28.02 23.27 -44.79
CA CYS F 115 28.41 23.32 -46.20
C CYS F 115 27.20 23.40 -47.14
N CYS F 116 26.13 22.70 -46.80
CA CYS F 116 24.93 22.76 -47.64
C CYS F 116 24.36 24.17 -47.71
N TYR F 117 24.33 24.88 -46.58
CA TYR F 117 23.82 26.24 -46.58
C TYR F 117 24.74 27.17 -47.35
N ASP F 118 26.04 27.13 -47.03
CA ASP F 118 26.99 28.08 -47.63
C ASP F 118 27.09 27.92 -49.14
N PHE F 119 26.93 26.69 -49.65
CA PHE F 119 27.05 26.41 -51.08
C PHE F 119 25.71 26.45 -51.79
N GLY F 120 24.68 26.98 -51.14
CA GLY F 120 23.39 27.21 -51.78
C GLY F 120 22.70 25.95 -52.27
N VAL F 121 22.84 24.84 -51.56
CA VAL F 121 22.14 23.63 -51.94
C VAL F 121 20.64 23.87 -51.88
N LYS F 122 19.94 23.43 -52.92
CA LYS F 122 18.51 23.69 -52.98
C LYS F 122 17.78 22.91 -51.90
N LYS F 123 18.11 21.62 -51.76
CA LYS F 123 17.45 20.75 -50.80
C LYS F 123 18.43 19.72 -50.27
N THR F 124 18.40 19.53 -48.96
CA THR F 124 19.24 18.56 -48.25
C THR F 124 18.33 17.64 -47.47
N ILE F 125 18.52 16.34 -47.63
CA ILE F 125 17.78 15.35 -46.87
C ILE F 125 18.77 14.60 -46.01
N SER F 126 18.56 14.66 -44.71
CA SER F 126 19.41 13.95 -43.77
C SER F 126 18.68 12.70 -43.31
N CYS F 127 19.37 11.89 -42.55
CA CYS F 127 18.85 10.58 -42.19
C CYS F 127 18.91 10.45 -40.67
N LEU F 128 17.76 10.18 -40.05
CA LEU F 128 17.68 9.91 -38.63
C LEU F 128 17.46 8.40 -38.44
N SER F 129 16.84 8.01 -37.33
CA SER F 129 16.63 6.59 -37.10
C SER F 129 15.52 6.40 -36.05
N THR F 130 14.78 5.30 -36.16
CA THR F 130 13.72 5.08 -35.17
C THR F 130 14.27 4.74 -33.80
N CYS F 131 15.57 4.46 -33.66
CA CYS F 131 16.14 4.06 -32.39
C CYS F 131 16.65 5.25 -31.56
N VAL F 132 16.37 6.47 -31.99
CA VAL F 132 16.79 7.68 -31.28
C VAL F 132 15.62 8.35 -30.57
N PHE F 133 14.45 7.74 -30.59
CA PHE F 133 13.27 8.33 -29.98
C PHE F 133 13.31 8.17 -28.46
N PRO F 134 12.50 8.94 -27.73
CA PRO F 134 12.53 8.84 -26.27
C PRO F 134 12.24 7.42 -25.82
N ASP F 135 12.92 7.00 -24.75
CA ASP F 135 12.71 5.66 -24.21
C ASP F 135 11.30 5.50 -23.65
N LYS F 136 10.85 6.48 -22.86
CA LYS F 136 9.48 6.52 -22.35
C LYS F 136 8.64 7.21 -23.42
N ILE F 137 7.76 6.45 -24.06
CA ILE F 137 6.99 6.94 -25.20
C ILE F 137 5.79 6.03 -25.36
N GLU F 138 4.75 6.54 -26.01
CA GLU F 138 3.57 5.73 -26.29
C GLU F 138 3.67 5.25 -27.73
N TYR F 139 3.60 3.93 -27.92
CA TYR F 139 3.68 3.33 -29.24
C TYR F 139 2.29 3.27 -29.85
N PRO F 140 2.13 3.60 -31.14
CA PRO F 140 3.16 3.78 -32.17
C PRO F 140 3.86 5.13 -32.14
N ILE F 141 5.15 5.07 -32.38
CA ILE F 141 5.97 6.26 -32.50
C ILE F 141 5.55 7.03 -33.75
N THR F 142 5.31 8.33 -33.59
CA THR F 142 5.02 9.23 -34.68
C THR F 142 6.14 10.26 -34.69
N GLU F 143 6.37 10.90 -35.84
CA GLU F 143 7.52 11.79 -35.96
C GLU F 143 7.54 12.92 -34.91
N GLU F 144 6.37 13.42 -34.48
CA GLU F 144 6.38 14.58 -33.58
C GLU F 144 6.92 14.26 -32.18
N LYS F 145 7.06 12.99 -31.82
CA LYS F 145 7.59 12.62 -30.51
C LYS F 145 9.12 12.54 -30.48
N LEU F 146 9.81 12.96 -31.55
CA LEU F 146 11.27 12.82 -31.65
C LEU F 146 12.01 13.40 -30.45
N HIS F 147 11.60 14.57 -29.95
CA HIS F 147 12.35 15.23 -28.89
C HIS F 147 11.66 15.16 -27.52
N GLU F 148 10.65 14.31 -27.36
CA GLU F 148 9.82 14.30 -26.14
C GLU F 148 10.39 13.36 -25.07
N GLY F 149 11.61 13.65 -24.63
CA GLY F 149 12.25 12.89 -23.57
C GLY F 149 13.61 12.33 -23.97
N PRO F 150 14.39 11.84 -22.99
CA PRO F 150 15.74 11.39 -23.30
C PRO F 150 15.72 10.05 -24.02
N PRO F 151 16.69 9.79 -24.89
CA PRO F 151 16.73 8.47 -25.53
C PRO F 151 17.16 7.41 -24.55
N HIS F 152 17.18 6.15 -24.98
CA HIS F 152 17.66 5.08 -24.12
C HIS F 152 19.14 5.28 -23.81
N PHE F 153 19.55 4.76 -22.66
CA PHE F 153 20.90 4.98 -22.16
C PHE F 153 21.95 4.37 -23.09
N SER F 154 21.64 3.20 -23.66
CA SER F 154 22.67 2.36 -24.29
C SER F 154 23.29 3.00 -25.52
N ASN F 155 22.55 3.85 -26.26
CA ASN F 155 23.09 4.48 -27.44
C ASN F 155 22.88 5.98 -27.43
N ASN F 156 22.88 6.61 -26.24
CA ASN F 156 22.32 7.96 -26.17
C ASN F 156 23.22 9.02 -26.83
N ALA F 157 24.52 8.77 -26.98
CA ALA F 157 25.36 9.71 -27.73
C ALA F 157 25.02 9.69 -29.23
N TYR F 158 24.92 8.50 -29.83
CA TYR F 158 24.46 8.43 -31.21
C TYR F 158 23.10 9.07 -31.35
N ALA F 159 22.20 8.82 -30.39
CA ALA F 159 20.83 9.32 -30.48
C ALA F 159 20.78 10.85 -30.40
N TYR F 160 21.56 11.45 -29.50
CA TYR F 160 21.54 12.90 -29.38
C TYR F 160 22.13 13.57 -30.61
N ALA F 161 23.18 12.99 -31.19
CA ALA F 161 23.74 13.54 -32.43
C ALA F 161 22.70 13.53 -33.55
N LYS F 162 21.88 12.49 -33.62
CA LYS F 162 20.80 12.49 -34.61
C LYS F 162 19.75 13.55 -34.31
N ARG F 163 19.34 13.69 -33.03
CA ARG F 163 18.38 14.74 -32.69
C ARG F 163 18.90 16.12 -33.01
N MET F 164 20.17 16.39 -32.68
CA MET F 164 20.75 17.68 -32.99
C MET F 164 21.01 17.84 -34.48
N LEU F 165 21.08 16.74 -35.22
CA LEU F 165 21.09 16.86 -36.68
C LEU F 165 19.76 17.37 -37.18
N ASP F 166 18.66 16.80 -36.66
CA ASP F 166 17.34 17.31 -36.96
C ASP F 166 17.19 18.76 -36.53
N MET F 167 17.63 19.10 -35.31
CA MET F 167 17.47 20.48 -34.85
C MET F 167 18.27 21.45 -35.71
N LEU F 168 19.51 21.09 -36.07
CA LEU F 168 20.32 22.02 -36.86
C LEU F 168 19.67 22.29 -38.21
N GLY F 169 19.03 21.29 -38.80
CA GLY F 169 18.30 21.52 -40.04
C GLY F 169 17.14 22.50 -39.87
N ARG F 170 16.37 22.35 -38.80
CA ARG F 170 15.30 23.31 -38.56
C ARG F 170 15.87 24.71 -38.37
N TRP F 171 17.03 24.82 -37.71
CA TRP F 171 17.65 26.11 -37.48
C TRP F 171 18.19 26.73 -38.77
N TYR F 172 18.72 25.89 -39.66
CA TYR F 172 19.17 26.42 -40.94
C TYR F 172 18.02 26.82 -41.83
N ASN F 173 16.87 26.14 -41.71
CA ASN F 173 15.67 26.63 -42.40
C ASN F 173 15.31 28.03 -41.91
N GLU F 174 15.42 28.26 -40.59
CA GLU F 174 15.16 29.59 -40.05
C GLU F 174 16.10 30.62 -40.65
N LYS F 175 17.39 30.28 -40.75
CA LYS F 175 18.35 31.22 -41.30
C LYS F 175 18.10 31.46 -42.79
N ALA F 176 17.78 30.40 -43.54
CA ALA F 176 17.53 30.60 -44.95
C ALA F 176 16.34 31.53 -45.16
N VAL F 177 15.27 31.30 -44.41
CA VAL F 177 14.10 32.15 -44.53
C VAL F 177 14.44 33.61 -44.22
N ASN F 178 15.18 33.83 -43.13
CA ASN F 178 15.50 35.19 -42.74
C ASN F 178 16.37 35.89 -43.76
N GLU F 179 17.26 35.15 -44.41
CA GLU F 179 18.19 35.71 -45.37
C GLU F 179 17.71 35.61 -46.80
N GLY F 180 16.49 35.13 -47.02
CA GLY F 180 15.96 34.99 -48.37
C GLY F 180 16.61 33.93 -49.20
N LYS F 181 17.36 33.02 -48.60
CA LYS F 181 17.93 31.92 -49.36
C LYS F 181 16.86 30.87 -49.60
N SER F 182 16.99 30.16 -50.73
CA SER F 182 16.07 29.08 -51.07
C SER F 182 16.82 27.77 -50.78
N CYS F 183 16.87 27.44 -49.49
CA CYS F 183 17.51 26.23 -48.98
C CYS F 183 16.51 25.52 -48.09
N LEU F 184 16.23 24.26 -48.42
CA LEU F 184 15.33 23.44 -47.62
C LEU F 184 16.11 22.29 -46.99
N PHE F 185 15.91 22.09 -45.70
CA PHE F 185 16.51 21.00 -44.96
C PHE F 185 15.38 20.14 -44.43
N THR F 186 15.42 18.85 -44.73
CA THR F 186 14.45 17.93 -44.15
C THR F 186 15.15 16.61 -43.90
N SER F 187 14.40 15.60 -43.46
CA SER F 187 15.04 14.35 -43.10
C SER F 187 14.02 13.23 -43.16
N VAL F 188 14.55 12.01 -43.23
CA VAL F 188 13.76 10.78 -43.20
C VAL F 188 14.20 9.99 -41.98
N ILE F 189 13.29 9.17 -41.48
CA ILE F 189 13.56 8.36 -40.30
C ILE F 189 13.32 6.90 -40.66
N PRO F 190 14.34 6.18 -41.13
CA PRO F 190 14.16 4.78 -41.48
C PRO F 190 14.12 3.91 -40.24
N THR F 191 13.39 2.81 -40.35
CA THR F 191 13.45 1.76 -39.35
C THR F 191 14.67 0.88 -39.69
N ASN F 192 14.80 -0.30 -39.07
CA ASN F 192 15.89 -1.24 -39.34
C ASN F 192 15.98 -1.58 -40.83
N LEU F 193 17.13 -1.28 -41.42
CA LEU F 193 17.41 -1.57 -42.81
C LEU F 193 18.13 -2.90 -42.99
N PHE F 194 17.91 -3.54 -44.14
CA PHE F 194 18.73 -4.69 -44.52
C PHE F 194 18.83 -4.72 -46.03
N GLY F 195 19.82 -5.47 -46.52
CA GLY F 195 20.03 -5.64 -47.93
C GLY F 195 21.48 -5.84 -48.30
N PRO F 196 21.77 -5.80 -49.60
CA PRO F 196 23.14 -5.99 -50.07
C PRO F 196 24.04 -4.86 -49.60
N HIS F 197 25.34 -5.18 -49.50
CA HIS F 197 26.41 -4.27 -49.07
C HIS F 197 26.27 -3.83 -47.60
N ASP F 198 25.51 -4.58 -46.83
CA ASP F 198 25.37 -4.36 -45.40
C ASP F 198 26.66 -4.73 -44.71
N ASN F 199 26.68 -4.52 -43.41
CA ASN F 199 27.74 -4.99 -42.53
C ASN F 199 27.25 -6.28 -41.91
N PHE F 200 27.86 -7.40 -42.30
CA PHE F 200 27.41 -8.71 -41.86
C PHE F 200 28.21 -9.23 -40.67
N ASN F 201 28.93 -8.35 -39.98
CA ASN F 201 29.69 -8.78 -38.83
C ASN F 201 28.76 -9.31 -37.74
N VAL F 202 29.02 -10.55 -37.29
CA VAL F 202 28.14 -11.22 -36.35
C VAL F 202 28.08 -10.48 -35.01
N GLU F 203 29.20 -9.88 -34.61
CA GLU F 203 29.31 -9.15 -33.34
C GLU F 203 28.84 -7.71 -33.47
N ALA F 204 29.29 -7.00 -34.50
CA ALA F 204 29.07 -5.57 -34.60
C ALA F 204 27.88 -5.18 -35.44
N GLY F 205 27.42 -6.04 -36.36
CA GLY F 205 26.38 -5.63 -37.28
C GLY F 205 24.98 -5.69 -36.68
N HIS F 206 24.03 -5.12 -37.40
CA HIS F 206 22.64 -5.11 -36.94
C HIS F 206 22.09 -6.54 -36.87
N VAL F 207 20.96 -6.68 -36.17
CA VAL F 207 20.44 -8.00 -35.83
C VAL F 207 20.27 -8.87 -37.07
N LEU F 208 19.59 -8.34 -38.10
CA LEU F 208 19.25 -9.15 -39.26
C LEU F 208 20.47 -9.56 -40.09
N PRO F 209 21.34 -8.64 -40.54
CA PRO F 209 22.54 -9.10 -41.25
C PRO F 209 23.43 -9.98 -40.39
N GLY F 210 23.50 -9.73 -39.08
CA GLY F 210 24.26 -10.60 -38.22
C GLY F 210 23.68 -12.00 -38.18
N LEU F 211 22.35 -12.11 -38.17
CA LEU F 211 21.69 -13.41 -38.21
C LEU F 211 21.97 -14.13 -39.53
N MET F 212 22.07 -13.40 -40.65
CA MET F 212 22.38 -14.07 -41.90
C MET F 212 23.75 -14.71 -41.83
N HIS F 213 24.75 -13.95 -41.37
CA HIS F 213 26.12 -14.45 -41.29
C HIS F 213 26.24 -15.54 -40.25
N LYS F 214 25.53 -15.38 -39.13
CA LYS F 214 25.54 -16.42 -38.10
C LYS F 214 24.99 -17.71 -38.67
N CYS F 215 23.94 -17.64 -39.47
CA CYS F 215 23.38 -18.84 -40.09
C CYS F 215 24.36 -19.46 -41.08
N TYR F 216 24.97 -18.63 -41.94
CA TYR F 216 25.91 -19.19 -42.92
C TYR F 216 27.06 -19.88 -42.22
N LYS F 217 27.59 -19.27 -41.16
CA LYS F 217 28.66 -19.89 -40.40
C LYS F 217 28.20 -21.19 -39.79
N ALA F 218 26.96 -21.20 -39.28
CA ALA F 218 26.46 -22.43 -38.66
C ALA F 218 26.37 -23.54 -39.70
N GLN F 219 26.01 -23.19 -40.93
CA GLN F 219 25.93 -24.17 -42.00
C GLN F 219 27.34 -24.67 -42.43
N GLN F 220 28.31 -23.76 -42.55
CA GLN F 220 29.64 -24.18 -43.01
C GLN F 220 30.38 -24.98 -41.95
N ASN F 221 30.23 -24.62 -40.68
CA ASN F 221 30.88 -25.36 -39.60
C ASN F 221 30.07 -26.57 -39.13
N GLY F 222 28.85 -26.76 -39.63
CA GLY F 222 28.09 -27.86 -39.08
C GLY F 222 27.55 -27.62 -37.68
N THR F 223 27.63 -26.39 -37.16
CA THR F 223 27.21 -26.09 -35.79
C THR F 223 25.74 -25.66 -35.77
N ASP F 224 25.29 -25.20 -34.60
CA ASP F 224 23.92 -24.75 -34.41
C ASP F 224 23.77 -23.28 -34.79
N PHE F 225 22.61 -22.97 -35.39
CA PHE F 225 22.20 -21.59 -35.67
C PHE F 225 21.62 -21.05 -34.38
N VAL F 226 22.35 -20.16 -33.72
CA VAL F 226 22.03 -19.65 -32.38
C VAL F 226 21.52 -18.23 -32.51
N VAL F 227 20.31 -17.98 -32.02
CA VAL F 227 19.64 -16.68 -32.09
C VAL F 227 19.63 -16.04 -30.71
N PHE F 228 19.97 -14.76 -30.67
CA PHE F 228 19.98 -13.99 -29.43
C PHE F 228 18.56 -13.71 -28.94
N GLY F 229 18.26 -14.14 -27.72
CA GLY F 229 16.97 -13.90 -27.10
C GLY F 229 15.98 -15.04 -27.26
N SER F 230 14.74 -14.76 -26.81
CA SER F 230 13.66 -15.73 -26.90
C SER F 230 13.18 -15.96 -28.34
N GLY F 231 13.26 -14.94 -29.19
CA GLY F 231 12.71 -15.06 -30.53
C GLY F 231 11.36 -14.38 -30.69
N LYS F 232 10.83 -13.82 -29.61
CA LYS F 232 9.47 -13.29 -29.61
C LYS F 232 9.31 -11.79 -29.84
N PRO F 233 10.32 -10.94 -29.61
CA PRO F 233 10.11 -9.50 -29.86
C PRO F 233 9.76 -9.22 -31.31
N LEU F 234 8.84 -8.27 -31.49
CA LEU F 234 8.31 -7.85 -32.78
C LEU F 234 9.07 -6.63 -33.27
N ARG F 235 9.54 -6.69 -34.51
CA ARG F 235 10.35 -5.65 -35.12
C ARG F 235 9.93 -5.36 -36.56
N GLN F 236 10.17 -4.13 -36.97
CA GLN F 236 9.94 -3.66 -38.32
C GLN F 236 11.26 -3.70 -39.10
N PHE F 237 11.23 -4.27 -40.31
CA PHE F 237 12.40 -4.39 -41.17
C PHE F 237 12.12 -3.84 -42.55
N LEU F 238 12.97 -2.94 -43.03
CA LEU F 238 12.77 -2.32 -44.33
C LEU F 238 13.95 -2.69 -45.24
N TYR F 239 13.63 -3.31 -46.37
CA TYR F 239 14.62 -3.62 -47.38
C TYR F 239 15.31 -2.36 -47.88
N SER F 240 16.64 -2.39 -48.03
CA SER F 240 17.34 -1.18 -48.45
C SER F 240 16.84 -0.66 -49.81
N HIS F 241 16.44 -1.55 -50.73
CA HIS F 241 15.95 -1.07 -52.02
C HIS F 241 14.61 -0.34 -51.90
N ASP F 242 13.71 -0.84 -51.04
CA ASP F 242 12.47 -0.12 -50.77
C ASP F 242 12.77 1.23 -50.12
N ALA F 243 13.70 1.24 -49.16
CA ALA F 243 14.07 2.49 -48.50
C ALA F 243 14.61 3.51 -49.50
N ALA F 244 15.40 3.05 -50.48
CA ALA F 244 15.97 3.98 -51.46
C ALA F 244 14.88 4.59 -52.31
N ARG F 245 13.89 3.80 -52.71
CA ARG F 245 12.79 4.33 -53.50
C ARG F 245 11.99 5.33 -52.70
N MET F 246 11.74 5.04 -51.42
CA MET F 246 11.01 5.98 -50.56
C MET F 246 11.80 7.26 -50.36
N LEU F 247 13.12 7.14 -50.21
CA LEU F 247 13.95 8.33 -50.06
C LEU F 247 13.95 9.18 -51.32
N LEU F 248 14.06 8.55 -52.49
CA LEU F 248 14.05 9.29 -53.74
C LEU F 248 12.70 9.96 -53.95
N TRP F 249 11.61 9.27 -53.61
CA TRP F 249 10.31 9.91 -53.64
C TRP F 249 10.31 11.13 -52.73
N THR F 250 10.91 11.01 -51.53
CA THR F 250 11.01 12.15 -50.62
C THR F 250 11.75 13.31 -51.27
N MET F 251 12.87 13.01 -51.97
CA MET F 251 13.59 14.08 -52.63
C MET F 251 12.74 14.79 -53.68
N PHE F 252 11.96 14.03 -54.44
CA PHE F 252 11.24 14.65 -55.56
C PHE F 252 10.02 15.43 -55.11
N ASN F 253 9.39 15.03 -54.01
CA ASN F 253 8.06 15.49 -53.72
C ASN F 253 7.87 16.15 -52.35
N TYR F 254 8.66 15.79 -51.35
CA TYR F 254 8.36 16.14 -49.97
C TYR F 254 9.01 17.49 -49.63
N GLN F 255 8.19 18.49 -49.29
CA GLN F 255 8.66 19.86 -49.06
C GLN F 255 8.70 20.24 -47.59
N SER F 256 8.10 19.44 -46.70
CA SER F 256 8.04 19.77 -45.29
C SER F 256 9.38 19.55 -44.61
N GLU F 257 9.69 20.41 -43.64
CA GLU F 257 10.86 20.29 -42.80
C GLU F 257 10.67 19.28 -41.68
N GLU F 258 9.46 18.81 -41.46
CA GLU F 258 9.23 17.75 -40.49
C GLU F 258 9.75 16.42 -41.05
N PRO F 259 10.40 15.61 -40.21
CA PRO F 259 10.85 14.30 -40.66
C PRO F 259 9.68 13.41 -41.05
N ILE F 260 9.93 12.47 -41.96
CA ILE F 260 8.96 11.47 -42.37
C ILE F 260 9.53 10.09 -42.08
N MET F 261 8.73 9.22 -41.47
CA MET F 261 9.19 7.88 -41.17
C MET F 261 9.27 7.05 -42.45
N LEU F 262 10.32 6.23 -42.56
CA LEU F 262 10.41 5.19 -43.60
C LEU F 262 10.37 3.87 -42.86
N CYS F 263 9.23 3.20 -42.92
CA CYS F 263 9.07 1.93 -42.23
C CYS F 263 7.92 1.17 -42.88
N VAL F 264 7.64 -0.01 -42.34
CA VAL F 264 6.56 -0.84 -42.79
C VAL F 264 5.36 -0.70 -41.86
N SER F 265 4.22 -1.21 -42.27
CA SER F 265 3.03 -1.13 -41.43
C SER F 265 3.21 -1.98 -40.18
N GLU F 266 2.32 -1.77 -39.21
CA GLU F 266 2.38 -2.58 -38.00
C GLU F 266 2.10 -4.04 -38.28
N GLU F 267 1.19 -4.32 -39.22
CA GLU F 267 0.90 -5.71 -39.58
C GLU F 267 2.13 -6.41 -40.13
N ASP F 268 3.06 -5.67 -40.72
CA ASP F 268 4.24 -6.26 -41.34
C ASP F 268 5.40 -6.47 -40.36
N GLU F 269 5.27 -6.12 -39.08
CA GLU F 269 6.35 -6.38 -38.15
C GLU F 269 6.51 -7.89 -37.93
N LYS F 270 7.73 -8.36 -37.97
CA LYS F 270 8.09 -9.75 -37.75
C LYS F 270 8.64 -10.01 -36.34
N SER F 271 8.43 -11.21 -35.83
CA SER F 271 9.17 -11.59 -34.63
C SER F 271 10.60 -11.96 -35.00
N ILE F 272 11.50 -11.91 -34.00
CA ILE F 272 12.89 -12.26 -34.25
C ILE F 272 13.01 -13.71 -34.68
N GLY F 273 12.24 -14.59 -34.06
CA GLY F 273 12.25 -15.99 -34.47
C GLY F 273 11.77 -16.18 -35.89
N GLN F 274 10.74 -15.44 -36.28
CA GLN F 274 10.24 -15.52 -37.66
C GLN F 274 11.30 -15.08 -38.66
N VAL F 275 12.04 -14.00 -38.33
CA VAL F 275 13.13 -13.52 -39.18
C VAL F 275 14.22 -14.56 -39.28
N ALA F 276 14.60 -15.13 -38.14
CA ALA F 276 15.61 -16.17 -38.11
C ALA F 276 15.16 -17.38 -38.92
N GLN F 277 13.88 -17.75 -38.77
CA GLN F 277 13.34 -18.89 -39.51
C GLN F 277 13.38 -18.64 -41.01
N THR F 278 13.03 -17.42 -41.45
CA THR F 278 13.06 -17.09 -42.87
C THR F 278 14.48 -17.15 -43.41
N ILE F 279 15.44 -16.69 -42.61
CA ILE F 279 16.84 -16.75 -42.99
C ILE F 279 17.28 -18.21 -43.11
N LYS F 280 16.89 -19.03 -42.13
CA LYS F 280 17.24 -20.44 -42.14
C LYS F 280 16.77 -21.11 -43.42
N ASP F 281 15.52 -20.85 -43.81
CA ASP F 281 14.97 -21.51 -44.99
C ASP F 281 15.50 -20.94 -46.30
N ALA F 282 16.17 -19.81 -46.26
CA ALA F 282 16.65 -19.21 -47.51
C ALA F 282 18.07 -19.64 -47.81
N PHE F 283 18.82 -20.00 -46.78
CA PHE F 283 20.09 -20.69 -46.87
C PHE F 283 19.93 -22.19 -47.07
N ASN F 284 18.71 -22.71 -46.91
CA ASN F 284 18.47 -24.15 -46.85
C ASN F 284 19.32 -24.80 -45.76
N PHE F 285 19.43 -24.12 -44.62
CA PHE F 285 20.10 -24.65 -43.44
C PHE F 285 19.20 -25.67 -42.75
N THR F 286 19.70 -26.90 -42.57
CA THR F 286 18.91 -28.00 -42.04
C THR F 286 19.27 -28.36 -40.60
N GLY F 287 20.24 -27.67 -40.01
CA GLY F 287 20.64 -27.94 -38.65
C GLY F 287 19.68 -27.31 -37.66
N ASN F 288 20.07 -27.37 -36.40
CA ASN F 288 19.18 -26.95 -35.33
C ASN F 288 19.25 -25.44 -35.15
N MET F 289 18.09 -24.82 -34.97
CA MET F 289 17.99 -23.42 -34.63
C MET F 289 17.56 -23.31 -33.19
N VAL F 290 18.34 -22.59 -32.38
CA VAL F 290 18.18 -22.56 -30.95
C VAL F 290 18.23 -21.12 -30.47
N PHE F 291 17.50 -20.84 -29.39
CA PHE F 291 17.36 -19.48 -28.88
C PHE F 291 18.10 -19.35 -27.54
N ASP F 292 18.84 -18.24 -27.39
CA ASP F 292 19.67 -18.00 -26.21
C ASP F 292 18.95 -16.99 -25.31
N THR F 293 18.16 -17.49 -24.37
CA THR F 293 17.31 -16.58 -23.60
C THR F 293 18.08 -15.79 -22.56
N SER F 294 19.38 -16.06 -22.41
CA SER F 294 20.23 -15.25 -21.55
C SER F 294 20.59 -13.90 -22.17
N LYS F 295 20.42 -13.73 -23.48
CA LYS F 295 20.54 -12.39 -24.04
C LYS F 295 19.24 -11.63 -23.79
N ALA F 296 19.34 -10.30 -23.79
CA ALA F 296 18.20 -9.46 -23.40
C ALA F 296 17.31 -9.20 -24.61
N ASP F 297 16.07 -9.70 -24.57
CA ASP F 297 15.07 -9.09 -25.42
C ASP F 297 14.96 -7.63 -25.02
N GLY F 298 14.70 -6.77 -25.97
CA GLY F 298 14.36 -5.40 -25.63
C GLY F 298 12.92 -5.31 -25.17
N GLN F 299 12.30 -4.18 -25.47
CA GLN F 299 10.85 -4.10 -25.38
C GLN F 299 10.23 -5.06 -26.39
N TYR F 300 9.07 -5.62 -26.01
CA TYR F 300 8.42 -6.62 -26.86
C TYR F 300 8.01 -6.03 -28.21
N LYS F 301 7.59 -4.76 -28.23
CA LYS F 301 7.25 -4.04 -29.45
C LYS F 301 7.90 -2.66 -29.43
N LYS F 302 8.23 -2.16 -30.62
CA LYS F 302 8.80 -0.84 -30.81
C LYS F 302 8.19 -0.20 -32.06
N THR F 303 6.86 -0.21 -32.14
CA THR F 303 6.18 0.09 -33.40
C THR F 303 6.33 1.55 -33.80
N SER F 304 6.80 1.76 -35.03
CA SER F 304 6.83 3.09 -35.62
C SER F 304 5.72 3.20 -36.64
N SER F 305 5.15 4.39 -36.75
CA SER F 305 4.01 4.61 -37.62
C SER F 305 4.47 5.04 -39.02
N ASN F 306 3.97 4.36 -40.03
CA ASN F 306 4.21 4.77 -41.40
C ASN F 306 3.02 5.51 -42.00
N ALA F 307 2.17 6.09 -41.14
CA ALA F 307 0.96 6.77 -41.59
C ALA F 307 1.28 7.91 -42.53
N LYS F 308 2.35 8.67 -42.24
CA LYS F 308 2.63 9.85 -43.05
C LYS F 308 2.99 9.46 -44.48
N PHE F 309 3.93 8.51 -44.64
CA PHE F 309 4.26 8.08 -45.99
C PHE F 309 3.06 7.41 -46.64
N LEU F 310 2.30 6.64 -45.85
CA LEU F 310 1.11 5.99 -46.37
C LEU F 310 0.07 7.01 -46.87
N ARG F 311 -0.07 8.15 -46.17
CA ARG F 311 -1.02 9.17 -46.60
C ARG F 311 -0.53 9.89 -47.85
N LEU F 312 0.77 10.16 -47.95
CA LEU F 312 1.27 10.97 -49.04
C LEU F 312 1.51 10.16 -50.31
N ASN F 313 1.78 8.86 -50.17
CA ASN F 313 2.16 8.01 -51.29
C ASN F 313 1.48 6.66 -51.09
N PRO F 314 0.15 6.61 -51.22
CA PRO F 314 -0.57 5.37 -50.88
C PRO F 314 -0.30 4.19 -51.80
N THR F 315 0.13 4.41 -53.04
CA THR F 315 0.29 3.32 -53.99
C THR F 315 1.66 2.66 -53.90
N PHE F 316 2.44 2.99 -52.88
CA PHE F 316 3.79 2.44 -52.80
C PHE F 316 3.71 0.94 -52.56
N GLN F 317 4.49 0.18 -53.30
CA GLN F 317 4.49 -1.27 -53.20
C GLN F 317 5.80 -1.69 -52.57
N TYR F 318 5.72 -2.41 -51.46
CA TYR F 318 6.88 -2.96 -50.79
C TYR F 318 7.36 -4.24 -51.45
N THR F 319 8.61 -4.56 -51.20
CA THR F 319 9.11 -5.87 -51.54
C THR F 319 8.68 -6.84 -50.44
N PRO F 320 8.00 -7.93 -50.77
CA PRO F 320 7.65 -8.91 -49.72
C PRO F 320 8.90 -9.37 -48.97
N PHE F 321 8.74 -9.56 -47.66
CA PHE F 321 9.89 -9.80 -46.77
C PHE F 321 10.68 -11.03 -47.19
N GLU F 322 9.98 -12.13 -47.47
CA GLU F 322 10.64 -13.36 -47.89
C GLU F 322 11.45 -13.15 -49.17
N GLN F 323 10.91 -12.39 -50.12
CA GLN F 323 11.62 -12.10 -51.36
C GLN F 323 12.86 -11.24 -51.11
N ALA F 324 12.75 -10.25 -50.24
CA ALA F 324 13.90 -9.39 -49.95
C ALA F 324 14.96 -10.17 -49.19
N ILE F 325 14.55 -11.10 -48.32
CA ILE F 325 15.52 -11.96 -47.65
C ILE F 325 16.24 -12.85 -48.66
N LYS F 326 15.49 -13.44 -49.63
CA LYS F 326 16.13 -14.30 -50.62
C LYS F 326 17.14 -13.52 -51.46
N GLU F 327 16.79 -12.29 -51.89
CA GLU F 327 17.72 -11.50 -52.69
C GLU F 327 18.96 -11.13 -51.90
N THR F 328 18.78 -10.81 -50.62
CA THR F 328 19.91 -10.43 -49.77
C THR F 328 20.84 -11.63 -49.52
N VAL F 329 20.26 -12.81 -49.24
CA VAL F 329 21.05 -14.03 -49.06
C VAL F 329 21.81 -14.38 -50.34
N GLN F 330 21.14 -14.28 -51.48
CA GLN F 330 21.82 -14.59 -52.73
C GLN F 330 22.99 -13.64 -53.01
N TRP F 331 22.80 -12.33 -52.79
CA TRP F 331 23.91 -11.40 -52.95
C TRP F 331 25.05 -11.77 -52.00
N PHE F 332 24.71 -12.12 -50.77
CA PHE F 332 25.69 -12.45 -49.74
C PHE F 332 26.48 -13.71 -50.10
N LEU F 333 25.82 -14.72 -50.65
CA LEU F 333 26.52 -15.92 -51.08
C LEU F 333 27.44 -15.62 -52.26
N GLU F 334 26.95 -14.82 -53.21
CA GLU F 334 27.73 -14.49 -54.39
C GLU F 334 28.89 -13.57 -54.08
N ASN F 335 28.84 -12.85 -52.96
CA ASN F 335 29.84 -11.83 -52.72
C ASN F 335 30.55 -12.02 -51.39
N TYR F 336 30.47 -13.22 -50.81
CA TYR F 336 30.99 -13.46 -49.47
C TYR F 336 32.44 -13.02 -49.31
N GLU F 337 33.29 -13.31 -50.31
CA GLU F 337 34.71 -12.98 -50.20
C GLU F 337 34.92 -11.48 -50.01
N THR F 338 34.09 -10.65 -50.65
CA THR F 338 34.26 -9.20 -50.58
C THR F 338 33.32 -8.51 -49.60
N ALA F 339 32.47 -9.25 -48.92
CA ALA F 339 31.46 -8.66 -48.05
C ALA F 339 32.03 -8.19 -46.72
N ARG F 340 31.42 -7.15 -46.17
CA ARG F 340 31.75 -6.66 -44.84
C ARG F 340 31.34 -7.73 -43.82
N LYS F 341 32.31 -8.30 -43.14
CA LYS F 341 32.07 -9.45 -42.27
C LYS F 341 32.60 -9.25 -40.87
PA NAP G . 4.45 1.12 18.52
O1A NAP G . 5.89 1.51 18.64
O2A NAP G . 3.34 2.12 18.78
O5B NAP G . 4.10 -0.21 19.42
C5B NAP G . 4.87 -1.25 18.91
C4B NAP G . 4.47 -2.52 19.72
O4B NAP G . 5.48 -3.56 19.60
C3B NAP G . 4.27 -2.19 21.26
O3B NAP G . 3.20 -2.95 21.77
C2B NAP G . 5.54 -2.80 21.87
O2B NAP G . 5.37 -3.30 23.09
C1B NAP G . 5.67 -4.05 20.91
N9A NAP G . 6.99 -4.67 21.01
C8A NAP G . 8.19 -4.15 20.56
N7A NAP G . 9.24 -4.98 20.80
C5A NAP G . 8.68 -6.07 21.43
C6A NAP G . 9.25 -7.24 21.92
N6A NAP G . 10.62 -7.47 21.79
N1A NAP G . 8.49 -8.20 22.50
C2A NAP G . 7.16 -7.90 22.57
N3A NAP G . 6.46 -6.82 22.16
C4A NAP G . 7.27 -5.90 21.57
O3 NAP G . 4.45 0.64 16.92
PN NAP G . 3.07 0.92 16.17
O1N NAP G . 1.89 0.33 16.83
O2N NAP G . 3.04 2.25 15.46
O5D NAP G . 3.19 -0.11 14.75
C5D NAP G . 2.96 -1.44 15.03
C4D NAP G . 3.02 -2.10 13.67
O4D NAP G . 2.52 -1.16 12.70
C3D NAP G . 4.57 -2.34 13.30
O3D NAP G . 4.71 -3.58 12.71
C2D NAP G . 4.86 -1.18 12.33
O2D NAP G . 5.76 -1.51 11.32
C1D NAP G . 3.47 -1.00 11.67
N1N NAP G . 3.38 0.36 11.02
C2N NAP G . 3.25 1.53 11.78
C3N NAP G . 3.21 2.76 11.14
C7N NAP G . 3.08 4.00 11.97
O7N NAP G . 3.13 5.14 11.46
N7N NAP G . 2.91 3.89 13.34
C4N NAP G . 3.30 2.89 9.67
C5N NAP G . 3.46 1.59 8.96
C6N NAP G . 3.49 0.43 9.61
P2B NAP G . 5.64 -2.14 24.52
O1X NAP G . 4.48 -1.23 24.32
O2X NAP G . 5.55 -3.15 25.67
O3X NAP G . 7.00 -1.63 24.18
PA NAP H . 28.84 -29.26 0.66
O1A NAP H . 27.39 -29.58 0.63
O2A NAP H . 29.81 -30.01 -0.21
O5B NAP H . 29.38 -29.36 2.26
C5B NAP H . 28.64 -28.37 2.96
C4B NAP H . 29.13 -28.26 4.42
O4B NAP H . 28.13 -27.61 5.23
C3B NAP H . 29.49 -29.67 5.05
O3B NAP H . 30.77 -29.67 5.65
C2B NAP H . 28.43 -29.83 6.18
O2B NAP H . 28.89 -30.47 7.26
C1B NAP H . 28.14 -28.29 6.50
N9A NAP H . 26.82 -28.05 7.10
C8A NAP H . 25.57 -28.06 6.44
N7A NAP H . 24.54 -27.76 7.26
C5A NAP H . 25.13 -27.54 8.52
C6A NAP H . 24.58 -27.20 9.78
N6A NAP H . 23.17 -27.03 9.91
N1A NAP H . 25.38 -27.03 10.89
C2A NAP H . 26.74 -27.22 10.66
N3A NAP H . 27.40 -27.54 9.53
C4A NAP H . 26.56 -27.70 8.45
O3 NAP H . 28.82 -27.64 0.21
PN NAP H . 29.92 -27.28 -0.92
O1N NAP H . 31.28 -27.68 -0.48
O2N NAP H . 29.41 -27.46 -2.33
O5D NAP H . 30.11 -25.52 -0.89
C5D NAP H . 29.63 -25.07 0.30
C4D NAP H . 29.28 -23.59 0.17
O4D NAP H . 29.47 -23.17 -1.19
C3D NAP H . 27.74 -23.42 0.54
O3D NAP H . 27.51 -22.18 1.21
C2D NAP H . 27.11 -23.47 -0.85
O2D NAP H . 25.94 -22.74 -0.91
C1D NAP H . 28.21 -22.71 -1.67
N1N NAP H . 28.06 -22.92 -3.15
C2N NAP H . 28.54 -24.04 -3.81
C3N NAP H . 28.30 -24.16 -5.17
C7N NAP H . 28.78 -25.33 -5.87
O7N NAP H . 28.76 -25.42 -7.10
N7N NAP H . 29.24 -26.40 -5.12
C4N NAP H . 27.55 -23.18 -5.96
C5N NAP H . 27.14 -22.02 -5.17
C6N NAP H . 27.39 -21.92 -3.87
P2B NAP H . 28.53 -32.28 7.16
O1X NAP H . 29.65 -32.68 6.25
O2X NAP H . 28.62 -32.76 8.62
O3X NAP H . 27.16 -32.16 6.57
C1 EDO I . 20.75 -30.66 -20.44
O1 EDO I . 19.82 -29.56 -20.44
C2 EDO I . 21.04 -31.07 -21.88
O2 EDO I . 21.79 -32.30 -21.90
PA NAP J . -44.00 -27.32 21.44
O1A NAP J . -43.64 -26.82 20.09
O2A NAP J . -43.74 -28.75 21.80
O5B NAP J . -45.58 -27.00 21.80
C5B NAP J . -45.78 -25.61 21.62
C4B NAP J . -47.15 -25.32 22.21
O4B NAP J . -47.55 -23.92 21.99
C3B NAP J . -48.22 -26.28 21.56
O3B NAP J . -49.13 -26.74 22.56
C2B NAP J . -48.96 -25.31 20.57
O2B NAP J . -50.23 -25.62 20.31
C1B NAP J . -48.89 -23.96 21.44
N9A NAP J . -49.08 -22.77 20.58
C8A NAP J . -48.17 -22.20 19.66
N7A NAP J . -48.66 -21.12 19.02
C5A NAP J . -49.97 -20.98 19.54
C6A NAP J . -50.97 -20.05 19.29
N6A NAP J . -50.78 -19.04 18.36
N1A NAP J . -52.17 -20.12 19.91
C2A NAP J . -52.30 -21.13 20.81
N3A NAP J . -51.44 -22.09 21.15
C4A NAP J . -50.26 -22.00 20.51
O3 NAP J . -43.10 -26.27 22.35
PN NAP J . -42.42 -26.92 23.65
O1N NAP J . -43.36 -27.58 24.56
O2N NAP J . -41.02 -27.41 23.37
O5D NAP J . -42.02 -25.52 24.53
C5D NAP J . -43.09 -25.04 25.21
C4D NAP J . -42.55 -23.92 26.13
O4D NAP J . -41.29 -24.34 26.67
C3D NAP J . -42.23 -22.66 25.23
O3D NAP J . -42.55 -21.50 25.96
C2D NAP J . -40.73 -22.81 25.00
O2D NAP J . -40.07 -21.63 24.81
C1D NAP J . -40.31 -23.37 26.37
N1N NAP J . -39.01 -24.04 26.31
C2N NAP J . -38.83 -25.21 25.57
C3N NAP J . -37.58 -25.78 25.47
C7N NAP J . -37.39 -27.06 24.67
O7N NAP J . -36.29 -27.58 24.47
N7N NAP J . -38.48 -27.71 24.14
C4N NAP J . -36.41 -25.19 26.15
C5N NAP J . -36.72 -23.98 26.96
C6N NAP J . -37.94 -23.47 27.00
P2B NAP J . -50.50 -26.74 18.86
O1X NAP J . -50.01 -28.01 19.48
O2X NAP J . -52.00 -26.62 18.64
O3X NAP J . -49.60 -26.07 17.86
PA NAP K . 29.90 36.97 -19.99
O1A NAP K . 29.35 37.32 -21.33
O2A NAP K . 29.73 37.89 -18.83
O5B NAP K . 31.50 36.58 -20.16
C5B NAP K . 31.54 35.57 -21.11
C4B NAP K . 32.95 35.04 -21.15
O4B NAP K . 33.07 34.13 -22.22
C3B NAP K . 33.92 36.22 -21.37
O3B NAP K . 35.08 36.00 -20.64
C2B NAP K . 34.31 36.08 -22.85
O2B NAP K . 35.57 36.46 -23.09
C1B NAP K . 34.22 34.50 -22.96
N9A NAP K . 34.06 33.99 -24.35
C8A NAP K . 32.93 34.05 -25.17
N7A NAP K . 33.13 33.49 -26.38
C5A NAP K . 34.44 33.04 -26.34
C6A NAP K . 35.24 32.37 -27.30
N6A NAP K . 34.71 32.05 -28.53
N1A NAP K . 36.53 32.02 -27.05
C2A NAP K . 36.97 32.39 -25.79
N3A NAP K . 36.33 33.01 -24.78
C4A NAP K . 35.05 33.34 -25.09
O3 NAP K . 29.03 35.61 -19.66
PN NAP K . 28.71 35.47 -18.10
O1N NAP K . 29.98 35.45 -17.34
O2N NAP K . 27.44 36.16 -17.65
O5D NAP K . 28.17 33.81 -17.90
C5D NAP K . 29.24 32.98 -18.17
C4D NAP K . 28.77 31.56 -17.92
O4D NAP K . 27.75 31.55 -16.89
C3D NAP K . 28.11 31.04 -19.24
O3D NAP K . 28.53 29.74 -19.45
C2D NAP K . 26.63 31.10 -18.93
O2D NAP K . 26.00 30.03 -19.45
C1D NAP K . 26.62 30.92 -17.36
N1N NAP K . 25.42 31.57 -16.78
C2N NAP K . 25.35 32.94 -16.71
C3N NAP K . 24.22 33.55 -16.22
C7N NAP K . 24.19 35.03 -16.19
O7N NAP K . 23.24 35.69 -15.74
N7N NAP K . 25.28 35.73 -16.74
C4N NAP K . 23.03 32.78 -15.74
C5N NAP K . 23.23 31.32 -15.84
C6N NAP K . 24.36 30.79 -16.33
P2B NAP K . 35.73 37.95 -24.14
O1X NAP K . 34.87 38.85 -23.29
O2X NAP K . 37.24 38.17 -24.12
O3X NAP K . 35.14 37.43 -25.41
PA NAP L . 26.79 2.13 -43.61
O1A NAP L . 27.63 1.81 -42.44
O2A NAP L . 26.26 1.02 -44.50
O5B NAP L . 27.50 3.22 -44.56
C5B NAP L . 27.78 4.33 -43.81
C4B NAP L . 28.31 5.32 -44.88
O4B NAP L . 28.82 6.53 -44.31
C3B NAP L . 29.42 4.62 -45.71
O3B NAP L . 29.29 5.05 -47.03
C2B NAP L . 30.70 5.26 -45.14
O2B NAP L . 31.65 5.46 -46.07
C1B NAP L . 30.14 6.67 -44.75
N9A NAP L . 30.94 7.31 -43.69
C8A NAP L . 31.06 6.94 -42.34
N7A NAP L . 31.88 7.75 -41.67
C5A NAP L . 32.31 8.69 -42.63
C6A NAP L . 33.19 9.81 -42.58
N6A NAP L . 33.82 10.19 -41.40
N1A NAP L . 33.45 10.57 -43.66
C2A NAP L . 32.81 10.18 -44.80
N3A NAP L . 31.98 9.16 -45.01
C4A NAP L . 31.72 8.43 -43.88
O3 NAP L . 25.58 2.91 -42.84
PN NAP L . 24.11 2.63 -43.43
O1N NAP L . 23.93 2.92 -44.86
O2N NAP L . 23.38 1.50 -42.74
O5D NAP L . 23.33 3.97 -42.74
C5D NAP L . 23.48 5.10 -43.49
C4D NAP L . 22.49 6.12 -42.92
O4D NAP L . 21.24 5.44 -42.61
C3D NAP L . 23.05 6.67 -41.53
O3D NAP L . 22.74 7.99 -41.42
C2D NAP L . 22.31 5.81 -40.48
O2D NAP L . 22.11 6.45 -39.29
C1D NAP L . 20.96 5.67 -41.20
N1N NAP L . 20.19 4.55 -40.66
C2N NAP L . 20.56 3.18 -40.87
C3N NAP L . 19.70 2.16 -40.46
C7N NAP L . 20.09 0.73 -40.67
O7N NAP L . 19.45 -0.23 -40.19
N7N NAP L . 21.22 0.44 -41.41
C4N NAP L . 18.39 2.45 -39.80
C5N NAP L . 18.14 3.91 -39.54
C6N NAP L . 18.99 4.86 -39.94
P2B NAP L . 33.07 4.36 -46.04
O1X NAP L . 32.32 3.14 -46.44
O2X NAP L . 34.00 5.00 -47.08
O3X NAP L . 33.47 4.49 -44.59
#